data_1USY
#
_entry.id   1USY
#
_cell.length_a   101.580
_cell.length_b   134.403
_cell.length_c   154.206
_cell.angle_alpha   90.00
_cell.angle_beta   90.00
_cell.angle_gamma   90.00
#
_symmetry.space_group_name_H-M   'P 21 21 21'
#
loop_
_entity.id
_entity.type
_entity.pdbx_description
1 polymer 'ATP PHOSPHORIBOSYLTRANSFERASE REGULATORY SUBUNIT'
2 polymer 'ATP PHOSPHORIBOSYLTRANSFERASE REGULATORY SUBUNIT'
3 polymer 'ATP PHOSPHORIBOSYLTRANSFERASE'
4 polymer 'ATP PHOSPHORIBOSYLTRANSFERASE'
5 non-polymer HISTIDINE
6 non-polymer 'PHOSPHATE ION'
7 water water
#
loop_
_entity_poly.entity_id
_entity_poly.type
_entity_poly.pdbx_seq_one_letter_code
_entity_poly.pdbx_strand_id
1 'polypeptide(L)'
;MDFLDFEKVFSFYSKATKKGFSPFFVPALEKAEEPAGNFFLDRKGNLFSIREDFTKTVLNHRKRYSPDSQIKVWYADFVY
RYSGSDLVAEYQLGLEKVPRNSLDDSLEVLEIIVESASEFFEGPVIVEIGHTGVYEDLLKEIPKDLHEKVLNLIDTKNLA
EIEFLSHMKKIDLSRVEKIIEDSIYRRSPEHLKTMDLPLSVREDLLSASSFLQEKFPTVSVEIDLTLARTIEEYCGLIFT
IYDTSSSRLVAAGGEYTVNGEKGVGGSIFLEGKTC
;
A,B,D
2 'polypeptide(L)'
;MDFLDFEKVFSFYSKATKKGFSPFFVPALEKAEEPAGNFFLDRKGNLFSIREDFTKTVLNHRKRYSPESQIKVWYADFVY
RYSGSDLVAEYQLGLEKVPRNSLDDSLEVLEIIVESASEFFEGPVIVEIGHTGLYEDLLKEIPKDLHEKVLNLIDTKNLA
EIEFLSHMKKIDLSRVEKIIEDSIYRRSPEHLKTMDLPLSVREDLLSASSFLQEKFPTVSVEIDLTLARTIEEYCGLIFT
IYDTSSSRLVAAGGEYTVNGEKGVGGSIFLEGKTC
;
C
3 'polypeptide(L)'
;MLKLAIPKGRLEEKVMTYLKKTGVIFERESSILREGKDIVCFMVRPFDVPTYLVHGVADIGFCGTDVLLEKETSLIQPFF
IPTNISRMVLAGPKGRGIPEGEKRIATKFPNVTQRYCESKGWHCRIIPLKGSVELAPIAGLSDLIVDITETGRTLKENNL
EILDEIFVIRTHVVVNPVSYRTKREEVVSFLEKLQEVIEHDSNEQSRG
;
E,F,G
4 'polypeptide(L)'
;MLKLAIPKGRLEEKVMTYLKKTGVIFERESSILREGKDIVCFMVRPFDVPTYLVHGVADIGFCGTDVLLEKETSLIQPFF
IPTNISRMVLAGPKGRGIPEGEKRIATKFPNVTQRYCESKGWHCRIIPLKGSVELAPIAGLSDLIVDITETGRTLKENNL
EILDEIFVIRTHVVVNPVSYRTKREKVVSFLEKLQEVIEHDSNEQSRG
;
H
#
loop_
_chem_comp.id
_chem_comp.type
_chem_comp.name
_chem_comp.formula
PO4 non-polymer 'PHOSPHATE ION' 'O4 P -3'
#
# COMPACT_ATOMS: atom_id res chain seq x y z
N MET A 1 16.75 -22.44 15.49
CA MET A 1 15.31 -22.08 15.65
C MET A 1 15.12 -21.09 16.79
N ASP A 2 14.00 -20.37 16.75
CA ASP A 2 13.90 -19.08 17.39
C ASP A 2 13.52 -19.20 18.87
N PHE A 3 14.43 -19.81 19.62
CA PHE A 3 14.37 -19.91 21.07
C PHE A 3 14.10 -18.54 21.74
N LEU A 4 13.52 -18.59 22.92
CA LEU A 4 13.33 -17.40 23.75
C LEU A 4 13.39 -17.90 25.18
N ASP A 5 14.22 -17.27 26.02
CA ASP A 5 14.27 -17.61 27.44
C ASP A 5 12.91 -17.36 28.10
N PHE A 6 11.99 -18.26 27.86
CA PHE A 6 10.70 -18.18 28.49
C PHE A 6 10.78 -18.27 30.04
N GLU A 7 11.76 -18.98 30.61
CA GLU A 7 11.88 -18.99 32.07
C GLU A 7 11.89 -17.53 32.61
N LYS A 8 12.33 -16.59 31.76
CA LYS A 8 12.38 -15.19 32.17
C LYS A 8 11.03 -14.49 32.08
N VAL A 9 10.24 -14.83 31.07
CA VAL A 9 8.91 -14.28 30.97
C VAL A 9 8.09 -14.75 32.14
N PHE A 10 8.21 -16.03 32.52
CA PHE A 10 7.43 -16.57 33.62
C PHE A 10 7.84 -15.89 34.92
N SER A 11 9.12 -15.64 35.07
CA SER A 11 9.65 -14.95 36.25
C SER A 11 9.04 -13.54 36.37
N PHE A 12 9.06 -12.84 35.26
CA PHE A 12 8.52 -11.53 35.18
C PHE A 12 7.06 -11.59 35.54
N TYR A 13 6.36 -12.56 34.95
CA TYR A 13 4.91 -12.77 35.14
C TYR A 13 4.62 -12.93 36.64
N SER A 14 5.32 -13.83 37.32
CA SER A 14 5.14 -13.98 38.75
C SER A 14 5.36 -12.67 39.49
N LYS A 15 6.43 -11.98 39.15
CA LYS A 15 6.72 -10.70 39.79
C LYS A 15 5.55 -9.72 39.65
N ALA A 16 5.06 -9.55 38.42
CA ALA A 16 3.94 -8.66 38.14
C ALA A 16 2.60 -9.04 38.80
N THR A 17 2.26 -10.33 38.83
CA THR A 17 0.91 -10.72 39.28
C THR A 17 0.81 -10.67 40.80
N LYS A 18 1.96 -10.75 41.46
CA LYS A 18 2.08 -10.68 42.90
C LYS A 18 1.78 -9.23 43.34
N LYS A 19 2.12 -8.29 42.45
CA LYS A 19 1.87 -6.86 42.66
C LYS A 19 0.55 -6.38 42.00
N GLY A 20 -0.22 -7.32 41.48
CA GLY A 20 -1.52 -7.04 40.92
C GLY A 20 -1.58 -6.56 39.47
N PHE A 21 -0.57 -6.82 38.66
CA PHE A 21 -0.73 -6.52 37.24
C PHE A 21 -1.40 -7.69 36.53
N SER A 22 -2.27 -7.37 35.58
CA SER A 22 -2.97 -8.37 34.78
C SER A 22 -2.25 -8.46 33.46
N PRO A 23 -2.39 -9.60 32.78
CA PRO A 23 -1.75 -9.78 31.49
C PRO A 23 -2.43 -8.97 30.43
N PHE A 24 -1.61 -8.34 29.58
CA PHE A 24 -2.13 -7.61 28.45
C PHE A 24 -1.57 -8.14 27.15
N PHE A 25 -2.37 -8.86 26.36
CA PHE A 25 -1.93 -9.40 25.06
C PHE A 25 -2.87 -9.00 23.94
N VAL A 26 -2.35 -8.42 22.87
CA VAL A 26 -3.15 -7.95 21.72
C VAL A 26 -2.33 -8.15 20.46
N PRO A 27 -2.99 -8.26 19.30
CA PRO A 27 -2.25 -8.37 18.05
C PRO A 27 -1.29 -7.19 17.76
N ALA A 28 -0.22 -7.50 17.04
CA ALA A 28 0.80 -6.56 16.58
C ALA A 28 0.31 -5.48 15.58
N LEU A 29 -0.69 -5.84 14.78
CA LEU A 29 -1.28 -4.92 13.81
C LEU A 29 -2.70 -4.51 14.26
N GLU A 30 -2.99 -3.21 14.20
CA GLU A 30 -4.29 -2.63 14.50
C GLU A 30 -4.78 -1.82 13.32
N LYS A 31 -6.10 -1.66 13.23
CA LYS A 31 -6.74 -0.77 12.27
C LYS A 31 -6.43 0.67 12.57
N ALA A 32 -6.46 1.48 11.52
CA ALA A 32 -6.26 2.92 11.60
C ALA A 32 -7.17 3.58 10.56
N GLU A 33 -7.58 4.82 10.88
CA GLU A 33 -8.55 5.57 10.08
C GLU A 33 -7.82 6.52 9.13
N GLU A 34 -7.07 6.84 9.58
CA GLU A 34 -6.34 7.70 8.77
C GLU A 34 -4.92 7.53 8.92
N PRO A 35 -4.07 7.83 7.93
CA PRO A 35 -2.64 7.48 7.95
C PRO A 35 -1.75 8.26 8.95
N ALA A 36 -0.83 7.56 9.62
CA ALA A 36 -0.03 8.15 10.70
C ALA A 36 1.44 7.67 10.76
N GLY A 37 2.21 7.99 9.73
CA GLY A 37 3.62 7.61 9.69
C GLY A 37 3.84 6.25 9.06
N ASN A 38 4.46 5.37 9.83
CA ASN A 38 4.60 3.97 9.47
C ASN A 38 3.22 3.30 9.41
N PHE A 39 2.89 2.70 8.27
CA PHE A 39 1.61 2.05 8.14
C PHE A 39 1.69 0.93 7.10
N PHE A 40 0.66 0.07 7.05
CA PHE A 40 0.65 -1.06 6.14
C PHE A 40 -0.69 -1.16 5.42
N LEU A 41 -0.63 -1.41 4.11
CA LEU A 41 -1.81 -1.62 3.30
C LEU A 41 -1.87 -3.06 2.82
N ASP A 42 -3.02 -3.73 3.00
CA ASP A 42 -3.23 -5.07 2.47
C ASP A 42 -4.07 -5.02 1.19
N ARG A 43 -4.13 -6.13 0.46
CA ARG A 43 -4.85 -6.13 -0.81
C ARG A 43 -6.39 -6.01 -0.65
N LYS A 44 -6.82 -5.46 0.50
CA LYS A 44 -8.23 -5.43 0.88
C LYS A 44 -8.70 -4.04 1.22
N GLY A 45 -7.79 -3.08 1.14
CA GLY A 45 -8.10 -1.70 1.46
C GLY A 45 -7.83 -1.31 2.91
N ASN A 46 -7.53 -2.29 3.75
CA ASN A 46 -7.33 -2.00 5.14
C ASN A 46 -6.04 -1.23 5.31
N LEU A 47 -6.03 -0.28 6.24
CA LEU A 47 -4.80 0.38 6.57
C LEU A 47 -4.49 0.03 8.01
N PHE A 48 -3.23 -0.29 8.29
CA PHE A 48 -2.86 -0.72 9.62
C PHE A 48 -1.66 0.02 10.15
N SER A 49 -1.58 0.09 11.47
CA SER A 49 -0.40 0.54 12.15
C SER A 49 0.23 -0.71 12.77
N ILE A 50 1.51 -0.64 13.15
CA ILE A 50 2.12 -1.73 13.91
C ILE A 50 2.53 -1.28 15.31
N ARG A 51 2.50 -2.20 16.29
CA ARG A 51 2.93 -1.88 17.65
C ARG A 51 4.34 -1.31 17.67
N GLU A 52 4.45 0.00 17.88
CA GLU A 52 5.77 0.63 17.95
C GLU A 52 6.13 1.01 19.37
N ASP A 53 5.12 1.07 20.22
CA ASP A 53 5.29 1.48 21.58
C ASP A 53 4.16 0.90 22.39
N PHE A 54 4.50 0.04 23.35
CA PHE A 54 3.51 -0.61 24.18
C PHE A 54 2.59 0.32 24.93
N THR A 55 3.17 1.31 25.60
CA THR A 55 2.39 2.19 26.46
C THR A 55 1.33 2.94 25.65
N LYS A 56 1.74 3.37 24.45
CA LYS A 56 0.82 3.95 23.47
C LYS A 56 -0.29 2.99 23.02
N THR A 57 0.03 1.71 22.85
CA THR A 57 -0.93 0.65 22.59
C THR A 57 -1.84 0.41 23.78
N VAL A 58 -1.25 0.26 24.97
CA VAL A 58 -2.04 0.12 26.18
C VAL A 58 -3.05 1.26 26.34
N LEU A 59 -2.64 2.49 26.04
CA LEU A 59 -3.51 3.67 26.20
C LEU A 59 -4.56 3.83 25.08
N ASN A 60 -4.18 3.52 23.85
CA ASN A 60 -5.06 3.69 22.70
C ASN A 60 -6.02 2.51 22.60
N HIS A 61 -6.14 1.80 23.73
CA HIS A 61 -6.88 0.56 23.92
C HIS A 61 -7.74 0.71 25.17
N ARG A 62 -7.21 1.48 26.11
CA ARG A 62 -7.89 1.83 27.33
C ARG A 62 -8.93 2.92 27.03
N LYS A 63 -8.66 3.75 26.01
CA LYS A 63 -9.61 4.79 25.55
C LYS A 63 -10.93 4.22 25.03
N ARG A 64 -10.89 2.97 24.58
CA ARG A 64 -12.11 2.28 24.18
C ARG A 64 -13.06 1.95 25.36
N TYR A 65 -12.97 2.72 26.46
CA TYR A 65 -13.78 2.44 27.66
C TYR A 65 -14.42 3.66 28.32
N SER A 66 -15.75 3.62 28.44
CA SER A 66 -16.56 4.76 28.86
C SER A 66 -16.12 5.43 30.17
N PRO A 67 -16.18 4.75 31.32
CA PRO A 67 -15.82 5.40 32.59
C PRO A 67 -14.33 5.68 32.66
N ASP A 68 -13.58 5.13 31.71
CA ASP A 68 -12.13 5.39 31.52
C ASP A 68 -11.22 4.22 31.90
N SER A 69 -11.57 3.48 32.95
CA SER A 69 -10.82 2.28 33.41
C SER A 69 -9.67 2.61 34.34
N GLN A 70 -9.52 1.81 35.38
CA GLN A 70 -8.32 1.84 36.19
C GLN A 70 -7.48 0.67 35.68
N ILE A 71 -6.36 0.98 35.03
CA ILE A 71 -5.55 -0.05 34.36
C ILE A 71 -4.22 -0.33 35.04
N LYS A 72 -3.92 -1.62 35.26
CA LYS A 72 -2.70 -2.13 35.91
C LYS A 72 -2.29 -3.46 35.24
N VAL A 73 -1.30 -3.43 34.39
CA VAL A 73 -1.16 -4.46 33.38
C VAL A 73 0.32 -4.71 33.07
N TRP A 74 0.71 -5.97 32.87
CA TRP A 74 2.04 -6.29 32.35
C TRP A 74 1.88 -6.86 30.97
N TYR A 75 2.82 -6.61 30.06
CA TYR A 75 2.71 -7.22 28.72
C TYR A 75 3.69 -8.39 28.51
N ALA A 76 4.58 -8.34 27.54
CA ALA A 76 5.44 -9.45 27.04
C ALA A 76 5.15 -9.78 25.57
N ASP A 77 5.76 -9.02 24.65
CA ASP A 77 5.51 -9.23 23.20
C ASP A 77 6.52 -8.50 22.30
N PHE A 78 6.42 -8.71 21.02
CA PHE A 78 7.34 -8.02 20.14
C PHE A 78 6.91 -6.59 19.97
N VAL A 79 7.86 -5.66 19.95
CA VAL A 79 7.60 -4.28 19.56
C VAL A 79 8.41 -4.06 18.28
N TYR A 80 7.84 -3.34 17.32
CA TYR A 80 8.42 -3.22 15.98
C TYR A 80 9.02 -1.82 15.73
N ARG A 81 9.99 -1.72 14.83
CA ARG A 81 10.61 -0.44 14.49
C ARG A 81 11.38 -0.60 13.21
N TYR A 82 11.74 0.51 12.57
CA TYR A 82 12.59 0.39 11.39
C TYR A 82 14.03 0.70 11.74
N SER A 83 14.92 -0.11 11.19
CA SER A 83 16.32 0.18 11.29
C SER A 83 16.76 0.23 9.86
N GLY A 84 16.91 1.45 9.36
CA GLY A 84 17.07 1.70 7.94
C GLY A 84 15.70 1.58 7.30
N SER A 85 15.61 0.76 6.25
CA SER A 85 14.36 0.45 5.56
C SER A 85 13.89 -0.95 5.95
N ASP A 86 14.45 -1.52 7.01
CA ASP A 86 14.07 -2.87 7.39
C ASP A 86 13.27 -2.94 8.66
N LEU A 87 12.23 -3.78 8.67
CA LEU A 87 11.40 -3.91 9.87
C LEU A 87 12.10 -4.85 10.81
N VAL A 88 12.31 -4.40 12.04
CA VAL A 88 12.90 -5.23 13.09
C VAL A 88 11.92 -5.23 14.26
N ALA A 89 12.20 -6.07 15.23
CA ALA A 89 11.27 -6.38 16.27
C ALA A 89 12.11 -6.72 17.47
N GLU A 90 11.71 -6.24 18.64
CA GLU A 90 12.32 -6.57 19.91
C GLU A 90 11.21 -7.06 20.86
N TYR A 91 11.51 -8.14 21.57
CA TYR A 91 10.61 -8.74 22.53
C TYR A 91 10.77 -8.01 23.82
N GLN A 92 9.70 -7.38 24.32
CA GLN A 92 9.74 -6.57 25.55
C GLN A 92 8.83 -7.08 26.62
N LEU A 93 9.32 -6.99 27.85
CA LEU A 93 8.54 -7.24 29.03
C LEU A 93 8.27 -5.85 29.60
N GLY A 94 7.00 -5.49 29.80
CA GLY A 94 6.70 -4.23 30.44
C GLY A 94 5.52 -4.19 31.38
N LEU A 95 5.38 -3.03 32.02
CA LEU A 95 4.32 -2.74 32.95
C LEU A 95 3.71 -1.42 32.57
N GLU A 96 2.46 -1.23 32.94
CA GLU A 96 1.74 0.00 32.65
C GLU A 96 0.69 0.16 33.75
N LYS A 97 0.70 1.27 34.41
CA LYS A 97 -0.33 1.59 35.39
C LYS A 97 -0.81 3.02 35.18
N VAL A 98 -2.11 3.18 34.99
CA VAL A 98 -2.78 4.47 34.84
C VAL A 98 -4.02 4.37 35.69
N PRO A 99 -4.28 5.11 36.78
CA PRO A 99 -3.75 6.41 37.17
C PRO A 99 -2.48 6.24 38.01
N ARG A 100 -1.64 7.19 38.02
CA ARG A 100 -0.57 7.15 38.99
C ARG A 100 -1.01 7.96 40.24
N ASN A 101 -1.34 7.22 41.32
CA ASN A 101 -1.93 7.83 42.50
C ASN A 101 -0.94 8.67 43.31
N SER A 102 0.34 8.36 43.15
CA SER A 102 1.44 8.92 43.95
C SER A 102 2.76 8.46 43.36
N LEU A 103 3.82 8.58 44.17
CA LEU A 103 5.13 8.05 43.86
C LEU A 103 5.21 6.55 44.13
N ASP A 104 4.57 6.11 45.21
CA ASP A 104 4.53 4.70 45.56
C ASP A 104 4.26 3.80 44.35
N ASP A 105 3.39 4.26 43.43
CA ASP A 105 3.08 3.48 42.24
C ASP A 105 4.26 3.44 41.30
N SER A 106 4.93 4.57 41.15
CA SER A 106 6.06 4.61 40.22
C SER A 106 7.14 3.67 40.69
N LEU A 107 7.55 3.84 41.94
CA LEU A 107 8.49 2.95 42.65
C LEU A 107 8.12 1.46 42.59
N GLU A 108 6.84 1.14 42.61
CA GLU A 108 6.41 -0.25 42.47
C GLU A 108 6.86 -0.73 41.12
N VAL A 109 6.60 0.09 40.11
CA VAL A 109 7.04 -0.23 38.76
C VAL A 109 8.56 -0.40 38.69
N LEU A 110 9.30 0.52 39.31
CA LEU A 110 10.76 0.48 39.29
C LEU A 110 11.26 -0.76 40.03
N GLU A 111 10.61 -1.13 41.12
CA GLU A 111 10.95 -2.37 41.83
C GLU A 111 10.92 -3.64 40.98
N ILE A 112 9.93 -3.79 40.10
CA ILE A 112 9.81 -5.02 39.33
C ILE A 112 10.84 -5.06 38.18
N ILE A 113 10.94 -3.95 37.46
CA ILE A 113 11.82 -3.85 36.33
C ILE A 113 13.24 -4.04 36.81
N VAL A 114 13.60 -3.30 37.86
CA VAL A 114 14.96 -3.24 38.33
C VAL A 114 15.35 -4.60 38.83
N GLU A 115 14.44 -5.27 39.53
CA GLU A 115 14.66 -6.60 40.08
C GLU A 115 14.74 -7.62 38.94
N SER A 116 13.92 -7.44 37.91
CA SER A 116 14.02 -8.33 36.76
C SER A 116 15.38 -8.18 36.07
N ALA A 117 15.82 -6.92 35.89
CA ALA A 117 17.12 -6.65 35.28
C ALA A 117 18.34 -7.18 36.06
N SER A 118 18.27 -7.10 37.37
CA SER A 118 19.36 -7.60 38.20
C SER A 118 19.41 -9.12 38.13
N GLU A 119 18.29 -9.74 37.79
CA GLU A 119 18.24 -11.21 37.69
C GLU A 119 18.55 -11.67 36.28
N PHE A 120 18.08 -10.90 35.28
CA PHE A 120 18.19 -11.26 33.86
C PHE A 120 19.56 -10.96 33.24
N PHE A 121 20.37 -10.15 33.91
CA PHE A 121 21.60 -9.68 33.30
C PHE A 121 22.77 -9.78 34.26
N GLU A 122 23.91 -10.20 33.71
CA GLU A 122 25.10 -10.52 34.49
C GLU A 122 25.75 -9.30 35.13
N GLY A 123 26.42 -8.49 34.31
CA GLY A 123 27.41 -7.51 34.76
C GLY A 123 26.69 -6.55 35.65
N PRO A 124 27.42 -5.75 36.44
CA PRO A 124 26.77 -4.78 37.33
C PRO A 124 25.70 -3.97 36.56
N VAL A 125 24.49 -3.84 37.12
CA VAL A 125 23.48 -2.98 36.49
C VAL A 125 23.46 -1.55 36.99
N ILE A 126 23.36 -0.63 36.08
CA ILE A 126 23.23 0.78 36.45
C ILE A 126 21.78 1.21 36.26
N VAL A 127 21.18 1.82 37.28
CA VAL A 127 19.85 2.38 37.13
C VAL A 127 20.00 3.88 37.20
N GLU A 128 19.85 4.50 36.04
CA GLU A 128 20.06 5.92 35.95
C GLU A 128 18.69 6.62 36.00
N ILE A 129 18.56 7.54 36.95
CA ILE A 129 17.30 8.26 37.08
C ILE A 129 17.41 9.73 36.75
N GLY A 130 16.32 10.26 36.23
CA GLY A 130 16.20 11.66 35.91
C GLY A 130 14.81 12.18 36.18
N HIS A 131 14.59 13.43 35.78
CA HIS A 131 13.31 14.06 35.93
C HIS A 131 13.07 15.15 34.89
N THR A 132 11.88 15.14 34.36
CA THR A 132 11.44 16.03 33.32
C THR A 132 11.20 17.46 33.84
N GLY A 133 10.93 17.58 35.14
CA GLY A 133 10.51 18.84 35.75
C GLY A 133 11.64 19.85 35.83
N VAL A 134 12.86 19.36 35.68
CA VAL A 134 14.07 20.13 35.78
C VAL A 134 14.17 21.17 34.62
N TYR A 135 13.56 20.86 33.49
CA TYR A 135 13.77 21.69 32.30
C TYR A 135 12.99 23.01 32.23
N GLU A 136 11.82 23.08 32.81
CA GLU A 136 11.03 24.32 32.84
C GLU A 136 11.84 25.44 33.46
N ASP A 137 12.29 25.03 34.61
CA ASP A 137 13.16 25.85 35.43
C ASP A 137 14.31 26.38 34.61
N LEU A 138 15.20 25.48 34.23
CA LEU A 138 16.30 25.80 33.36
C LEU A 138 15.97 26.88 32.33
N LEU A 139 15.10 26.55 31.38
CA LEU A 139 14.77 27.43 30.25
C LEU A 139 14.10 28.78 30.60
N LYS A 140 13.59 28.92 31.83
CA LYS A 140 12.79 30.11 32.19
C LYS A 140 13.49 31.43 31.83
N GLU A 141 14.81 31.49 32.00
CA GLU A 141 15.59 32.72 31.88
C GLU A 141 16.33 32.87 30.54
N ILE A 142 16.33 31.79 29.74
CA ILE A 142 16.96 31.75 28.41
C ILE A 142 15.96 32.02 27.26
N PRO A 143 16.33 32.83 26.26
CA PRO A 143 15.42 33.20 25.17
C PRO A 143 14.69 32.01 24.55
N LYS A 144 13.47 32.27 24.08
CA LYS A 144 12.61 31.23 23.52
C LYS A 144 13.19 30.70 22.21
N ASP A 145 13.72 31.61 21.39
CA ASP A 145 14.37 31.30 20.11
C ASP A 145 15.39 30.13 20.12
N LEU A 146 16.13 29.95 21.23
CA LEU A 146 17.16 28.93 21.32
C LEU A 146 16.91 27.92 22.45
N HIS A 147 15.66 27.49 22.61
CA HIS A 147 15.26 26.55 23.65
C HIS A 147 15.53 25.13 23.17
N GLU A 148 15.10 24.91 21.93
CA GLU A 148 15.13 23.62 21.29
C GLU A 148 16.58 23.25 20.97
N LYS A 149 17.39 24.28 20.74
CA LYS A 149 18.79 24.08 20.45
C LYS A 149 19.55 23.71 21.73
N VAL A 150 19.28 24.46 22.80
CA VAL A 150 19.92 24.18 24.07
C VAL A 150 19.60 22.78 24.59
N LEU A 151 18.36 22.37 24.43
CA LEU A 151 17.92 21.09 24.97
C LEU A 151 18.61 19.95 24.21
N ASN A 152 18.87 20.16 22.94
CA ASN A 152 19.62 19.19 22.18
C ASN A 152 21.09 19.15 22.66
N LEU A 153 21.67 20.32 22.89
CA LEU A 153 23.03 20.37 23.41
C LEU A 153 23.10 19.64 24.74
N ILE A 154 22.13 19.85 25.60
CA ILE A 154 22.24 19.20 26.87
C ILE A 154 22.03 17.70 26.76
N ASP A 155 21.15 17.29 25.84
CA ASP A 155 20.97 15.84 25.59
C ASP A 155 22.21 15.14 25.03
N THR A 156 23.05 15.89 24.33
CA THR A 156 24.31 15.39 23.79
C THR A 156 25.47 15.67 24.73
N LYS A 157 25.20 16.28 25.88
CA LYS A 157 26.25 16.67 26.79
C LYS A 157 27.36 17.55 26.13
N ASN A 158 27.01 18.22 25.04
CA ASN A 158 27.90 19.12 24.31
C ASN A 158 28.23 20.39 25.12
N LEU A 159 28.92 20.17 26.24
CA LEU A 159 29.48 21.26 27.03
C LEU A 159 30.18 22.36 26.25
N ALA A 160 30.80 22.03 25.12
CA ALA A 160 31.58 23.01 24.35
C ALA A 160 30.74 24.00 23.53
N GLU A 161 29.68 23.49 22.90
CA GLU A 161 28.73 24.34 22.18
C GLU A 161 27.90 25.21 23.12
N ILE A 162 27.68 24.75 24.35
CA ILE A 162 27.02 25.56 25.37
C ILE A 162 27.87 26.78 25.65
N GLU A 163 29.17 26.55 25.88
CA GLU A 163 30.06 27.61 26.36
C GLU A 163 30.24 28.58 25.23
N PHE A 164 30.37 28.04 24.04
CA PHE A 164 30.50 28.86 22.87
C PHE A 164 29.29 29.79 22.72
N LEU A 165 28.12 29.27 23.09
CA LEU A 165 26.87 30.04 23.08
C LEU A 165 26.77 31.04 24.23
N SER A 166 27.28 30.65 25.40
CA SER A 166 27.45 31.58 26.53
C SER A 166 28.15 32.87 26.05
N HIS A 167 28.93 32.78 24.97
CA HIS A 167 29.81 33.87 24.54
C HIS A 167 29.34 34.58 23.27
N MET A 168 28.71 33.85 22.35
CA MET A 168 28.18 34.42 21.11
C MET A 168 26.85 35.16 21.31
N LYS A 169 26.08 34.73 22.31
CA LYS A 169 24.79 35.33 22.64
C LYS A 169 24.87 36.30 23.84
N LYS A 170 25.73 35.95 24.81
CA LYS A 170 25.94 36.67 26.06
C LYS A 170 24.85 36.36 27.08
N ILE A 171 24.62 35.07 27.30
CA ILE A 171 23.72 34.61 28.36
C ILE A 171 24.41 33.83 29.47
N ASP A 172 23.81 33.91 30.66
CA ASP A 172 24.14 33.03 31.75
C ASP A 172 23.58 31.68 31.37
N LEU A 173 24.41 30.81 30.83
CA LEU A 173 23.95 29.44 30.72
C LEU A 173 24.28 28.74 32.03
N SER A 174 25.48 28.99 32.55
CA SER A 174 25.87 28.63 33.91
C SER A 174 25.17 27.37 34.42
N ARG A 175 23.93 27.53 34.86
CA ARG A 175 23.08 26.45 35.33
C ARG A 175 22.93 25.20 34.42
N VAL A 176 22.85 25.40 33.10
CA VAL A 176 22.77 24.29 32.16
C VAL A 176 24.08 23.45 32.19
N GLU A 177 25.20 24.18 32.26
CA GLU A 177 26.53 23.60 32.34
C GLU A 177 26.71 22.73 33.58
N LYS A 178 26.24 23.24 34.75
CA LYS A 178 26.34 22.49 35.99
C LYS A 178 25.71 21.14 35.80
N ILE A 179 24.53 21.15 35.20
CA ILE A 179 23.73 19.94 35.02
C ILE A 179 24.45 18.88 34.15
N ILE A 180 25.00 19.31 33.04
CA ILE A 180 25.88 18.46 32.25
C ILE A 180 27.11 17.96 33.03
N GLU A 181 27.82 18.88 33.69
CA GLU A 181 29.05 18.56 34.45
C GLU A 181 28.72 17.57 35.56
N ASP A 182 27.62 17.82 36.26
CA ASP A 182 27.10 16.95 37.27
C ASP A 182 26.81 15.52 36.79
N SER A 183 26.24 15.40 35.58
CA SER A 183 25.90 14.10 34.98
C SER A 183 27.11 13.20 34.63
N ILE A 184 28.31 13.81 34.70
CA ILE A 184 29.61 13.12 34.62
C ILE A 184 30.31 12.95 36.00
N TYR A 185 30.31 14.00 36.82
CA TYR A 185 31.12 14.00 38.04
C TYR A 185 30.36 13.84 39.37
N ARG A 186 29.05 14.16 39.36
CA ARG A 186 28.31 14.11 40.63
C ARG A 186 26.98 13.37 40.39
N ARG A 187 27.08 12.04 39.93
CA ARG A 187 25.94 11.19 39.61
C ARG A 187 25.40 10.52 40.83
N SER A 188 26.20 10.45 41.88
CA SER A 188 25.79 9.84 43.13
C SER A 188 24.60 10.57 43.77
N PRO A 189 23.58 9.84 44.19
CA PRO A 189 22.38 10.44 44.79
C PRO A 189 22.62 11.38 46.00
N GLU A 190 23.73 11.19 46.72
CA GLU A 190 24.08 12.04 47.84
C GLU A 190 24.22 13.51 47.45
N HIS A 191 24.46 13.80 46.18
CA HIS A 191 24.62 15.18 45.73
C HIS A 191 23.32 15.95 45.44
N LEU A 192 22.17 15.38 45.80
CA LEU A 192 20.87 15.94 45.40
C LEU A 192 20.47 17.15 46.21
N LYS A 193 21.00 17.24 47.43
CA LYS A 193 20.72 18.37 48.30
C LYS A 193 21.54 19.58 47.88
N THR A 194 22.58 19.37 47.07
CA THR A 194 23.43 20.46 46.57
C THR A 194 23.06 20.87 45.15
N MET A 195 22.33 20.01 44.45
CA MET A 195 21.86 20.33 43.12
C MET A 195 20.80 21.41 43.27
N ASP A 196 20.89 22.40 42.39
CA ASP A 196 19.99 23.55 42.42
C ASP A 196 18.70 23.17 41.66
N LEU A 197 17.82 22.44 42.35
CA LEU A 197 16.65 21.82 41.74
C LEU A 197 15.36 22.40 42.32
N PRO A 198 14.30 22.46 41.52
CA PRO A 198 12.97 22.70 42.08
C PRO A 198 12.70 21.68 43.21
N LEU A 199 12.26 22.15 44.37
CA LEU A 199 12.08 21.29 45.54
C LEU A 199 11.23 20.03 45.30
N SER A 200 10.25 20.10 44.41
CA SER A 200 9.46 18.92 44.06
C SER A 200 10.31 17.89 43.29
N VAL A 201 11.03 18.36 42.28
CA VAL A 201 11.90 17.50 41.48
C VAL A 201 12.94 16.79 42.39
N ARG A 202 13.42 17.52 43.38
CA ARG A 202 14.39 16.99 44.33
C ARG A 202 13.79 15.94 45.25
N GLU A 203 12.61 16.23 45.77
CA GLU A 203 11.85 15.27 46.57
C GLU A 203 11.64 13.93 45.86
N ASP A 204 11.26 13.96 44.57
CA ASP A 204 11.01 12.70 43.85
C ASP A 204 12.32 11.89 43.62
N LEU A 205 13.41 12.58 43.31
CA LEU A 205 14.65 11.90 43.03
C LEU A 205 15.19 11.39 44.37
N LEU A 206 15.15 12.23 45.41
CA LEU A 206 15.65 11.82 46.71
C LEU A 206 15.03 10.49 47.08
N SER A 207 13.74 10.43 46.89
CA SER A 207 12.97 9.31 47.39
C SER A 207 13.15 8.08 46.50
N ALA A 208 13.20 8.28 45.19
CA ALA A 208 13.37 7.12 44.31
C ALA A 208 14.75 6.50 44.51
N SER A 209 15.79 7.35 44.59
CA SER A 209 17.16 6.91 44.90
C SER A 209 17.22 6.06 46.18
N SER A 210 16.87 6.66 47.30
CA SER A 210 16.80 5.93 48.58
C SER A 210 16.15 4.57 48.40
N PHE A 211 14.90 4.56 47.98
CA PHE A 211 14.17 3.30 47.86
C PHE A 211 15.00 2.27 47.07
N LEU A 212 15.53 2.69 45.94
CA LEU A 212 16.31 1.79 45.13
C LEU A 212 17.59 1.34 45.88
N GLN A 213 18.26 2.30 46.49
CA GLN A 213 19.60 2.16 46.99
C GLN A 213 19.57 1.27 48.23
N GLU A 214 18.54 1.44 49.04
CA GLU A 214 18.27 0.56 50.15
C GLU A 214 17.84 -0.84 49.71
N LYS A 215 17.03 -0.94 48.68
CA LYS A 215 16.51 -2.27 48.28
C LYS A 215 17.44 -2.99 47.29
N PHE A 216 18.35 -2.26 46.66
CA PHE A 216 19.17 -2.88 45.65
C PHE A 216 20.62 -2.50 45.86
N PRO A 217 21.31 -3.30 46.66
CA PRO A 217 22.67 -2.93 47.10
C PRO A 217 23.70 -3.21 46.00
N THR A 218 23.43 -4.14 45.10
CA THR A 218 24.39 -4.47 44.07
C THR A 218 24.19 -3.59 42.85
N VAL A 219 23.08 -2.88 42.74
CA VAL A 219 22.95 -2.02 41.56
C VAL A 219 23.51 -0.64 41.84
N SER A 220 23.90 0.01 40.79
CA SER A 220 24.47 1.31 40.90
C SER A 220 23.40 2.30 40.49
N VAL A 221 22.91 3.05 41.47
CA VAL A 221 21.81 3.96 41.26
C VAL A 221 22.43 5.31 40.97
N GLU A 222 22.10 5.90 39.82
CA GLU A 222 22.78 7.12 39.44
C GLU A 222 21.82 8.17 38.92
N ILE A 223 22.16 9.41 39.13
CA ILE A 223 21.24 10.42 38.68
C ILE A 223 21.84 11.19 37.51
N ASP A 224 21.05 11.35 36.45
CA ASP A 224 21.48 12.04 35.24
C ASP A 224 20.34 12.91 34.77
N LEU A 225 20.49 14.23 34.91
CA LEU A 225 19.45 15.19 34.55
C LEU A 225 19.45 15.61 33.10
N THR A 226 20.36 15.04 32.33
CA THR A 226 20.32 15.32 30.90
C THR A 226 19.31 14.32 30.39
N LEU A 227 19.11 14.27 29.09
CA LEU A 227 18.02 13.42 28.53
C LEU A 227 16.80 14.28 28.28
N ALA A 228 17.09 15.45 27.72
CA ALA A 228 16.10 16.38 27.26
C ALA A 228 15.15 15.70 26.28
N ARG A 229 15.68 14.74 25.53
CA ARG A 229 14.91 13.86 24.61
C ARG A 229 13.58 13.38 25.24
N THR A 230 13.63 12.89 26.48
CA THR A 230 12.41 12.43 27.16
C THR A 230 11.35 13.50 27.47
N ILE A 231 11.61 14.74 27.08
CA ILE A 231 10.83 15.88 27.57
C ILE A 231 9.38 15.91 27.07
N GLU A 232 9.07 15.12 26.05
CA GLU A 232 7.69 15.14 25.59
C GLU A 232 7.19 13.76 25.26
N GLU A 233 7.73 12.81 26.02
CA GLU A 233 7.22 11.47 26.11
C GLU A 233 6.83 11.30 27.57
N TYR A 234 7.56 11.96 28.46
CA TYR A 234 7.39 11.76 29.90
C TYR A 234 7.15 13.03 30.63
N CYS A 235 6.56 12.85 31.77
CA CYS A 235 6.28 13.99 32.64
C CYS A 235 6.41 13.58 34.10
N GLY A 236 7.60 13.68 34.59
CA GLY A 236 7.91 13.31 35.97
C GLY A 236 9.22 12.60 35.97
N LEU A 237 9.40 11.56 36.76
CA LEU A 237 10.72 10.98 36.67
C LEU A 237 10.72 9.80 35.70
N ILE A 238 11.93 9.64 35.21
CA ILE A 238 12.32 8.67 34.19
C ILE A 238 13.48 7.84 34.69
N PHE A 239 13.67 6.73 34.00
CA PHE A 239 14.76 5.81 34.34
C PHE A 239 15.14 4.97 33.12
N THR A 240 16.40 4.58 33.17
CA THR A 240 17.06 3.76 32.18
C THR A 240 17.96 2.83 32.93
N ILE A 241 17.97 1.57 32.51
CA ILE A 241 18.89 0.59 33.10
C ILE A 241 19.88 0.10 32.07
N TYR A 242 21.13 -0.02 32.49
CA TYR A 242 22.21 -0.57 31.65
C TYR A 242 22.84 -1.81 32.26
N ASP A 243 23.28 -2.68 31.39
CA ASP A 243 24.00 -3.87 31.79
C ASP A 243 25.44 -3.69 31.33
N THR A 244 26.34 -3.64 32.31
CA THR A 244 27.76 -3.44 32.06
C THR A 244 28.43 -4.67 31.42
N SER A 245 27.87 -5.86 31.66
CA SER A 245 28.47 -7.10 31.14
C SER A 245 28.39 -7.14 29.63
N SER A 246 27.13 -7.54 29.05
CA SER A 246 27.03 -7.03 27.68
C SER A 246 27.18 -5.52 27.79
N SER A 247 27.09 -4.81 26.73
CA SER A 247 27.22 -3.36 26.85
C SER A 247 26.00 -2.74 26.25
N ARG A 248 24.86 -2.89 26.93
CA ARG A 248 23.60 -2.38 26.36
C ARG A 248 22.62 -1.79 27.37
N LEU A 249 21.71 -1.02 26.76
CA LEU A 249 20.57 -0.37 27.41
C LEU A 249 19.57 -1.50 27.52
N VAL A 250 19.17 -1.80 28.71
CA VAL A 250 18.39 -2.98 28.93
C VAL A 250 16.95 -2.75 29.43
N ALA A 251 16.68 -1.61 29.98
CA ALA A 251 15.32 -1.29 30.44
C ALA A 251 15.14 0.21 30.47
N ALA A 252 13.89 0.66 30.35
CA ALA A 252 13.59 2.09 30.41
C ALA A 252 12.11 2.34 30.64
N GLY A 253 11.80 3.48 31.28
CA GLY A 253 10.44 3.97 31.46
C GLY A 253 10.29 5.28 32.26
N GLY A 254 9.10 5.53 32.76
CA GLY A 254 8.91 6.67 33.63
C GLY A 254 7.47 7.05 33.81
N GLU A 255 7.27 8.27 34.29
CA GLU A 255 5.95 8.83 34.56
C GLU A 255 5.54 9.68 33.41
N TYR A 256 4.27 9.64 33.08
CA TYR A 256 3.76 10.35 31.91
C TYR A 256 2.39 10.97 32.18
N THR A 257 2.01 11.90 31.31
CA THR A 257 0.75 12.61 31.38
C THR A 257 -0.17 12.22 30.21
N VAL A 258 -1.31 11.65 30.55
CA VAL A 258 -2.22 11.05 29.59
C VAL A 258 -3.45 11.94 29.49
N ASN A 259 -3.41 12.95 28.62
CA ASN A 259 -4.53 13.91 28.52
C ASN A 259 -4.86 14.57 29.88
N GLY A 260 -5.87 14.02 30.58
CA GLY A 260 -6.16 14.42 31.95
C GLY A 260 -5.20 13.94 33.05
N GLU A 261 -4.55 12.63 32.91
CA GLU A 261 -3.97 12.12 34.19
C GLU A 261 -2.56 11.54 34.01
N LYS A 262 -2.21 11.03 35.17
CA LYS A 262 -0.88 10.52 35.42
C LYS A 262 -0.89 9.00 35.28
N GLY A 263 0.12 8.47 34.59
CA GLY A 263 0.38 7.05 34.55
C GLY A 263 1.88 6.75 34.62
N VAL A 264 2.25 5.54 35.01
CA VAL A 264 3.63 5.08 34.97
C VAL A 264 3.79 3.82 34.19
N GLY A 265 5.02 3.55 33.75
CA GLY A 265 5.34 2.33 33.04
C GLY A 265 6.84 2.18 32.84
N GLY A 266 7.23 1.03 32.32
CA GLY A 266 8.61 0.71 32.03
C GLY A 266 8.63 -0.62 31.25
N SER A 267 9.75 -0.93 30.62
CA SER A 267 9.85 -2.18 29.89
C SER A 267 11.28 -2.65 29.97
N ILE A 268 11.51 -3.91 29.63
CA ILE A 268 12.80 -4.55 29.63
C ILE A 268 13.02 -5.02 28.21
N PHE A 269 14.25 -4.87 27.71
CA PHE A 269 14.62 -5.31 26.36
C PHE A 269 15.36 -6.65 26.38
N LEU A 270 14.58 -7.71 26.22
CA LEU A 270 15.02 -9.09 26.32
C LEU A 270 14.86 -9.83 24.98
N GLU A 271 15.70 -9.53 24.01
CA GLU A 271 15.76 -10.26 22.70
C GLU A 271 15.31 -9.42 21.50
N GLY A 272 16.14 -9.39 20.48
CA GLY A 272 15.89 -8.66 19.25
C GLY A 272 15.84 -9.61 18.05
N LYS A 273 14.93 -9.33 17.13
CA LYS A 273 14.73 -10.17 15.94
C LYS A 273 14.35 -9.34 14.69
N THR A 274 14.20 -10.03 13.57
CA THR A 274 14.08 -9.37 12.28
C THR A 274 12.69 -9.51 11.70
N CYS A 275 12.22 -8.43 11.09
CA CYS A 275 10.87 -8.29 10.55
C CYS A 275 9.92 -7.69 11.59
N MET B 1 -9.51 -6.15 30.16
CA MET B 1 -9.02 -5.35 28.99
C MET B 1 -7.86 -6.03 28.25
N ASP B 2 -8.22 -6.82 27.24
CA ASP B 2 -7.31 -7.64 26.45
C ASP B 2 -6.53 -8.52 27.40
N PHE B 3 -7.31 -9.24 28.20
CA PHE B 3 -6.81 -10.10 29.25
C PHE B 3 -6.59 -11.49 28.68
N LEU B 4 -5.56 -12.17 29.15
CA LEU B 4 -5.26 -13.56 28.78
C LEU B 4 -5.06 -14.33 30.08
N ASP B 5 -5.63 -15.53 30.18
CA ASP B 5 -5.29 -16.40 31.30
C ASP B 5 -3.90 -16.97 31.02
N PHE B 6 -2.88 -16.25 31.46
CA PHE B 6 -1.51 -16.61 31.15
C PHE B 6 -1.05 -17.80 32.00
N GLU B 7 -1.72 -18.05 33.13
CA GLU B 7 -1.59 -19.31 33.86
C GLU B 7 -1.71 -20.47 32.87
N LYS B 8 -2.56 -20.32 31.86
CA LYS B 8 -2.81 -21.40 30.89
C LYS B 8 -1.60 -21.55 29.98
N VAL B 9 -1.04 -20.41 29.61
CA VAL B 9 0.22 -20.38 28.87
C VAL B 9 1.39 -21.00 29.64
N PHE B 10 1.54 -20.66 30.92
CA PHE B 10 2.61 -21.25 31.74
C PHE B 10 2.44 -22.75 31.88
N SER B 11 1.19 -23.17 32.14
CA SER B 11 0.85 -24.56 32.31
C SER B 11 1.24 -25.38 31.06
N PHE B 12 0.85 -24.89 29.89
CA PHE B 12 1.10 -25.53 28.60
C PHE B 12 2.58 -25.64 28.33
N TYR B 13 3.29 -24.55 28.63
CA TYR B 13 4.75 -24.48 28.61
C TYR B 13 5.39 -25.52 29.54
N SER B 14 4.79 -25.78 30.70
CA SER B 14 5.29 -26.85 31.57
C SER B 14 5.05 -28.22 30.98
N LYS B 15 3.87 -28.46 30.46
CA LYS B 15 3.58 -29.72 29.81
C LYS B 15 4.56 -29.98 28.68
N ALA B 16 4.82 -28.95 27.87
CA ALA B 16 5.68 -29.09 26.70
C ALA B 16 7.18 -29.23 27.01
N THR B 17 7.72 -28.35 27.86
CA THR B 17 9.14 -28.37 28.18
C THR B 17 9.31 -29.40 29.28
N LYS B 18 9.07 -30.66 28.92
CA LYS B 18 9.07 -31.82 29.83
C LYS B 18 9.04 -33.03 28.92
N LYS B 19 8.40 -32.80 27.79
CA LYS B 19 8.41 -33.67 26.66
C LYS B 19 9.54 -33.24 25.72
N GLY B 20 10.33 -32.26 26.15
CA GLY B 20 11.43 -31.81 25.33
C GLY B 20 11.05 -30.87 24.21
N PHE B 21 9.87 -30.23 24.25
CA PHE B 21 9.60 -29.18 23.28
C PHE B 21 10.23 -27.89 23.75
N SER B 22 10.70 -27.10 22.81
CA SER B 22 11.43 -25.91 23.12
C SER B 22 10.67 -24.67 22.56
N PRO B 23 10.80 -23.49 23.17
CA PRO B 23 9.93 -22.38 22.83
C PRO B 23 10.27 -21.78 21.46
N PHE B 24 9.26 -21.34 20.74
CA PHE B 24 9.48 -20.82 19.39
C PHE B 24 8.67 -19.54 19.28
N PHE B 25 9.34 -18.39 19.42
CA PHE B 25 8.68 -17.06 19.33
C PHE B 25 9.29 -16.23 18.24
N VAL B 26 8.45 -15.81 17.29
CA VAL B 26 8.85 -15.02 16.14
C VAL B 26 7.89 -13.87 15.84
N PRO B 27 8.38 -12.84 15.16
CA PRO B 27 7.55 -11.73 14.70
C PRO B 27 6.38 -12.16 13.87
N ALA B 28 5.23 -11.53 14.10
CA ALA B 28 4.03 -11.73 13.28
C ALA B 28 4.27 -11.42 11.76
N LEU B 29 4.99 -10.36 11.48
CA LEU B 29 5.28 -9.98 10.11
C LEU B 29 6.61 -10.60 9.68
N GLU B 30 6.68 -11.04 8.43
CA GLU B 30 7.89 -11.59 7.84
C GLU B 30 8.03 -11.12 6.38
N LYS B 31 9.14 -10.44 6.08
CA LYS B 31 9.47 -9.95 4.74
C LYS B 31 9.32 -11.02 3.67
N ALA B 32 8.47 -10.77 2.68
CA ALA B 32 8.30 -11.67 1.51
C ALA B 32 8.94 -11.10 0.23
N GLU B 33 9.26 -11.98 -0.72
CA GLU B 33 9.95 -11.56 -1.94
C GLU B 33 8.99 -11.44 -3.14
N GLU B 34 7.87 -12.13 -3.03
CA GLU B 34 6.88 -12.19 -4.10
C GLU B 34 5.46 -11.95 -3.59
N PRO B 35 4.67 -11.18 -4.34
CA PRO B 35 3.30 -10.87 -3.94
C PRO B 35 2.37 -12.08 -3.96
N ALA B 36 2.66 -13.08 -3.13
CA ALA B 36 1.77 -14.23 -3.00
C ALA B 36 0.65 -13.93 -1.97
N GLY B 37 -0.55 -14.41 -2.29
CA GLY B 37 -1.73 -14.32 -1.43
C GLY B 37 -1.94 -13.04 -0.66
N ASN B 38 -2.19 -13.20 0.64
CA ASN B 38 -2.35 -12.09 1.54
C ASN B 38 -0.99 -11.48 1.80
N PHE B 39 -0.78 -10.30 1.24
CA PHE B 39 0.41 -9.59 1.53
C PHE B 39 0.07 -8.25 2.16
N PHE B 40 1.08 -7.60 2.74
CA PHE B 40 1.00 -6.29 3.34
C PHE B 40 2.12 -5.48 2.73
N LEU B 41 1.78 -4.28 2.30
CA LEU B 41 2.71 -3.37 1.72
C LEU B 41 3.00 -2.27 2.71
N ASP B 42 4.24 -1.87 2.66
CA ASP B 42 4.85 -1.05 3.66
C ASP B 42 5.24 0.29 3.00
N ARG B 43 5.22 1.35 3.79
CA ARG B 43 5.69 2.68 3.39
C ARG B 43 7.17 2.75 2.95
N LYS B 44 7.84 1.62 2.78
CA LYS B 44 9.25 1.61 2.39
C LYS B 44 9.52 0.72 1.17
N GLY B 45 8.47 0.13 0.60
CA GLY B 45 8.65 -0.82 -0.49
C GLY B 45 8.58 -2.30 -0.11
N ASN B 46 8.60 -2.60 1.21
CA ASN B 46 8.66 -3.98 1.69
C ASN B 46 7.32 -4.65 1.50
N LEU B 47 7.32 -5.93 1.13
CA LEU B 47 6.11 -6.74 1.15
C LEU B 47 6.20 -7.66 2.34
N PHE B 48 5.08 -7.96 2.97
CA PHE B 48 5.11 -8.84 4.12
C PHE B 48 4.04 -9.92 4.04
N SER B 49 4.35 -11.10 4.57
CA SER B 49 3.31 -12.05 4.93
C SER B 49 3.12 -11.95 6.40
N ILE B 50 1.90 -12.25 6.83
CA ILE B 50 1.52 -12.25 8.23
C ILE B 50 1.19 -13.68 8.61
N ARG B 51 1.54 -14.05 9.84
CA ARG B 51 1.51 -15.43 10.28
C ARG B 51 0.09 -15.98 10.22
N GLU B 52 -0.14 -16.92 9.32
CA GLU B 52 -1.46 -17.48 9.04
C GLU B 52 -1.50 -18.93 9.42
N ASP B 53 -0.33 -19.54 9.57
CA ASP B 53 -0.29 -20.97 9.89
C ASP B 53 1.00 -21.29 10.60
N PHE B 54 0.93 -21.68 11.87
CA PHE B 54 2.15 -21.89 12.65
C PHE B 54 3.06 -22.94 12.08
N THR B 55 2.48 -24.00 11.51
CA THR B 55 3.32 -25.08 10.98
C THR B 55 4.02 -24.58 9.73
N LYS B 56 3.32 -23.77 8.94
CA LYS B 56 3.92 -23.16 7.76
C LYS B 56 5.08 -22.26 8.19
N THR B 57 4.86 -21.47 9.24
CA THR B 57 5.91 -20.63 9.81
C THR B 57 7.08 -21.41 10.41
N VAL B 58 6.81 -22.41 11.23
CA VAL B 58 7.89 -23.12 11.88
C VAL B 58 8.69 -23.79 10.77
N LEU B 59 7.99 -24.19 9.72
CA LEU B 59 8.63 -24.90 8.61
C LEU B 59 9.55 -24.08 7.72
N ASN B 60 9.22 -22.80 7.49
CA ASN B 60 10.14 -21.90 6.80
C ASN B 60 11.42 -21.68 7.61
N HIS B 61 11.27 -21.42 8.90
CA HIS B 61 12.41 -21.16 9.79
C HIS B 61 13.37 -22.31 10.00
N ARG B 62 12.88 -23.53 9.80
CA ARG B 62 13.69 -24.74 9.73
C ARG B 62 14.61 -24.69 8.49
N LYS B 63 14.06 -24.25 7.35
CA LYS B 63 14.76 -24.23 6.04
C LYS B 63 15.85 -23.16 5.94
N ARG B 64 15.79 -22.16 6.83
CA ARG B 64 16.84 -21.16 6.94
C ARG B 64 18.09 -21.84 7.49
N TYR B 65 17.87 -22.92 8.26
CA TYR B 65 18.94 -23.72 8.85
C TYR B 65 19.31 -24.89 7.93
N SER B 66 20.45 -24.78 7.25
CA SER B 66 20.75 -25.69 6.14
C SER B 66 21.83 -26.78 6.35
N PRO B 67 22.01 -27.29 7.57
CA PRO B 67 22.50 -28.66 7.76
C PRO B 67 21.34 -29.67 8.04
N ASP B 68 20.13 -29.12 8.25
CA ASP B 68 18.87 -29.88 8.40
C ASP B 68 18.59 -30.49 9.80
N SER B 69 17.59 -29.93 10.49
CA SER B 69 17.48 -30.08 11.94
C SER B 69 16.16 -30.63 12.48
N GLN B 70 16.29 -31.52 13.45
CA GLN B 70 15.16 -32.02 14.21
C GLN B 70 14.57 -30.87 15.06
N ILE B 71 13.38 -30.42 14.66
CA ILE B 71 12.65 -29.37 15.35
C ILE B 71 11.57 -29.96 16.26
N LYS B 72 11.61 -29.59 17.54
CA LYS B 72 10.60 -29.98 18.53
C LYS B 72 10.19 -28.74 19.30
N VAL B 73 9.21 -27.98 18.78
CA VAL B 73 8.88 -26.69 19.39
C VAL B 73 7.47 -26.59 19.92
N TRP B 74 7.29 -25.68 20.89
CA TRP B 74 5.97 -25.20 21.29
C TRP B 74 5.91 -23.72 21.05
N TYR B 75 4.72 -23.22 20.76
CA TYR B 75 4.51 -21.79 20.57
C TYR B 75 3.27 -21.30 21.33
N ALA B 76 3.11 -19.96 21.36
CA ALA B 76 2.05 -19.23 22.02
C ALA B 76 2.00 -17.81 21.48
N ASP B 77 1.18 -17.61 20.46
CA ASP B 77 1.02 -16.32 19.83
C ASP B 77 -0.26 -16.21 18.99
N PHE B 78 -0.46 -15.03 18.42
CA PHE B 78 -1.57 -14.80 17.56
C PHE B 78 -1.32 -15.43 16.21
N VAL B 79 -2.37 -16.03 15.63
CA VAL B 79 -2.40 -16.48 14.23
C VAL B 79 -3.48 -15.65 13.59
N TYR B 80 -3.20 -15.03 12.45
CA TYR B 80 -4.09 -14.01 11.90
C TYR B 80 -4.85 -14.60 10.75
N ARG B 81 -6.02 -14.05 10.44
CA ARG B 81 -6.78 -14.54 9.28
C ARG B 81 -7.80 -13.51 8.86
N TYR B 82 -8.54 -13.82 7.81
CA TYR B 82 -9.50 -12.84 7.31
C TYR B 82 -10.91 -13.33 7.52
N SER B 83 -11.79 -12.46 8.00
CA SER B 83 -13.18 -12.83 8.16
C SER B 83 -13.89 -11.87 7.24
N GLY B 84 -14.15 -12.37 6.02
CA GLY B 84 -14.53 -11.50 4.91
C GLY B 84 -13.36 -10.58 4.58
N SER B 85 -13.46 -9.35 5.05
CA SER B 85 -12.46 -8.37 4.68
C SER B 85 -11.83 -7.65 5.90
N ASP B 86 -12.01 -8.22 7.09
CA ASP B 86 -11.33 -7.72 8.27
C ASP B 86 -10.28 -8.74 8.73
N LEU B 87 -9.12 -8.23 9.11
CA LEU B 87 -8.09 -9.07 9.70
C LEU B 87 -8.44 -9.36 11.15
N VAL B 88 -8.54 -10.62 11.50
CA VAL B 88 -8.76 -11.03 12.86
C VAL B 88 -7.61 -11.95 13.23
N ALA B 89 -7.44 -12.15 14.53
CA ALA B 89 -6.34 -12.92 15.07
C ALA B 89 -6.85 -13.79 16.21
N GLU B 90 -6.31 -14.99 16.31
CA GLU B 90 -6.71 -15.98 17.28
C GLU B 90 -5.46 -16.26 18.07
N TYR B 91 -5.57 -16.23 19.40
CA TYR B 91 -4.38 -16.56 20.17
C TYR B 91 -4.25 -18.07 20.33
N GLN B 92 -3.13 -18.64 19.87
CA GLN B 92 -2.98 -20.10 19.79
C GLN B 92 -1.85 -20.67 20.64
N LEU B 93 -2.10 -21.86 21.18
CA LEU B 93 -1.04 -22.63 21.79
C LEU B 93 -0.77 -23.81 20.92
N GLY B 94 0.50 -24.15 20.68
CA GLY B 94 0.77 -25.31 19.84
C GLY B 94 2.11 -25.99 19.88
N LEU B 95 2.16 -27.14 19.22
CA LEU B 95 3.35 -27.97 19.20
C LEU B 95 3.63 -28.31 17.76
N GLU B 96 4.87 -28.69 17.51
CA GLU B 96 5.33 -29.04 16.19
C GLU B 96 6.56 -29.95 16.39
N LYS B 97 6.47 -31.21 15.93
CA LYS B 97 7.64 -32.11 15.87
C LYS B 97 7.94 -32.56 14.43
N VAL B 98 9.08 -32.13 13.91
CA VAL B 98 9.52 -32.53 12.58
C VAL B 98 10.97 -32.93 12.72
N PRO B 99 11.30 -34.19 12.44
CA PRO B 99 10.42 -35.19 11.83
C PRO B 99 9.71 -36.12 12.81
N ARG B 100 8.53 -36.56 12.41
CA ARG B 100 7.77 -37.59 13.07
C ARG B 100 8.46 -38.89 12.74
N ASN B 101 8.98 -39.56 13.75
CA ASN B 101 9.71 -40.80 13.53
C ASN B 101 8.79 -42.03 13.71
N SER B 102 7.73 -41.85 14.49
CA SER B 102 6.82 -42.94 14.78
C SER B 102 5.47 -42.38 15.23
N LEU B 103 4.47 -43.26 15.33
CA LEU B 103 3.20 -42.90 15.92
C LEU B 103 3.40 -42.32 17.32
N ASP B 104 4.36 -42.90 18.07
CA ASP B 104 4.68 -42.47 19.42
C ASP B 104 4.93 -40.96 19.52
N ASP B 105 5.45 -40.38 18.43
CA ASP B 105 5.67 -38.93 18.33
C ASP B 105 4.37 -38.15 18.22
N SER B 106 3.42 -38.68 17.43
CA SER B 106 2.12 -38.07 17.25
C SER B 106 1.36 -38.19 18.53
N LEU B 107 1.44 -39.36 19.18
CA LEU B 107 0.77 -39.54 20.48
C LEU B 107 1.21 -38.57 21.59
N GLU B 108 2.50 -38.26 21.66
CA GLU B 108 3.04 -37.28 22.59
C GLU B 108 2.44 -35.89 22.35
N VAL B 109 2.35 -35.48 21.09
CA VAL B 109 1.65 -34.24 20.76
C VAL B 109 0.22 -34.31 21.26
N LEU B 110 -0.52 -35.33 20.84
CA LEU B 110 -1.92 -35.48 21.23
C LEU B 110 -2.04 -35.37 22.73
N GLU B 111 -1.11 -35.97 23.43
CA GLU B 111 -1.28 -36.14 24.84
C GLU B 111 -1.24 -34.78 25.51
N ILE B 112 -0.30 -33.93 25.10
CA ILE B 112 -0.22 -32.55 25.60
C ILE B 112 -1.43 -31.67 25.19
N ILE B 113 -1.83 -31.69 23.92
CA ILE B 113 -2.95 -30.87 23.46
C ILE B 113 -4.23 -31.30 24.20
N VAL B 114 -4.52 -32.61 24.21
CA VAL B 114 -5.72 -33.10 24.87
C VAL B 114 -5.68 -32.76 26.36
N GLU B 115 -4.58 -33.10 27.04
CA GLU B 115 -4.48 -32.82 28.48
C GLU B 115 -4.67 -31.33 28.74
N SER B 116 -4.06 -30.51 27.87
CA SER B 116 -4.22 -29.06 27.94
C SER B 116 -5.67 -28.64 27.74
N ALA B 117 -6.36 -29.28 26.81
CA ALA B 117 -7.72 -28.86 26.49
C ALA B 117 -8.70 -29.26 27.61
N SER B 118 -8.51 -30.45 28.14
CA SER B 118 -9.39 -30.89 29.20
C SER B 118 -9.15 -30.12 30.51
N GLU B 119 -8.05 -29.37 30.60
CA GLU B 119 -7.81 -28.55 31.79
C GLU B 119 -8.02 -27.04 31.53
N PHE B 120 -7.98 -26.62 30.28
CA PHE B 120 -8.24 -25.22 29.94
C PHE B 120 -9.71 -24.89 29.75
N PHE B 121 -10.51 -25.88 29.43
CA PHE B 121 -11.91 -25.64 29.17
C PHE B 121 -12.73 -26.41 30.15
N GLU B 122 -13.93 -25.91 30.46
CA GLU B 122 -14.70 -26.46 31.54
C GLU B 122 -15.20 -27.77 31.07
N GLY B 123 -15.69 -27.74 29.83
CA GLY B 123 -16.77 -28.62 29.43
C GLY B 123 -16.23 -29.98 29.31
N PRO B 124 -17.10 -30.97 29.36
CA PRO B 124 -16.71 -32.33 28.97
C PRO B 124 -16.24 -32.21 27.52
N VAL B 125 -14.98 -32.55 27.25
CA VAL B 125 -14.44 -32.35 25.92
C VAL B 125 -14.57 -33.61 25.06
N ILE B 126 -14.68 -33.41 23.75
CA ILE B 126 -14.71 -34.48 22.77
C ILE B 126 -13.45 -34.39 21.87
N VAL B 127 -12.70 -35.48 21.80
CA VAL B 127 -11.57 -35.62 20.86
C VAL B 127 -12.00 -36.48 19.67
N GLU B 128 -12.10 -35.85 18.52
CA GLU B 128 -12.59 -36.53 17.35
C GLU B 128 -11.37 -36.91 16.49
N ILE B 129 -11.17 -38.19 16.24
CA ILE B 129 -9.99 -38.66 15.50
C ILE B 129 -10.36 -39.04 14.07
N GLY B 130 -9.44 -38.81 13.16
CA GLY B 130 -9.68 -39.09 11.77
C GLY B 130 -8.38 -39.60 11.19
N HIS B 131 -8.44 -40.00 9.93
CA HIS B 131 -7.26 -40.43 9.24
C HIS B 131 -7.44 -40.20 7.78
N THR B 132 -6.44 -39.58 7.22
CA THR B 132 -6.49 -39.09 5.87
C THR B 132 -6.27 -40.24 4.88
N GLY B 133 -5.73 -41.37 5.37
CA GLY B 133 -5.42 -42.52 4.52
C GLY B 133 -6.64 -43.34 4.10
N VAL B 134 -7.83 -42.88 4.48
CA VAL B 134 -9.06 -43.57 4.12
C VAL B 134 -9.54 -43.28 2.68
N TYR B 135 -9.18 -42.11 2.14
CA TYR B 135 -9.84 -41.62 0.94
C TYR B 135 -9.43 -42.31 -0.36
N GLU B 136 -8.13 -42.54 -0.55
CA GLU B 136 -7.58 -43.19 -1.74
C GLU B 136 -8.31 -44.52 -1.95
N ASP B 137 -8.35 -45.29 -0.87
CA ASP B 137 -8.97 -46.59 -0.84
C ASP B 137 -10.44 -46.51 -1.17
N LEU B 138 -11.10 -45.47 -0.68
CA LEU B 138 -12.52 -45.26 -1.00
C LEU B 138 -12.79 -44.80 -2.46
N LEU B 139 -11.85 -43.99 -3.01
CA LEU B 139 -12.10 -43.24 -4.26
C LEU B 139 -12.13 -44.20 -5.45
N LYS B 140 -11.01 -44.84 -5.80
CA LYS B 140 -11.17 -45.76 -6.92
C LYS B 140 -11.84 -47.08 -6.46
N GLU B 141 -12.91 -47.15 -7.14
CA GLU B 141 -14.00 -48.09 -7.20
C GLU B 141 -15.03 -47.27 -7.96
N ILE B 142 -14.79 -45.97 -7.74
CA ILE B 142 -15.59 -44.84 -8.24
C ILE B 142 -14.89 -44.09 -9.38
N PRO B 143 -15.70 -43.71 -10.42
CA PRO B 143 -15.22 -42.96 -11.61
C PRO B 143 -14.43 -41.68 -11.38
N LYS B 144 -13.42 -41.44 -12.23
CA LYS B 144 -12.40 -40.38 -12.07
C LYS B 144 -12.92 -38.99 -11.70
N ASP B 145 -13.67 -38.34 -12.60
CA ASP B 145 -14.21 -37.00 -12.33
C ASP B 145 -15.64 -37.08 -11.77
N LEU B 146 -15.73 -37.93 -10.75
CA LEU B 146 -16.83 -37.99 -9.83
C LEU B 146 -16.18 -37.97 -8.44
N HIS B 147 -14.85 -37.86 -8.39
CA HIS B 147 -14.09 -37.84 -7.15
C HIS B 147 -14.24 -36.56 -6.38
N GLU B 148 -13.66 -35.47 -6.90
CA GLU B 148 -13.63 -34.18 -6.19
C GLU B 148 -15.02 -33.61 -6.29
N LYS B 149 -15.92 -34.25 -5.55
CA LYS B 149 -17.35 -34.01 -5.51
C LYS B 149 -17.95 -35.00 -4.54
N VAL B 150 -17.77 -36.30 -4.79
CA VAL B 150 -18.02 -37.21 -3.68
C VAL B 150 -17.11 -36.89 -2.48
N LEU B 151 -15.99 -36.20 -2.69
CA LEU B 151 -15.29 -35.73 -1.50
C LEU B 151 -16.08 -34.60 -0.80
N ASN B 152 -16.61 -33.66 -1.61
CA ASN B 152 -17.36 -32.55 -1.05
C ASN B 152 -18.57 -33.07 -0.26
N LEU B 153 -19.20 -34.08 -0.82
CA LEU B 153 -20.33 -34.72 -0.19
C LEU B 153 -19.98 -35.43 1.15
N ILE B 154 -18.87 -36.17 1.19
CA ILE B 154 -18.36 -36.78 2.41
C ILE B 154 -18.22 -35.66 3.45
N ASP B 155 -17.53 -34.62 3.02
CA ASP B 155 -17.12 -33.51 3.86
C ASP B 155 -18.34 -32.86 4.50
N THR B 156 -19.41 -32.91 3.74
CA THR B 156 -20.62 -32.22 4.01
C THR B 156 -21.66 -33.20 4.59
N LYS B 157 -21.24 -34.47 4.70
CA LYS B 157 -22.09 -35.56 5.16
C LYS B 157 -23.43 -35.58 4.43
N ASN B 158 -23.43 -35.04 3.21
CA ASN B 158 -24.56 -35.12 2.30
C ASN B 158 -24.90 -36.56 1.89
N LEU B 159 -25.41 -37.29 2.84
CA LEU B 159 -25.81 -38.65 2.65
C LEU B 159 -26.92 -38.79 1.61
N ALA B 160 -27.77 -37.78 1.53
CA ALA B 160 -28.91 -37.82 0.59
C ALA B 160 -28.51 -37.67 -0.89
N GLU B 161 -27.50 -36.84 -1.17
CA GLU B 161 -26.98 -36.67 -2.53
C GLU B 161 -26.15 -37.88 -2.94
N ILE B 162 -25.51 -38.51 -1.96
CA ILE B 162 -24.81 -39.75 -2.23
C ILE B 162 -25.79 -40.87 -2.63
N GLU B 163 -26.87 -41.05 -1.86
CA GLU B 163 -27.86 -42.07 -2.20
C GLU B 163 -28.46 -41.81 -3.59
N PHE B 164 -28.68 -40.54 -3.91
CA PHE B 164 -29.15 -40.09 -5.22
C PHE B 164 -28.07 -40.27 -6.30
N LEU B 165 -26.82 -39.97 -5.99
CA LEU B 165 -25.75 -40.24 -6.93
C LEU B 165 -25.63 -41.74 -7.23
N SER B 166 -25.89 -42.57 -6.21
CA SER B 166 -25.96 -44.03 -6.34
C SER B 166 -26.97 -44.57 -7.38
N HIS B 167 -27.83 -43.69 -7.92
CA HIS B 167 -28.85 -44.08 -8.89
C HIS B 167 -28.74 -43.32 -10.22
N MET B 168 -28.64 -41.99 -10.15
CA MET B 168 -28.56 -41.14 -11.35
C MET B 168 -27.30 -41.37 -12.17
N LYS B 169 -26.21 -41.74 -11.48
CA LYS B 169 -24.98 -42.14 -12.11
C LYS B 169 -24.62 -43.51 -11.55
N LYS B 170 -25.12 -44.55 -12.20
CA LYS B 170 -25.07 -45.93 -11.72
C LYS B 170 -23.68 -46.38 -11.23
N ILE B 171 -23.51 -46.43 -9.91
CA ILE B 171 -22.27 -46.86 -9.25
C ILE B 171 -22.63 -47.31 -7.85
N ASP B 172 -21.84 -48.21 -7.28
CA ASP B 172 -21.99 -48.51 -5.86
C ASP B 172 -21.12 -47.60 -4.96
N LEU B 173 -21.78 -46.80 -4.13
CA LEU B 173 -21.12 -45.95 -3.14
C LEU B 173 -21.55 -46.30 -1.68
N SER B 174 -22.00 -47.55 -1.51
CA SER B 174 -22.40 -48.12 -0.20
C SER B 174 -21.33 -48.02 0.90
N ARG B 175 -20.05 -48.23 0.56
CA ARG B 175 -19.02 -48.01 1.57
C ARG B 175 -18.73 -46.54 1.83
N VAL B 176 -19.13 -45.65 0.91
CA VAL B 176 -19.09 -44.21 1.18
C VAL B 176 -20.21 -43.90 2.19
N GLU B 177 -21.39 -44.43 1.90
CA GLU B 177 -22.55 -44.23 2.78
C GLU B 177 -22.27 -44.74 4.21
N LYS B 178 -21.44 -45.78 4.33
CA LYS B 178 -21.19 -46.40 5.62
C LYS B 178 -20.26 -45.52 6.48
N ILE B 179 -19.21 -45.01 5.83
CA ILE B 179 -18.31 -44.03 6.45
C ILE B 179 -19.09 -42.84 7.05
N ILE B 180 -19.96 -42.23 6.26
CA ILE B 180 -20.79 -41.12 6.74
C ILE B 180 -21.65 -41.59 7.94
N GLU B 181 -22.54 -42.54 7.69
CA GLU B 181 -23.40 -43.10 8.73
C GLU B 181 -22.62 -43.53 10.03
N ASP B 182 -21.42 -44.05 9.89
CA ASP B 182 -20.60 -44.38 11.04
C ASP B 182 -20.27 -43.16 11.83
N SER B 183 -19.96 -42.09 11.09
CA SER B 183 -19.50 -40.85 11.66
C SER B 183 -20.64 -40.18 12.43
N ILE B 184 -21.88 -40.63 12.16
CA ILE B 184 -23.02 -40.18 12.96
C ILE B 184 -23.34 -41.11 14.12
N TYR B 185 -23.46 -42.41 13.84
CA TYR B 185 -24.04 -43.38 14.78
C TYR B 185 -23.07 -44.32 15.49
N ARG B 186 -21.88 -44.55 14.93
CA ARG B 186 -20.92 -45.47 15.54
C ARG B 186 -19.50 -44.92 15.62
N ARG B 187 -19.38 -43.82 16.34
CA ARG B 187 -18.15 -43.06 16.48
C ARG B 187 -17.25 -43.57 17.61
N SER B 188 -17.78 -44.47 18.39
CA SER B 188 -17.01 -45.18 19.41
C SER B 188 -15.86 -45.99 18.77
N PRO B 189 -14.64 -45.90 19.34
CA PRO B 189 -13.47 -46.62 18.79
C PRO B 189 -13.71 -48.12 18.69
N GLU B 190 -14.63 -48.60 19.53
CA GLU B 190 -14.90 -50.01 19.63
C GLU B 190 -15.34 -50.52 18.27
N HIS B 191 -15.97 -49.64 17.47
CA HIS B 191 -16.51 -50.01 16.15
C HIS B 191 -15.42 -50.15 15.12
N LEU B 192 -14.19 -49.74 15.46
CA LEU B 192 -13.09 -49.76 14.47
C LEU B 192 -12.82 -51.13 13.83
N LYS B 193 -13.18 -52.22 14.50
CA LYS B 193 -13.05 -53.57 13.93
C LYS B 193 -14.18 -53.92 12.92
N THR B 194 -15.38 -53.44 13.18
CA THR B 194 -16.50 -53.47 12.23
C THR B 194 -16.13 -52.80 10.88
N MET B 195 -15.21 -51.83 10.91
CA MET B 195 -14.98 -50.96 9.76
C MET B 195 -14.06 -51.61 8.73
N ASP B 196 -14.45 -51.47 7.45
CA ASP B 196 -13.64 -51.86 6.29
C ASP B 196 -12.65 -50.74 6.07
N LEU B 197 -11.38 -50.99 6.42
CA LEU B 197 -10.35 -49.96 6.44
C LEU B 197 -8.97 -50.51 6.12
N PRO B 198 -8.20 -49.80 5.28
CA PRO B 198 -6.80 -50.18 5.04
C PRO B 198 -6.04 -50.42 6.34
N LEU B 199 -5.29 -51.53 6.38
CA LEU B 199 -4.71 -52.06 7.61
C LEU B 199 -3.98 -51.02 8.43
N SER B 200 -2.99 -50.38 7.82
CA SER B 200 -2.19 -49.35 8.49
C SER B 200 -3.05 -48.20 9.04
N VAL B 201 -4.11 -47.82 8.32
CA VAL B 201 -5.06 -46.81 8.81
C VAL B 201 -5.71 -47.28 10.13
N ARG B 202 -6.20 -48.51 10.11
CA ARG B 202 -6.84 -49.12 11.28
C ARG B 202 -5.92 -49.25 12.52
N GLU B 203 -4.67 -49.69 12.33
CA GLU B 203 -3.69 -49.75 13.44
C GLU B 203 -3.43 -48.38 14.07
N ASP B 204 -3.31 -47.38 13.21
CA ASP B 204 -3.15 -45.99 13.65
C ASP B 204 -4.36 -45.48 14.45
N LEU B 205 -5.56 -45.62 13.90
CA LEU B 205 -6.76 -45.24 14.64
C LEU B 205 -6.87 -46.00 16.00
N LEU B 206 -6.62 -47.31 15.98
CA LEU B 206 -6.76 -48.16 17.16
C LEU B 206 -5.80 -47.79 18.27
N SER B 207 -4.59 -47.41 17.88
CA SER B 207 -3.56 -47.12 18.88
C SER B 207 -3.79 -45.72 19.46
N ALA B 208 -4.27 -44.80 18.62
CA ALA B 208 -4.62 -43.46 19.08
C ALA B 208 -5.81 -43.52 20.06
N SER B 209 -6.95 -44.00 19.57
CA SER B 209 -8.13 -44.27 20.41
C SER B 209 -7.78 -44.87 21.78
N SER B 210 -7.02 -45.97 21.75
CA SER B 210 -6.57 -46.66 22.96
C SER B 210 -5.79 -45.74 23.86
N PHE B 211 -4.75 -45.19 23.30
CA PHE B 211 -3.88 -44.31 24.04
C PHE B 211 -4.70 -43.22 24.75
N LEU B 212 -5.56 -42.55 24.01
CA LEU B 212 -6.38 -41.46 24.56
C LEU B 212 -7.40 -41.98 25.61
N GLN B 213 -8.07 -43.06 25.28
CA GLN B 213 -9.09 -43.65 26.17
C GLN B 213 -8.50 -44.05 27.54
N GLU B 214 -7.36 -44.71 27.53
CA GLU B 214 -6.75 -45.16 28.78
C GLU B 214 -6.30 -43.99 29.68
N LYS B 215 -5.61 -43.05 29.06
CA LYS B 215 -5.05 -41.87 29.77
C LYS B 215 -6.12 -40.80 30.06
N PHE B 216 -7.17 -40.62 29.30
CA PHE B 216 -8.19 -39.60 29.57
C PHE B 216 -9.59 -40.19 29.72
N PRO B 217 -9.92 -40.72 30.89
CA PRO B 217 -11.22 -41.39 31.09
C PRO B 217 -12.44 -40.45 31.20
N THR B 218 -12.21 -39.13 31.25
CA THR B 218 -13.30 -38.14 31.28
C THR B 218 -13.46 -37.39 29.96
N VAL B 219 -12.70 -37.75 28.93
CA VAL B 219 -13.01 -37.20 27.61
C VAL B 219 -13.66 -38.32 26.79
N SER B 220 -14.55 -37.94 25.89
CA SER B 220 -15.16 -38.86 24.97
C SER B 220 -14.31 -38.85 23.67
N VAL B 221 -13.60 -39.96 23.42
CA VAL B 221 -12.83 -40.11 22.19
C VAL B 221 -13.71 -40.71 21.10
N GLU B 222 -13.87 -39.98 19.99
CA GLU B 222 -14.71 -40.50 18.92
C GLU B 222 -14.02 -40.51 17.55
N ILE B 223 -14.57 -41.31 16.68
CA ILE B 223 -13.93 -41.57 15.42
C ILE B 223 -14.81 -41.02 14.32
N ASP B 224 -14.24 -40.21 13.45
CA ASP B 224 -15.01 -39.59 12.34
C ASP B 224 -14.11 -39.40 11.12
N LEU B 225 -14.42 -40.14 10.08
CA LEU B 225 -13.62 -40.21 8.86
C LEU B 225 -14.13 -39.30 7.72
N THR B 226 -15.11 -38.45 8.08
CA THR B 226 -15.44 -37.47 7.05
C THR B 226 -14.33 -36.39 7.05
N LEU B 227 -14.69 -35.22 6.63
CA LEU B 227 -13.78 -34.05 6.50
C LEU B 227 -12.55 -34.44 5.65
N ALA B 228 -12.92 -34.52 4.38
CA ALA B 228 -12.06 -34.83 3.25
C ALA B 228 -11.15 -33.64 2.91
N ARG B 229 -11.57 -32.41 3.30
CA ARG B 229 -10.75 -31.20 2.98
C ARG B 229 -9.44 -31.20 3.74
N THR B 230 -9.24 -32.03 4.77
CA THR B 230 -7.92 -32.22 5.38
C THR B 230 -6.96 -32.98 4.45
N ILE B 231 -7.44 -33.40 3.27
CA ILE B 231 -6.67 -34.24 2.34
C ILE B 231 -5.48 -33.52 1.74
N GLU B 232 -5.72 -32.32 1.22
CA GLU B 232 -4.68 -31.59 0.52
C GLU B 232 -3.78 -30.83 1.52
N GLU B 233 -3.90 -31.14 2.80
CA GLU B 233 -3.12 -30.45 3.83
C GLU B 233 -2.55 -31.35 4.93
N TYR B 234 -3.15 -32.51 5.13
CA TYR B 234 -2.68 -33.43 6.16
C TYR B 234 -2.37 -34.78 5.53
N CYS B 235 -1.63 -35.62 6.26
CA CYS B 235 -1.25 -36.93 5.74
C CYS B 235 -1.01 -37.98 6.84
N GLY B 236 -2.10 -38.63 7.23
CA GLY B 236 -2.07 -39.56 8.36
C GLY B 236 -3.14 -39.13 9.32
N LEU B 237 -2.95 -39.40 10.61
CA LEU B 237 -4.04 -39.10 11.51
C LEU B 237 -4.28 -37.63 11.85
N ILE B 238 -5.53 -37.32 12.04
CA ILE B 238 -6.01 -35.97 12.18
C ILE B 238 -6.88 -35.92 13.44
N PHE B 239 -6.87 -34.81 14.15
CA PHE B 239 -7.71 -34.70 15.32
C PHE B 239 -8.33 -33.29 15.44
N THR B 240 -9.57 -33.24 15.92
CA THR B 240 -10.20 -31.99 16.33
C THR B 240 -10.71 -32.13 17.77
N ILE B 241 -10.80 -31.02 18.51
CA ILE B 241 -11.30 -31.09 19.90
C ILE B 241 -12.42 -30.09 20.12
N TYR B 242 -13.53 -30.57 20.68
CA TYR B 242 -14.68 -29.71 20.94
C TYR B 242 -14.98 -29.61 22.46
N ASP B 243 -15.36 -28.42 22.88
CA ASP B 243 -15.84 -28.26 24.24
C ASP B 243 -17.36 -28.23 24.20
N THR B 244 -18.03 -29.16 24.88
CA THR B 244 -19.47 -29.19 24.89
C THR B 244 -20.01 -27.99 25.69
N SER B 245 -19.19 -27.46 26.59
CA SER B 245 -19.57 -26.28 27.42
C SER B 245 -19.70 -24.97 26.65
N SER B 246 -18.59 -24.47 26.15
CA SER B 246 -18.57 -23.34 25.22
C SER B 246 -19.29 -23.64 23.90
N SER B 247 -19.67 -24.89 23.65
CA SER B 247 -20.03 -25.35 22.30
C SER B 247 -19.14 -24.71 21.24
N ARG B 248 -17.84 -25.02 21.31
CA ARG B 248 -16.88 -24.61 20.28
C ARG B 248 -15.77 -25.63 20.03
N LEU B 249 -15.19 -25.55 18.81
CA LEU B 249 -13.99 -26.27 18.41
C LEU B 249 -12.84 -25.60 19.10
N VAL B 250 -12.01 -26.38 19.76
CA VAL B 250 -11.10 -25.84 20.76
C VAL B 250 -9.62 -26.19 20.45
N ALA B 251 -9.40 -27.16 19.57
CA ALA B 251 -8.07 -27.64 19.28
C ALA B 251 -8.14 -28.42 17.98
N ALA B 252 -7.03 -28.51 17.25
CA ALA B 252 -6.95 -29.23 15.96
C ALA B 252 -5.50 -29.41 15.66
N GLY B 253 -5.16 -30.59 15.09
CA GLY B 253 -3.83 -30.94 14.74
C GLY B 253 -3.76 -32.12 13.81
N GLY B 254 -2.58 -32.71 13.61
CA GLY B 254 -2.46 -33.89 12.77
C GLY B 254 -1.11 -34.18 12.17
N GLU B 255 -1.01 -35.35 11.56
CA GLU B 255 0.18 -35.73 10.81
C GLU B 255 0.15 -35.12 9.40
N TYR B 256 1.33 -34.75 8.89
CA TYR B 256 1.48 -34.12 7.59
C TYR B 256 2.81 -34.48 6.98
N THR B 257 2.88 -34.31 5.66
CA THR B 257 4.09 -34.49 4.88
C THR B 257 4.47 -33.22 4.10
N VAL B 258 5.71 -32.76 4.24
CA VAL B 258 6.22 -31.68 3.37
C VAL B 258 7.49 -32.13 2.67
N ASN B 259 7.32 -32.60 1.44
CA ASN B 259 8.43 -33.14 0.65
C ASN B 259 9.25 -34.25 1.32
N GLY B 260 8.69 -35.47 1.36
CA GLY B 260 9.33 -36.62 1.97
C GLY B 260 9.65 -36.44 3.45
N GLU B 261 9.07 -35.38 4.00
CA GLU B 261 9.24 -34.95 5.36
C GLU B 261 7.97 -35.09 6.20
N LYS B 262 7.98 -36.06 7.11
CA LYS B 262 6.87 -36.28 8.02
C LYS B 262 6.97 -35.45 9.31
N GLY B 263 5.92 -34.70 9.62
CA GLY B 263 5.79 -34.04 10.91
C GLY B 263 4.40 -34.16 11.50
N VAL B 264 4.24 -33.79 12.77
CA VAL B 264 2.93 -33.70 13.44
C VAL B 264 2.90 -32.40 14.17
N GLY B 265 1.69 -31.91 14.40
CA GLY B 265 1.50 -30.67 15.11
C GLY B 265 0.10 -30.61 15.61
N GLY B 266 -0.14 -29.66 16.49
CA GLY B 266 -1.41 -29.50 17.14
C GLY B 266 -1.43 -28.09 17.65
N SER B 267 -2.64 -27.54 17.75
CA SER B 267 -2.93 -26.17 18.09
C SER B 267 -4.06 -26.18 19.08
N ILE B 268 -4.03 -25.26 20.02
CA ILE B 268 -5.19 -24.95 20.78
C ILE B 268 -5.61 -23.50 20.59
N PHE B 269 -6.92 -23.29 20.52
CA PHE B 269 -7.53 -21.96 20.46
C PHE B 269 -8.06 -21.42 21.80
N LEU B 270 -7.37 -20.46 22.43
CA LEU B 270 -8.01 -19.74 23.53
C LEU B 270 -8.70 -18.58 22.85
N GLU B 271 -8.00 -18.04 21.84
CA GLU B 271 -8.54 -17.19 20.77
C GLU B 271 -9.14 -15.85 21.19
N GLY B 272 -9.79 -15.18 20.23
CA GLY B 272 -10.47 -13.93 20.48
C GLY B 272 -9.92 -12.84 19.60
N LYS B 273 -9.93 -11.62 20.10
CA LYS B 273 -9.21 -10.45 19.54
C LYS B 273 -9.48 -10.00 18.08
N THR B 274 -9.62 -8.69 17.89
CA THR B 274 -9.87 -8.13 16.55
C THR B 274 -8.70 -7.23 16.20
N CYS B 275 -8.23 -7.33 14.97
CA CYS B 275 -7.02 -6.61 14.57
C CYS B 275 -7.37 -5.27 13.93
N MET C 1 5.55 26.75 -16.62
CA MET C 1 4.87 25.94 -15.57
C MET C 1 4.27 24.68 -16.15
N ASP C 2 5.07 23.61 -16.10
CA ASP C 2 4.72 22.36 -16.75
C ASP C 2 4.20 22.63 -18.18
N PHE C 3 4.95 23.49 -18.85
CA PHE C 3 4.72 23.83 -20.24
C PHE C 3 4.90 22.56 -21.04
N LEU C 4 4.20 22.49 -22.15
CA LEU C 4 4.38 21.45 -23.14
C LEU C 4 4.30 22.14 -24.52
N ASP C 5 5.31 21.92 -25.35
CA ASP C 5 5.30 22.43 -26.71
C ASP C 5 4.16 21.77 -27.49
N PHE C 6 2.98 22.38 -27.41
CA PHE C 6 1.76 21.76 -27.91
C PHE C 6 1.57 21.89 -29.40
N GLU C 7 2.26 22.86 -30.02
CA GLU C 7 2.27 23.00 -31.49
C GLU C 7 2.79 21.73 -32.12
N LYS C 8 3.78 21.14 -31.47
CA LYS C 8 4.38 19.91 -31.97
C LYS C 8 3.34 18.83 -31.97
N VAL C 9 2.53 18.76 -30.90
CA VAL C 9 1.45 17.75 -30.88
C VAL C 9 0.45 18.02 -32.01
N PHE C 10 0.10 19.29 -32.20
CA PHE C 10 -0.76 19.68 -33.30
C PHE C 10 -0.18 19.23 -34.65
N SER C 11 1.14 19.45 -34.81
CA SER C 11 1.79 19.23 -36.09
C SER C 11 1.83 17.74 -36.40
N PHE C 12 2.14 16.95 -35.37
CA PHE C 12 2.08 15.49 -35.41
C PHE C 12 0.68 15.01 -35.70
N TYR C 13 -0.33 15.65 -35.08
CA TYR C 13 -1.72 15.31 -35.36
C TYR C 13 -2.02 15.56 -36.84
N SER C 14 -1.63 16.74 -37.33
CA SER C 14 -1.92 17.09 -38.72
C SER C 14 -1.26 16.09 -39.68
N LYS C 15 -0.06 15.64 -39.35
CA LYS C 15 0.64 14.67 -40.19
C LYS C 15 -0.03 13.29 -40.14
N ALA C 16 -0.38 12.80 -38.94
CA ALA C 16 -1.08 11.52 -38.77
C ALA C 16 -2.49 11.49 -39.41
N THR C 17 -3.31 12.52 -39.15
CA THR C 17 -4.67 12.48 -39.70
C THR C 17 -4.64 12.64 -41.22
N LYS C 18 -3.53 13.17 -41.76
CA LYS C 18 -3.45 13.41 -43.20
C LYS C 18 -3.33 12.06 -43.89
N LYS C 19 -3.17 11.04 -43.07
CA LYS C 19 -2.95 9.69 -43.54
C LYS C 19 -3.87 8.68 -42.86
N GLY C 20 -4.99 9.16 -42.33
CA GLY C 20 -6.02 8.29 -41.79
C GLY C 20 -5.67 7.64 -40.46
N PHE C 21 -4.75 8.26 -39.74
CA PHE C 21 -4.52 7.88 -38.38
C PHE C 21 -5.55 8.64 -37.54
N SER C 22 -6.19 7.91 -36.64
CA SER C 22 -7.27 8.39 -35.77
C SER C 22 -6.69 8.56 -34.36
N PRO C 23 -7.40 9.25 -33.48
CA PRO C 23 -6.93 9.46 -32.11
C PRO C 23 -7.07 8.26 -31.19
N PHE C 24 -6.28 8.25 -30.13
CA PHE C 24 -6.29 7.18 -29.14
C PHE C 24 -5.87 7.76 -27.76
N PHE C 25 -6.83 7.91 -26.86
CA PHE C 25 -6.55 8.43 -25.53
C PHE C 25 -7.23 7.58 -24.51
N VAL C 26 -6.45 7.04 -23.59
CA VAL C 26 -7.01 6.22 -22.48
C VAL C 26 -6.34 6.59 -21.16
N PRO C 27 -7.02 6.42 -20.02
CA PRO C 27 -6.40 6.75 -18.73
C PRO C 27 -5.07 6.01 -18.61
N ALA C 28 -4.11 6.58 -17.89
CA ALA C 28 -2.82 5.90 -17.71
C ALA C 28 -2.92 4.71 -16.76
N LEU C 29 -3.80 4.78 -15.79
CA LEU C 29 -3.86 3.71 -14.83
C LEU C 29 -4.84 2.66 -15.28
N GLU C 30 -4.57 1.41 -14.92
CA GLU C 30 -5.36 0.29 -15.35
C GLU C 30 -5.54 -0.70 -14.22
N LYS C 31 -6.71 -1.32 -14.14
CA LYS C 31 -7.03 -2.34 -13.14
C LYS C 31 -6.32 -3.66 -13.47
N ALA C 32 -5.57 -4.14 -12.52
CA ALA C 32 -4.87 -5.41 -12.65
C ALA C 32 -5.56 -6.36 -11.70
N GLU C 33 -5.33 -7.62 -11.88
CA GLU C 33 -5.96 -8.59 -11.00
C GLU C 33 -4.85 -9.33 -10.25
N GLU C 34 -3.74 -9.57 -10.92
CA GLU C 34 -2.59 -10.24 -10.28
C GLU C 34 -1.42 -9.23 -10.19
N PRO C 35 -0.70 -9.22 -9.05
CA PRO C 35 0.46 -8.33 -8.83
C PRO C 35 1.68 -8.67 -9.70
N ALA C 36 2.09 -7.70 -10.50
CA ALA C 36 3.10 -7.90 -11.54
C ALA C 36 4.34 -7.00 -11.35
N GLY C 37 4.97 -7.08 -10.17
CA GLY C 37 6.14 -6.26 -9.89
C GLY C 37 5.84 -4.77 -9.87
N ASN C 38 5.67 -4.17 -11.05
CA ASN C 38 5.42 -2.73 -11.20
C ASN C 38 3.97 -2.35 -11.05
N PHE C 39 3.40 -2.64 -9.88
CA PHE C 39 2.01 -2.38 -9.62
C PHE C 39 1.84 -1.27 -8.56
N PHE C 40 0.60 -0.85 -8.37
CA PHE C 40 0.29 0.14 -7.35
C PHE C 40 -0.88 -0.37 -6.56
N LEU C 41 -0.79 -0.21 -5.25
CA LEU C 41 -1.84 -0.62 -4.35
C LEU C 41 -2.53 0.63 -3.82
N ASP C 42 -3.85 0.61 -3.90
CA ASP C 42 -4.64 1.75 -3.51
C ASP C 42 -5.27 1.52 -2.15
N ARG C 43 -5.76 2.60 -1.55
CA ARG C 43 -6.36 2.58 -0.24
C ARG C 43 -7.71 1.83 -0.25
N LYS C 44 -8.24 1.57 -1.43
CA LYS C 44 -9.55 0.89 -1.56
C LYS C 44 -9.35 -0.60 -1.67
N GLY C 45 -8.15 -1.03 -2.01
CA GLY C 45 -7.85 -2.43 -2.24
C GLY C 45 -7.60 -2.79 -3.69
N ASN C 46 -7.88 -1.89 -4.63
CA ASN C 46 -7.60 -2.22 -6.03
C ASN C 46 -6.11 -2.23 -6.29
N LEU C 47 -5.74 -2.90 -7.35
CA LEU C 47 -4.35 -3.04 -7.69
C LEU C 47 -4.20 -2.57 -9.11
N PHE C 48 -3.25 -1.68 -9.37
CA PHE C 48 -3.16 -1.17 -10.72
C PHE C 48 -1.82 -1.36 -11.39
N SER C 49 -1.86 -1.06 -12.69
CA SER C 49 -0.77 -1.14 -13.59
C SER C 49 -0.74 0.22 -14.21
N ILE C 50 0.44 0.76 -14.48
CA ILE C 50 0.54 2.06 -15.13
C ILE C 50 1.07 1.96 -16.54
N ARG C 51 0.54 2.77 -17.44
CA ARG C 51 0.94 2.72 -18.83
C ARG C 51 2.47 2.83 -19.04
N GLU C 52 3.06 1.76 -19.57
CA GLU C 52 4.50 1.69 -19.71
C GLU C 52 4.92 1.52 -21.15
N ASP C 53 3.97 1.18 -21.99
CA ASP C 53 4.18 0.87 -23.39
C ASP C 53 2.85 1.05 -24.10
N PHE C 54 2.80 1.93 -25.10
CA PHE C 54 1.55 2.19 -25.77
C PHE C 54 1.08 1.07 -26.68
N THR C 55 2.00 0.40 -27.34
CA THR C 55 1.55 -0.65 -28.25
C THR C 55 0.77 -1.75 -27.49
N LYS C 56 1.25 -2.16 -26.31
CA LYS C 56 0.46 -3.10 -25.49
C LYS C 56 -0.95 -2.57 -25.19
N THR C 57 -1.02 -1.36 -24.64
CA THR C 57 -2.28 -0.65 -24.42
C THR C 57 -3.18 -0.62 -25.64
N VAL C 58 -2.68 -0.19 -26.81
CA VAL C 58 -3.48 -0.19 -28.04
C VAL C 58 -4.06 -1.60 -28.38
N LEU C 59 -3.26 -2.64 -28.17
CA LEU C 59 -3.76 -4.00 -28.46
C LEU C 59 -4.88 -4.41 -27.54
N ASN C 60 -4.59 -4.49 -26.23
CA ASN C 60 -5.61 -4.93 -25.24
C ASN C 60 -6.83 -4.10 -25.42
N HIS C 61 -6.58 -2.83 -25.38
CA HIS C 61 -7.63 -1.87 -25.04
C HIS C 61 -8.82 -2.02 -25.95
N ARG C 62 -8.82 -1.22 -26.96
CA ARG C 62 -9.92 -1.19 -27.86
C ARG C 62 -10.00 -2.36 -28.81
N LYS C 63 -9.01 -2.45 -29.57
CA LYS C 63 -9.10 -3.40 -30.67
C LYS C 63 -10.35 -4.25 -30.55
N ARG C 64 -11.20 -3.78 -31.31
CA ARG C 64 -12.53 -4.29 -31.41
C ARG C 64 -12.62 -5.85 -31.33
N TYR C 65 -11.99 -6.38 -30.29
CA TYR C 65 -11.97 -7.84 -29.95
C TYR C 65 -12.51 -8.74 -31.11
N SER C 66 -13.83 -8.82 -31.18
CA SER C 66 -14.55 -9.64 -32.18
C SER C 66 -14.23 -9.15 -33.60
N PRO C 67 -15.15 -9.29 -34.66
CA PRO C 67 -14.78 -8.97 -36.07
C PRO C 67 -14.45 -7.49 -36.35
N GLU C 68 -13.73 -7.20 -37.37
CA GLU C 68 -13.61 -5.96 -38.11
C GLU C 68 -12.24 -5.16 -37.97
N SER C 69 -11.62 -5.29 -39.08
CA SER C 69 -10.46 -4.60 -39.66
C SER C 69 -9.26 -3.92 -38.89
N GLN C 70 -8.78 -2.96 -39.66
CA GLN C 70 -7.61 -2.12 -39.45
C GLN C 70 -7.80 -1.00 -38.43
N ILE C 71 -6.82 -0.83 -37.57
CA ILE C 71 -6.86 0.33 -36.69
C ILE C 71 -5.58 1.14 -36.93
N LYS C 72 -5.82 2.38 -37.28
CA LYS C 72 -4.72 3.30 -37.31
C LYS C 72 -4.89 4.02 -36.03
N VAL C 73 -3.91 4.77 -35.59
CA VAL C 73 -4.10 5.62 -34.43
C VAL C 73 -2.84 6.35 -34.19
N TRP C 74 -2.99 7.59 -33.72
CA TRP C 74 -1.88 8.35 -33.13
C TRP C 74 -2.21 8.60 -31.68
N TYR C 75 -1.20 8.83 -30.85
CA TYR C 75 -1.46 9.17 -29.44
C TYR C 75 -0.49 10.26 -28.95
N ALA C 76 -0.88 10.97 -27.89
CA ALA C 76 0.00 11.92 -27.24
C ALA C 76 -0.29 11.86 -25.76
N ASP C 77 0.69 11.39 -25.00
CA ASP C 77 0.47 11.19 -23.58
C ASP C 77 1.70 10.74 -22.86
N PHE C 78 1.63 10.75 -21.53
CA PHE C 78 2.72 10.30 -20.71
C PHE C 78 2.85 8.79 -20.76
N VAL C 79 4.06 8.31 -20.97
CA VAL C 79 4.37 6.91 -20.73
C VAL C 79 5.29 6.91 -19.48
N TYR C 80 5.07 5.98 -18.54
CA TYR C 80 5.76 5.97 -17.25
C TYR C 80 6.75 4.80 -17.22
N ARG C 81 7.81 4.96 -16.43
CA ARG C 81 8.87 3.97 -16.29
C ARG C 81 9.56 4.30 -14.99
N TYR C 82 10.37 3.36 -14.49
CA TYR C 82 11.16 3.57 -13.28
C TYR C 82 12.63 3.89 -13.60
N SER C 83 13.15 4.99 -13.06
CA SER C 83 14.59 5.24 -13.07
C SER C 83 15.12 5.02 -11.64
N GLY C 84 15.81 3.91 -11.47
CA GLY C 84 16.10 3.38 -10.16
C GLY C 84 14.82 3.21 -9.36
N SER C 85 14.71 3.93 -8.25
CA SER C 85 13.50 3.87 -7.49
C SER C 85 12.56 5.11 -7.68
N ASP C 86 12.74 5.86 -8.78
CA ASP C 86 11.87 7.02 -9.04
C ASP C 86 10.86 6.72 -10.15
N LEU C 87 9.65 7.25 -10.04
CA LEU C 87 8.72 7.14 -11.14
C LEU C 87 8.91 8.29 -12.12
N VAL C 88 9.19 8.02 -13.38
CA VAL C 88 9.32 9.14 -14.32
C VAL C 88 8.44 8.93 -15.51
N ALA C 89 8.20 10.00 -16.25
CA ALA C 89 7.20 9.94 -17.27
C ALA C 89 7.74 10.62 -18.51
N GLU C 90 7.53 9.98 -19.66
CA GLU C 90 7.88 10.55 -20.94
C GLU C 90 6.63 10.90 -21.68
N TYR C 91 6.48 12.17 -22.06
CA TYR C 91 5.40 12.53 -22.95
C TYR C 91 5.77 12.05 -24.35
N GLN C 92 5.08 11.04 -24.85
CA GLN C 92 5.38 10.50 -26.19
C GLN C 92 4.31 10.85 -27.21
N LEU C 93 4.75 11.00 -28.44
CA LEU C 93 3.87 11.09 -29.60
C LEU C 93 4.10 9.82 -30.43
N GLY C 94 3.06 9.08 -30.73
CA GLY C 94 3.29 7.90 -31.51
C GLY C 94 2.14 7.42 -32.32
N LEU C 95 2.42 6.35 -33.06
CA LEU C 95 1.57 5.83 -34.11
C LEU C 95 1.44 4.35 -33.91
N GLU C 96 0.27 3.82 -34.10
CA GLU C 96 0.19 2.38 -34.14
C GLU C 96 -0.64 2.00 -35.31
N LYS C 97 -0.15 1.02 -36.04
CA LYS C 97 -0.92 0.54 -37.20
C LYS C 97 -0.91 -0.95 -37.15
N VAL C 98 -1.99 -1.53 -36.67
CA VAL C 98 -2.07 -2.97 -36.63
C VAL C 98 -3.35 -3.30 -37.31
N PRO C 99 -3.37 -4.20 -38.30
CA PRO C 99 -2.34 -5.06 -38.92
C PRO C 99 -1.24 -4.42 -39.80
N ARG C 100 -0.11 -5.14 -39.73
CA ARG C 100 1.07 -4.91 -40.58
C ARG C 100 0.91 -5.83 -41.76
N ASN C 101 0.34 -5.33 -42.83
CA ASN C 101 0.10 -6.16 -44.01
C ASN C 101 1.34 -6.34 -44.86
N SER C 102 2.18 -5.31 -44.91
CA SER C 102 3.33 -5.28 -45.78
C SER C 102 4.33 -4.23 -45.24
N LEU C 103 5.52 -4.22 -45.81
CA LEU C 103 6.53 -3.27 -45.46
C LEU C 103 6.00 -1.86 -45.67
N ASP C 104 5.07 -1.71 -46.63
CA ASP C 104 4.38 -0.43 -46.90
C ASP C 104 3.79 0.23 -45.65
N ASP C 105 3.11 -0.55 -44.82
CA ASP C 105 2.61 -0.07 -43.51
C ASP C 105 3.74 0.41 -42.61
N SER C 106 4.91 -0.21 -42.68
CA SER C 106 6.01 0.21 -41.82
C SER C 106 6.63 1.48 -42.32
N LEU C 107 6.75 1.58 -43.64
CA LEU C 107 7.24 2.80 -44.27
C LEU C 107 6.28 4.01 -44.16
N GLU C 108 5.01 3.74 -43.95
CA GLU C 108 4.07 4.85 -43.72
C GLU C 108 4.27 5.40 -42.30
N VAL C 109 4.50 4.51 -41.31
CA VAL C 109 4.72 4.96 -39.93
C VAL C 109 6.06 5.70 -39.90
N LEU C 110 7.11 5.03 -40.38
CA LEU C 110 8.41 5.62 -40.42
C LEU C 110 8.36 6.99 -41.09
N GLU C 111 7.57 7.16 -42.13
CA GLU C 111 7.62 8.37 -42.91
C GLU C 111 7.12 9.52 -42.01
N ILE C 112 6.16 9.22 -41.16
CA ILE C 112 5.54 10.27 -40.37
C ILE C 112 6.43 10.67 -39.20
N ILE C 113 6.92 9.65 -38.48
CA ILE C 113 7.80 9.83 -37.36
C ILE C 113 9.11 10.53 -37.77
N VAL C 114 9.71 10.09 -38.88
CA VAL C 114 11.01 10.62 -39.33
C VAL C 114 10.75 12.06 -39.82
N GLU C 115 9.58 12.28 -40.43
CA GLU C 115 9.24 13.63 -40.89
C GLU C 115 9.06 14.52 -39.69
N SER C 116 8.53 13.97 -38.59
CA SER C 116 8.27 14.80 -37.43
C SER C 116 9.58 15.13 -36.69
N ALA C 117 10.49 14.16 -36.70
CA ALA C 117 11.81 14.27 -36.11
C ALA C 117 12.63 15.35 -36.82
N SER C 118 12.68 15.30 -38.13
CA SER C 118 13.49 16.34 -38.80
C SER C 118 12.92 17.77 -38.65
N GLU C 119 11.66 17.85 -38.27
CA GLU C 119 10.98 19.12 -38.12
C GLU C 119 11.10 19.65 -36.71
N PHE C 120 11.08 18.74 -35.72
CA PHE C 120 11.18 19.05 -34.30
C PHE C 120 12.60 19.23 -33.75
N PHE C 121 13.62 18.68 -34.40
CA PHE C 121 14.96 18.74 -33.85
C PHE C 121 15.91 19.38 -34.82
N GLU C 122 16.83 20.15 -34.26
CA GLU C 122 17.39 21.28 -34.94
C GLU C 122 18.86 21.03 -35.09
N GLY C 123 19.20 19.93 -35.79
CA GLY C 123 20.56 19.39 -35.72
C GLY C 123 20.54 17.97 -36.21
N PRO C 124 21.61 17.54 -36.88
CA PRO C 124 21.54 16.43 -37.88
C PRO C 124 20.96 15.16 -37.28
N VAL C 125 19.97 14.61 -37.97
CA VAL C 125 19.20 13.54 -37.43
C VAL C 125 19.66 12.24 -38.01
N ILE C 126 19.82 11.26 -37.13
CA ILE C 126 20.25 9.93 -37.56
C ILE C 126 19.14 8.92 -37.40
N VAL C 127 18.80 8.24 -38.49
CA VAL C 127 17.82 7.18 -38.51
C VAL C 127 18.55 5.83 -38.66
N GLU C 128 18.69 5.16 -37.53
CA GLU C 128 19.34 3.86 -37.49
C GLU C 128 18.36 2.67 -37.69
N ILE C 129 18.61 1.85 -38.70
CA ILE C 129 17.72 0.72 -38.96
C ILE C 129 18.38 -0.58 -38.59
N GLY C 130 17.59 -1.49 -38.03
CA GLY C 130 18.03 -2.85 -37.72
C GLY C 130 16.90 -3.80 -38.09
N HIS C 131 17.16 -5.08 -37.97
CA HIS C 131 16.17 -6.08 -38.23
C HIS C 131 16.32 -7.20 -37.23
N THR C 132 15.29 -7.42 -36.45
CA THR C 132 15.27 -8.48 -35.45
C THR C 132 15.56 -9.86 -36.07
N GLY C 133 15.30 -9.99 -37.36
CA GLY C 133 15.57 -11.21 -38.11
C GLY C 133 16.92 -11.76 -37.77
N LEU C 134 17.93 -11.44 -38.56
CA LEU C 134 19.31 -11.90 -38.32
C LEU C 134 19.79 -12.18 -36.89
N TYR C 135 19.16 -13.06 -36.15
CA TYR C 135 19.70 -13.41 -34.84
C TYR C 135 19.63 -14.88 -34.78
N GLU C 136 18.44 -15.41 -35.02
CA GLU C 136 18.21 -16.83 -35.19
C GLU C 136 19.25 -17.36 -36.17
N ASP C 137 19.65 -16.52 -37.14
CA ASP C 137 20.64 -16.90 -38.16
C ASP C 137 22.08 -17.04 -37.61
N LEU C 138 22.69 -15.97 -37.08
CA LEU C 138 23.86 -16.10 -36.19
C LEU C 138 23.33 -16.86 -35.00
N LEU C 139 24.13 -17.63 -34.31
CA LEU C 139 23.56 -18.41 -33.20
C LEU C 139 23.17 -19.75 -33.74
N LYS C 140 22.79 -19.75 -35.03
CA LYS C 140 22.64 -20.96 -35.82
C LYS C 140 23.46 -22.09 -35.24
N GLU C 141 24.78 -21.89 -35.15
CA GLU C 141 25.70 -22.94 -34.72
C GLU C 141 26.41 -22.75 -33.37
N ILE C 142 26.26 -21.58 -32.77
CA ILE C 142 26.75 -21.34 -31.42
C ILE C 142 25.93 -22.21 -30.46
N PRO C 143 26.57 -22.98 -29.58
CA PRO C 143 25.84 -23.78 -28.57
C PRO C 143 24.79 -22.95 -27.79
N LYS C 144 23.71 -23.59 -27.35
CA LYS C 144 22.58 -22.86 -26.77
C LYS C 144 22.93 -22.13 -25.48
N ASP C 145 23.82 -22.72 -24.66
CA ASP C 145 24.18 -22.14 -23.37
C ASP C 145 25.03 -20.88 -23.51
N LEU C 146 25.38 -20.54 -24.74
CA LEU C 146 26.14 -19.34 -24.99
C LEU C 146 25.33 -18.22 -25.62
N HIS C 147 24.07 -18.46 -25.91
CA HIS C 147 23.28 -17.52 -26.72
C HIS C 147 23.01 -16.23 -25.94
N GLU C 148 22.67 -16.38 -24.68
CA GLU C 148 22.36 -15.25 -23.80
C GLU C 148 23.50 -14.24 -23.77
N LYS C 149 24.66 -14.70 -23.36
CA LYS C 149 25.84 -13.83 -23.21
C LYS C 149 26.31 -13.28 -24.59
N VAL C 150 26.32 -14.10 -25.64
CA VAL C 150 26.74 -13.60 -26.98
C VAL C 150 25.80 -12.45 -27.40
N LEU C 151 24.51 -12.57 -27.05
CA LEU C 151 23.54 -11.52 -27.41
C LEU C 151 23.87 -10.23 -26.62
N ASN C 152 24.19 -10.37 -25.33
CA ASN C 152 24.56 -9.20 -24.49
C ASN C 152 25.84 -8.57 -25.06
N LEU C 153 26.81 -9.45 -25.43
CA LEU C 153 28.08 -9.05 -25.99
C LEU C 153 27.89 -8.29 -27.30
N ILE C 154 27.01 -8.78 -28.16
CA ILE C 154 26.70 -8.06 -29.40
C ILE C 154 25.95 -6.72 -29.08
N ASP C 155 25.12 -6.77 -28.04
CA ASP C 155 24.41 -5.59 -27.57
C ASP C 155 25.34 -4.47 -27.11
N THR C 156 26.38 -4.83 -26.39
CA THR C 156 27.28 -3.83 -25.88
C THR C 156 28.52 -3.66 -26.76
N LYS C 157 28.53 -4.36 -27.89
CA LYS C 157 29.55 -4.19 -28.92
C LYS C 157 30.89 -4.64 -28.37
N ASN C 158 30.83 -5.54 -27.41
CA ASN C 158 32.00 -6.09 -26.76
C ASN C 158 32.72 -7.07 -27.68
N LEU C 159 33.26 -6.55 -28.76
CA LEU C 159 34.15 -7.28 -29.63
C LEU C 159 35.32 -7.98 -28.90
N ALA C 160 35.91 -7.34 -27.89
CA ALA C 160 37.04 -7.96 -27.18
C ALA C 160 36.68 -9.28 -26.45
N GLU C 161 35.62 -9.23 -25.65
CA GLU C 161 35.04 -10.40 -24.97
C GLU C 161 34.63 -11.51 -25.93
N ILE C 162 34.19 -11.15 -27.14
CA ILE C 162 33.75 -12.16 -28.09
C ILE C 162 34.98 -12.88 -28.64
N GLU C 163 36.06 -12.13 -28.85
CA GLU C 163 37.25 -12.72 -29.45
C GLU C 163 37.92 -13.54 -28.40
N PHE C 164 37.74 -13.13 -27.15
CA PHE C 164 38.29 -13.90 -26.05
C PHE C 164 37.48 -15.21 -25.92
N LEU C 165 36.15 -15.07 -25.89
CA LEU C 165 35.20 -16.19 -25.94
C LEU C 165 35.54 -17.17 -27.05
N SER C 166 35.51 -16.68 -28.29
CA SER C 166 35.90 -17.46 -29.43
C SER C 166 37.07 -18.36 -29.09
N HIS C 167 38.15 -17.78 -28.56
CA HIS C 167 39.42 -18.49 -28.30
C HIS C 167 39.31 -19.44 -27.11
N MET C 168 38.63 -19.00 -26.06
CA MET C 168 38.51 -19.80 -24.85
C MET C 168 37.54 -20.99 -25.01
N LYS C 169 36.54 -20.80 -25.87
CA LYS C 169 35.50 -21.78 -26.15
C LYS C 169 35.77 -22.53 -27.47
N LYS C 170 36.89 -22.16 -28.12
CA LYS C 170 37.30 -22.71 -29.43
C LYS C 170 36.12 -22.78 -30.36
N ILE C 171 35.49 -21.65 -30.57
CA ILE C 171 34.33 -21.56 -31.43
C ILE C 171 34.53 -20.42 -32.41
N ASP C 172 34.09 -20.62 -33.64
CA ASP C 172 34.07 -19.56 -34.64
C ASP C 172 32.90 -18.63 -34.41
N LEU C 173 33.19 -17.37 -34.12
CA LEU C 173 32.17 -16.33 -33.95
C LEU C 173 32.43 -15.15 -34.91
N SER C 174 33.27 -15.42 -35.91
CA SER C 174 33.58 -14.42 -36.93
C SER C 174 32.30 -13.76 -37.50
N ARG C 175 31.21 -14.53 -37.65
CA ARG C 175 29.98 -13.97 -38.21
C ARG C 175 29.39 -12.90 -37.27
N VAL C 176 29.50 -13.15 -35.96
CA VAL C 176 29.04 -12.23 -34.95
C VAL C 176 30.04 -11.09 -35.01
N GLU C 177 31.34 -11.40 -35.06
CA GLU C 177 32.35 -10.33 -35.12
C GLU C 177 32.10 -9.32 -36.24
N LYS C 178 31.81 -9.83 -37.44
CA LYS C 178 31.60 -8.99 -38.58
C LYS C 178 30.42 -8.04 -38.38
N ILE C 179 29.37 -8.52 -37.73
CA ILE C 179 28.19 -7.71 -37.49
C ILE C 179 28.51 -6.52 -36.58
N ILE C 180 29.21 -6.77 -35.49
CA ILE C 180 29.61 -5.68 -34.64
C ILE C 180 30.47 -4.69 -35.43
N GLU C 181 31.42 -5.21 -36.20
CA GLU C 181 32.37 -4.36 -36.92
C GLU C 181 31.62 -3.53 -37.92
N ASP C 182 30.68 -4.15 -38.64
CA ASP C 182 29.88 -3.43 -39.63
C ASP C 182 29.09 -2.31 -39.03
N SER C 183 28.66 -2.48 -37.76
CA SER C 183 27.78 -1.55 -37.08
C SER C 183 28.59 -0.31 -36.72
N ILE C 184 29.91 -0.44 -36.88
CA ILE C 184 30.89 0.64 -36.68
C ILE C 184 31.37 1.24 -38.02
N TYR C 185 31.73 0.39 -38.98
CA TYR C 185 32.43 0.85 -40.18
C TYR C 185 31.66 0.75 -41.48
N ARG C 186 30.55 0.02 -41.49
CA ARG C 186 29.78 -0.25 -42.72
C ARG C 186 28.33 -0.03 -42.43
N ARG C 187 27.98 1.19 -42.06
CA ARG C 187 26.62 1.56 -41.67
C ARG C 187 25.81 2.15 -42.83
N SER C 188 26.51 2.46 -43.93
CA SER C 188 25.83 2.96 -45.10
C SER C 188 25.01 1.81 -45.69
N PRO C 189 23.77 2.07 -46.09
CA PRO C 189 22.91 1.03 -46.70
C PRO C 189 23.50 0.39 -47.92
N GLU C 190 24.49 1.04 -48.51
CA GLU C 190 25.06 0.59 -49.78
C GLU C 190 25.94 -0.64 -49.57
N HIS C 191 26.01 -1.14 -48.33
CA HIS C 191 26.74 -2.35 -47.97
C HIS C 191 25.84 -3.55 -47.78
N LEU C 192 24.54 -3.32 -47.76
CA LEU C 192 23.55 -4.41 -47.52
C LEU C 192 23.74 -5.56 -48.49
N LYS C 193 24.06 -5.25 -49.74
CA LYS C 193 24.40 -6.27 -50.76
C LYS C 193 25.61 -7.11 -50.37
N THR C 194 26.56 -6.50 -49.68
CA THR C 194 27.82 -7.13 -49.26
C THR C 194 27.65 -7.92 -47.95
N MET C 195 26.53 -7.67 -47.27
CA MET C 195 26.26 -8.28 -45.98
C MET C 195 25.63 -9.69 -46.07
N ASP C 196 26.16 -10.63 -45.29
CA ASP C 196 25.57 -11.95 -45.12
C ASP C 196 24.29 -11.95 -44.24
N LEU C 197 23.13 -11.96 -44.87
CA LEU C 197 21.86 -11.98 -44.15
C LEU C 197 20.90 -12.86 -44.91
N PRO C 198 19.87 -13.33 -44.23
CA PRO C 198 18.74 -13.99 -44.90
C PRO C 198 18.06 -13.02 -45.88
N LEU C 199 17.55 -13.56 -46.99
CA LEU C 199 17.02 -12.71 -48.03
C LEU C 199 15.95 -11.72 -47.54
N SER C 200 14.97 -12.21 -46.80
CA SER C 200 13.88 -11.40 -46.41
C SER C 200 14.39 -10.26 -45.52
N VAL C 201 15.42 -10.53 -44.71
CA VAL C 201 16.01 -9.51 -43.83
C VAL C 201 16.67 -8.39 -44.65
N ARG C 202 17.53 -8.76 -45.60
CA ARG C 202 18.24 -7.78 -46.46
C ARG C 202 17.30 -6.93 -47.36
N GLU C 203 16.30 -7.57 -47.91
CA GLU C 203 15.27 -6.93 -48.71
C GLU C 203 14.50 -5.90 -47.90
N ASP C 204 14.04 -6.26 -46.71
CA ASP C 204 13.38 -5.25 -45.88
C ASP C 204 14.29 -4.02 -45.62
N LEU C 205 15.56 -4.30 -45.25
CA LEU C 205 16.52 -3.26 -44.95
C LEU C 205 16.78 -2.43 -46.22
N LEU C 206 16.86 -3.09 -47.37
CA LEU C 206 17.08 -2.34 -48.61
C LEU C 206 15.90 -1.42 -48.99
N SER C 207 14.68 -1.95 -49.00
CA SER C 207 13.50 -1.19 -49.39
C SER C 207 13.33 -0.04 -48.42
N ALA C 208 13.44 -0.29 -47.11
CA ALA C 208 13.23 0.80 -46.13
C ALA C 208 14.30 1.84 -46.35
N SER C 209 15.51 1.36 -46.60
CA SER C 209 16.68 2.19 -46.83
C SER C 209 16.49 3.07 -48.08
N SER C 210 16.06 2.46 -49.20
CA SER C 210 15.86 3.21 -50.45
C SER C 210 14.86 4.35 -50.29
N PHE C 211 13.73 4.05 -49.71
CA PHE C 211 12.67 5.00 -49.52
C PHE C 211 13.13 6.15 -48.58
N LEU C 212 13.54 5.80 -47.36
CA LEU C 212 14.05 6.81 -46.42
C LEU C 212 15.12 7.72 -47.06
N GLN C 213 16.04 7.14 -47.80
CA GLN C 213 17.16 7.91 -48.32
C GLN C 213 16.71 8.80 -49.48
N GLU C 214 15.67 8.34 -50.19
CA GLU C 214 15.11 9.12 -51.27
C GLU C 214 14.23 10.26 -50.73
N LYS C 215 13.43 9.98 -49.71
CA LYS C 215 12.54 11.02 -49.23
C LYS C 215 13.20 12.02 -48.25
N PHE C 216 14.15 11.57 -47.44
CA PHE C 216 14.84 12.41 -46.45
C PHE C 216 16.36 12.49 -46.66
N PRO C 217 16.82 13.09 -47.78
CA PRO C 217 18.26 13.17 -48.05
C PRO C 217 19.02 13.91 -46.97
N THR C 218 18.33 14.69 -46.12
CA THR C 218 18.95 15.42 -45.02
C THR C 218 19.20 14.54 -43.79
N VAL C 219 18.37 13.54 -43.53
CA VAL C 219 18.71 12.66 -42.43
C VAL C 219 19.83 11.72 -42.89
N SER C 220 20.45 11.04 -41.93
CA SER C 220 21.48 10.07 -42.26
C SER C 220 20.93 8.69 -41.88
N VAL C 221 20.67 7.86 -42.88
CA VAL C 221 20.06 6.57 -42.64
C VAL C 221 21.23 5.64 -42.54
N GLU C 222 21.28 4.88 -41.46
CA GLU C 222 22.40 4.01 -41.24
C GLU C 222 21.87 2.69 -40.75
N ILE C 223 22.68 1.65 -40.92
CA ILE C 223 22.32 0.26 -40.66
C ILE C 223 23.13 -0.18 -39.50
N ASP C 224 22.46 -0.75 -38.53
CA ASP C 224 23.11 -1.26 -37.34
C ASP C 224 22.32 -2.48 -36.90
N LEU C 225 22.96 -3.64 -36.97
CA LEU C 225 22.30 -4.90 -36.68
C LEU C 225 22.56 -5.41 -35.28
N THR C 226 23.18 -4.58 -34.46
CA THR C 226 23.41 -4.97 -33.08
C THR C 226 22.15 -4.43 -32.43
N LEU C 227 21.98 -4.61 -31.15
CA LEU C 227 20.67 -4.23 -30.55
C LEU C 227 19.88 -5.50 -30.42
N ALA C 228 20.60 -6.55 -30.01
CA ALA C 228 20.02 -7.80 -29.63
C ALA C 228 18.86 -7.59 -28.63
N ARG C 229 18.93 -6.52 -27.83
CA ARG C 229 17.96 -6.18 -26.80
C ARG C 229 16.53 -6.19 -27.29
N THR C 230 16.31 -5.72 -28.53
CA THR C 230 14.98 -5.68 -29.10
C THR C 230 14.54 -7.00 -29.76
N ILE C 231 14.55 -8.11 -29.07
CA ILE C 231 14.05 -9.35 -29.71
C ILE C 231 12.98 -9.98 -28.87
N GLU C 232 13.08 -9.68 -27.58
CA GLU C 232 12.11 -10.09 -26.59
C GLU C 232 11.03 -8.99 -26.55
N GLU C 233 10.87 -8.27 -27.68
CA GLU C 233 9.81 -7.25 -27.80
C GLU C 233 9.39 -6.77 -29.21
N TYR C 234 10.22 -7.02 -30.22
CA TYR C 234 9.95 -6.61 -31.60
C TYR C 234 10.18 -7.81 -32.48
N CYS C 235 9.62 -7.80 -33.66
CA CYS C 235 9.80 -8.93 -34.54
C CYS C 235 9.80 -8.44 -35.98
N GLY C 236 10.99 -8.22 -36.52
CA GLY C 236 11.12 -7.64 -37.85
C GLY C 236 11.94 -6.38 -37.85
N LEU C 237 11.64 -5.51 -38.80
CA LEU C 237 12.25 -4.18 -38.87
C LEU C 237 12.17 -3.40 -37.56
N ILE C 238 13.26 -2.72 -37.22
CA ILE C 238 13.40 -1.96 -35.98
C ILE C 238 14.09 -0.63 -36.33
N PHE C 239 13.82 0.43 -35.58
CA PHE C 239 14.46 1.73 -35.84
C PHE C 239 14.57 2.55 -34.60
N THR C 240 15.55 3.46 -34.59
CA THR C 240 15.76 4.42 -33.51
C THR C 240 16.23 5.69 -34.19
N ILE C 241 15.93 6.83 -33.57
CA ILE C 241 16.37 8.11 -34.10
C ILE C 241 17.15 8.90 -33.07
N TYR C 242 18.27 9.48 -33.52
CA TYR C 242 19.13 10.29 -32.68
C TYR C 242 19.23 11.74 -33.16
N ASP C 243 19.11 12.68 -32.22
CA ASP C 243 19.33 14.08 -32.54
C ASP C 243 20.78 14.40 -32.19
N THR C 244 21.62 14.62 -33.21
CA THR C 244 23.03 14.96 -32.97
C THR C 244 23.17 16.31 -32.24
N SER C 245 22.19 17.19 -32.41
CA SER C 245 22.21 18.50 -31.75
C SER C 245 22.20 18.43 -30.21
N SER C 246 21.11 17.92 -29.64
CA SER C 246 20.96 17.73 -28.20
C SER C 246 21.52 16.41 -27.67
N SER C 247 22.18 15.65 -28.54
CA SER C 247 22.71 14.31 -28.21
C SER C 247 21.71 13.42 -27.44
N ARG C 248 20.49 13.14 -28.09
CA ARG C 248 19.62 12.15 -27.42
C ARG C 248 18.97 11.22 -28.46
N LEU C 249 18.41 10.15 -27.85
CA LEU C 249 17.53 9.23 -28.52
C LEU C 249 16.16 9.91 -28.56
N VAL C 250 15.70 10.15 -29.77
CA VAL C 250 14.57 11.00 -29.90
C VAL C 250 13.35 10.21 -30.39
N ALA C 251 13.52 8.94 -30.72
CA ALA C 251 12.42 8.17 -31.27
C ALA C 251 12.83 6.73 -31.45
N ALA C 252 11.87 5.84 -31.35
CA ALA C 252 12.11 4.43 -31.66
C ALA C 252 10.81 3.75 -32.04
N GLY C 253 10.92 2.59 -32.69
CA GLY C 253 9.80 1.71 -32.93
C GLY C 253 10.14 0.55 -33.85
N GLY C 254 9.13 -0.04 -34.48
CA GLY C 254 9.38 -1.19 -35.33
C GLY C 254 8.21 -2.11 -35.46
N GLU C 255 8.37 -3.13 -36.29
CA GLU C 255 7.41 -4.19 -36.43
C GLU C 255 7.43 -5.16 -35.21
N TYR C 256 6.24 -5.60 -34.83
CA TYR C 256 6.07 -6.59 -33.78
C TYR C 256 5.01 -7.61 -34.15
N THR C 257 5.05 -8.75 -33.48
CA THR C 257 4.00 -9.75 -33.61
C THR C 257 3.50 -10.06 -32.23
N VAL C 258 2.27 -9.67 -31.93
CA VAL C 258 1.61 -10.20 -30.73
C VAL C 258 0.60 -11.31 -31.01
N ASN C 259 1.08 -12.56 -30.92
CA ASN C 259 0.34 -13.78 -31.31
C ASN C 259 -0.41 -13.75 -32.64
N GLY C 260 0.20 -14.30 -33.69
CA GLY C 260 -0.41 -14.47 -35.01
C GLY C 260 -0.71 -13.19 -35.77
N GLU C 261 -0.92 -12.13 -35.00
CA GLU C 261 -1.08 -10.75 -35.47
C GLU C 261 0.18 -10.23 -36.23
N LYS C 262 0.56 -9.00 -35.95
CA LYS C 262 1.63 -8.30 -36.68
C LYS C 262 1.20 -6.88 -36.79
N GLY C 263 2.04 -5.99 -36.23
CA GLY C 263 1.82 -4.56 -36.26
C GLY C 263 3.11 -3.80 -36.35
N VAL C 264 3.04 -2.49 -36.52
CA VAL C 264 4.21 -1.62 -36.50
C VAL C 264 3.79 -0.44 -35.67
N GLY C 265 4.72 0.17 -34.95
CA GLY C 265 4.44 1.45 -34.34
C GLY C 265 5.69 2.27 -34.16
N GLY C 266 5.58 3.41 -33.50
CA GLY C 266 6.79 4.14 -33.20
C GLY C 266 6.47 5.39 -32.45
N SER C 267 7.47 5.99 -31.81
CA SER C 267 7.23 6.98 -30.79
C SER C 267 8.34 7.99 -30.82
N ILE C 268 7.96 9.26 -30.74
CA ILE C 268 8.89 10.35 -30.65
C ILE C 268 8.88 10.71 -29.18
N PHE C 269 10.06 10.99 -28.63
CA PHE C 269 10.13 11.38 -27.23
C PHE C 269 10.33 12.89 -27.12
N LEU C 270 9.36 13.63 -26.54
CA LEU C 270 9.60 15.07 -26.31
C LEU C 270 9.76 15.62 -24.91
N GLU C 271 9.46 14.85 -23.87
CA GLU C 271 9.46 15.43 -22.53
C GLU C 271 9.61 14.41 -21.44
N GLY C 272 10.70 14.49 -20.69
CA GLY C 272 10.85 13.75 -19.45
C GLY C 272 10.23 14.60 -18.36
N LYS C 273 9.76 13.98 -17.29
CA LYS C 273 9.08 14.71 -16.23
C LYS C 273 9.09 13.97 -14.94
N THR C 274 9.04 14.74 -13.85
CA THR C 274 8.75 14.22 -12.52
C THR C 274 9.90 13.36 -12.00
N CYS C 275 9.39 12.48 -11.36
N ASP D 2 -14.36 4.37 -30.19
CA ASP D 2 -14.56 5.73 -30.79
C ASP D 2 -13.96 6.87 -29.94
N PHE D 3 -12.63 6.92 -29.90
CA PHE D 3 -11.89 8.11 -29.48
C PHE D 3 -11.80 8.92 -30.74
N LEU D 4 -12.33 10.14 -30.72
CA LEU D 4 -12.47 10.97 -31.92
C LEU D 4 -13.04 12.30 -31.48
N ASP D 5 -13.65 12.25 -30.32
CA ASP D 5 -14.13 13.39 -29.59
C ASP D 5 -12.92 14.24 -29.17
N PHE D 6 -11.77 13.58 -29.11
CA PHE D 6 -10.55 14.20 -28.59
C PHE D 6 -9.92 15.18 -29.59
N GLU D 7 -10.57 15.37 -30.75
CA GLU D 7 -10.13 16.40 -31.69
C GLU D 7 -10.55 17.79 -31.23
N LYS D 8 -11.68 17.88 -30.51
CA LYS D 8 -12.19 19.15 -29.99
C LYS D 8 -11.13 19.88 -29.14
N VAL D 9 -10.07 19.16 -28.82
CA VAL D 9 -8.97 19.61 -27.98
C VAL D 9 -8.13 20.67 -28.68
N PHE D 10 -7.99 20.52 -30.00
CA PHE D 10 -7.19 21.42 -30.81
C PHE D 10 -7.97 22.70 -31.00
N SER D 11 -9.29 22.56 -31.14
CA SER D 11 -10.20 23.68 -31.16
C SER D 11 -10.08 24.45 -29.82
N PHE D 12 -10.10 23.71 -28.72
CA PHE D 12 -10.01 24.31 -27.39
C PHE D 12 -8.66 24.98 -27.18
N TYR D 13 -7.64 24.28 -27.67
CA TYR D 13 -6.28 24.78 -27.64
C TYR D 13 -6.21 26.14 -28.38
N SER D 14 -6.91 26.27 -29.51
CA SER D 14 -6.89 27.52 -30.24
C SER D 14 -7.56 28.64 -29.49
N LYS D 15 -8.79 28.39 -29.01
CA LYS D 15 -9.51 29.38 -28.22
C LYS D 15 -8.57 29.91 -27.13
N ALA D 16 -7.94 29.00 -26.37
CA ALA D 16 -7.21 29.38 -25.15
C ALA D 16 -5.88 30.07 -25.42
N THR D 17 -5.16 29.64 -26.47
CA THR D 17 -3.95 30.35 -26.79
C THR D 17 -4.19 31.79 -27.34
N LYS D 18 -5.33 32.04 -27.96
CA LYS D 18 -5.56 33.37 -28.53
C LYS D 18 -5.85 34.31 -27.40
N LYS D 19 -6.17 33.71 -26.24
CA LYS D 19 -6.47 34.47 -25.04
C LYS D 19 -5.36 34.44 -23.98
N GLY D 20 -4.14 34.05 -24.39
CA GLY D 20 -2.99 34.03 -23.49
C GLY D 20 -2.78 32.82 -22.60
N PHE D 21 -3.47 31.72 -22.86
CA PHE D 21 -3.35 30.50 -22.03
C PHE D 21 -2.26 29.58 -22.56
N SER D 22 -1.34 29.23 -21.65
CA SER D 22 -0.23 28.34 -21.92
C SER D 22 -0.67 26.92 -21.60
N PRO D 23 -0.13 25.94 -22.32
CA PRO D 23 -0.55 24.56 -22.06
C PRO D 23 0.06 24.08 -20.77
N PHE D 24 -0.76 23.47 -19.92
CA PHE D 24 -0.28 22.89 -18.69
C PHE D 24 -0.47 21.37 -18.82
N PHE D 25 0.62 20.61 -18.74
CA PHE D 25 0.57 19.14 -18.79
C PHE D 25 1.45 18.45 -17.75
N VAL D 26 0.83 17.70 -16.85
CA VAL D 26 1.56 16.97 -15.82
C VAL D 26 1.19 15.49 -15.83
N PRO D 27 2.07 14.61 -15.35
CA PRO D 27 1.74 13.19 -15.14
C PRO D 27 0.51 12.99 -14.25
N ALA D 28 -0.20 11.89 -14.42
CA ALA D 28 -1.37 11.59 -13.61
C ALA D 28 -0.94 11.34 -12.14
N LEU D 29 0.13 10.59 -11.92
CA LEU D 29 0.67 10.45 -10.57
C LEU D 29 1.65 11.55 -10.21
N GLU D 30 1.65 11.89 -9.00
CA GLU D 30 2.44 12.94 -8.36
C GLU D 30 2.85 12.47 -6.98
N LYS D 31 4.16 12.44 -6.78
CA LYS D 31 4.76 12.02 -5.50
C LYS D 31 4.25 12.94 -4.38
N ALA D 32 3.97 12.35 -3.23
CA ALA D 32 3.46 13.11 -2.07
C ALA D 32 4.38 12.91 -0.86
N GLU D 33 4.71 14.05 -0.23
CA GLU D 33 5.58 14.06 0.98
C GLU D 33 4.97 13.17 2.07
N GLU D 34 3.64 13.16 2.12
CA GLU D 34 2.92 12.41 3.16
C GLU D 34 1.47 12.12 2.72
N PRO D 35 0.89 10.99 3.20
CA PRO D 35 -0.44 10.48 2.83
C PRO D 35 -1.58 11.47 3.11
N ALA D 36 -2.44 11.68 2.11
CA ALA D 36 -3.45 12.73 2.19
C ALA D 36 -4.83 12.38 1.57
N GLY D 37 -5.35 11.21 1.89
CA GLY D 37 -6.69 10.82 1.45
C GLY D 37 -6.67 9.62 0.54
N ASN D 38 -6.90 9.87 -0.74
CA ASN D 38 -6.76 8.83 -1.74
C ASN D 38 -5.30 8.82 -2.13
N PHE D 39 -4.65 7.65 -1.99
CA PHE D 39 -3.29 7.50 -2.44
C PHE D 39 -2.97 6.14 -3.02
N PHE D 40 -1.88 6.09 -3.79
CA PHE D 40 -1.31 4.83 -4.23
C PHE D 40 0.13 4.70 -3.71
N LEU D 41 0.49 3.53 -3.22
CA LEU D 41 1.87 3.27 -2.94
C LEU D 41 2.39 2.12 -3.81
N ASP D 42 3.71 2.04 -4.00
CA ASP D 42 4.31 1.05 -4.89
C ASP D 42 5.35 0.24 -4.14
N ARG D 43 5.95 -0.74 -4.82
CA ARG D 43 6.83 -1.71 -4.18
C ARG D 43 8.22 -1.15 -3.94
N LYS D 44 8.37 0.15 -4.21
CA LYS D 44 9.67 0.81 -4.07
C LYS D 44 9.65 1.90 -2.99
N GLY D 45 8.55 1.97 -2.26
CA GLY D 45 8.47 2.91 -1.16
C GLY D 45 8.22 4.29 -1.70
N ASN D 46 7.31 4.38 -2.68
CA ASN D 46 6.80 5.64 -3.13
C ASN D 46 5.33 5.75 -2.87
N LEU D 47 4.91 6.91 -2.38
CA LEU D 47 3.54 7.16 -2.15
C LEU D 47 3.09 8.22 -3.16
N PHE D 48 2.00 7.98 -3.90
CA PHE D 48 1.53 8.97 -4.83
C PHE D 48 0.07 9.34 -4.58
N SER D 49 -0.28 10.56 -4.97
CA SER D 49 -1.65 10.97 -5.15
C SER D 49 -1.92 11.03 -6.63
N ILE D 50 -3.18 10.79 -7.00
CA ILE D 50 -3.67 10.89 -8.38
C ILE D 50 -4.45 12.17 -8.61
N ARG D 51 -4.42 12.66 -9.84
CA ARG D 51 -5.12 13.87 -10.23
C ARG D 51 -6.63 13.75 -9.99
N GLU D 52 -7.11 14.44 -8.98
CA GLU D 52 -8.50 14.33 -8.58
C GLU D 52 -9.21 15.64 -8.81
N ASP D 53 -8.42 16.67 -8.99
CA ASP D 53 -8.89 18.04 -9.02
C ASP D 53 -7.84 18.84 -9.74
N PHE D 54 -8.15 19.27 -10.95
CA PHE D 54 -7.18 19.99 -11.73
C PHE D 54 -6.73 21.30 -11.13
N THR D 55 -7.65 22.03 -10.52
CA THR D 55 -7.29 23.34 -10.00
C THR D 55 -6.43 23.22 -8.72
N LYS D 56 -6.59 22.13 -7.98
CA LYS D 56 -5.72 21.87 -6.82
C LYS D 56 -4.30 21.57 -7.29
N THR D 57 -4.20 20.70 -8.28
CA THR D 57 -2.96 20.37 -8.97
C THR D 57 -2.23 21.63 -9.49
N VAL D 58 -2.94 22.51 -10.21
CA VAL D 58 -2.36 23.78 -10.69
C VAL D 58 -1.88 24.66 -9.55
N LEU D 59 -2.68 24.83 -8.50
CA LEU D 59 -2.25 25.70 -7.37
C LEU D 59 -1.06 25.10 -6.62
N ASN D 60 -1.04 23.79 -6.50
CA ASN D 60 0.06 23.10 -5.85
C ASN D 60 1.40 23.17 -6.61
N HIS D 61 1.35 23.26 -7.95
CA HIS D 61 2.52 23.47 -8.78
C HIS D 61 2.96 24.92 -8.71
N ARG D 62 2.02 25.81 -8.39
CA ARG D 62 2.36 27.22 -8.18
C ARG D 62 3.26 27.41 -6.97
N LYS D 63 3.15 26.51 -5.98
CA LYS D 63 3.89 26.60 -4.72
C LYS D 63 5.33 26.16 -4.89
N ARG D 64 5.54 25.26 -5.86
CA ARG D 64 6.87 24.78 -6.24
C ARG D 64 7.69 25.89 -6.89
N TYR D 65 7.03 26.71 -7.70
CA TYR D 65 7.70 27.78 -8.46
C TYR D 65 8.05 28.97 -7.58
N SER D 66 8.90 29.84 -8.12
CA SER D 66 9.41 31.02 -7.41
C SER D 66 8.26 31.86 -6.83
N PRO D 67 8.61 32.79 -5.95
CA PRO D 67 7.62 33.73 -5.38
C PRO D 67 6.61 34.27 -6.42
N ASP D 68 5.38 34.56 -5.97
CA ASP D 68 4.35 35.22 -6.77
C ASP D 68 3.81 34.28 -7.83
N SER D 69 4.40 34.35 -9.02
CA SER D 69 4.04 33.53 -10.20
C SER D 69 2.61 33.76 -10.69
N GLN D 70 2.46 34.59 -11.74
CA GLN D 70 1.19 34.76 -12.44
C GLN D 70 1.01 33.53 -13.31
N ILE D 71 -0.23 33.17 -13.56
CA ILE D 71 -0.51 31.89 -14.19
C ILE D 71 -1.78 32.00 -14.97
N LYS D 72 -1.68 31.74 -16.28
CA LYS D 72 -2.83 31.65 -17.17
C LYS D 72 -2.66 30.42 -18.05
N VAL D 73 -3.14 29.29 -17.58
CA VAL D 73 -2.98 28.02 -18.30
C VAL D 73 -4.29 27.32 -18.72
N TRP D 74 -4.15 26.44 -19.72
CA TRP D 74 -5.18 25.52 -20.11
C TRP D 74 -4.69 24.11 -19.98
N TYR D 75 -5.60 23.18 -19.68
CA TYR D 75 -5.23 21.77 -19.59
C TYR D 75 -6.21 20.91 -20.39
N ALA D 76 -5.78 19.70 -20.72
CA ALA D 76 -6.63 18.68 -21.32
C ALA D 76 -6.03 17.33 -20.90
N ASP D 77 -6.73 16.64 -20.01
CA ASP D 77 -6.30 15.32 -19.55
C ASP D 77 -7.35 14.60 -18.68
N PHE D 78 -7.02 13.38 -18.30
CA PHE D 78 -7.87 12.62 -17.42
C PHE D 78 -7.82 13.09 -16.00
N VAL D 79 -8.99 13.06 -15.36
CA VAL D 79 -9.13 13.35 -13.96
C VAL D 79 -9.74 12.08 -13.38
N TYR D 80 -9.11 11.56 -12.34
CA TYR D 80 -9.52 10.28 -11.76
C TYR D 80 -10.40 10.50 -10.54
N ARG D 81 -11.32 9.59 -10.30
CA ARG D 81 -12.25 9.73 -9.16
C ARG D 81 -12.79 8.37 -8.76
N TYR D 82 -13.30 8.29 -7.55
CA TYR D 82 -13.89 7.06 -7.10
C TYR D 82 -15.41 7.11 -7.11
N SER D 83 -16.02 5.99 -7.48
CA SER D 83 -17.44 5.79 -7.25
C SER D 83 -17.53 4.48 -6.50
N GLY D 84 -17.90 4.55 -5.23
CA GLY D 84 -17.69 3.41 -4.35
C GLY D 84 -16.20 3.21 -4.35
N SER D 85 -15.76 1.99 -4.62
CA SER D 85 -14.33 1.71 -4.59
C SER D 85 -13.77 1.44 -5.97
N ASP D 86 -14.25 2.15 -6.97
CA ASP D 86 -13.82 1.93 -8.33
C ASP D 86 -13.08 3.14 -8.78
N LEU D 87 -11.92 2.96 -9.39
CA LEU D 87 -11.20 4.10 -9.91
C LEU D 87 -11.80 4.42 -11.27
N VAL D 88 -12.22 5.66 -11.44
CA VAL D 88 -12.89 6.07 -12.68
C VAL D 88 -12.22 7.32 -13.27
N ALA D 89 -12.05 7.35 -14.59
CA ALA D 89 -11.47 8.53 -15.25
C ALA D 89 -12.42 9.17 -16.25
N GLU D 90 -12.25 10.47 -16.45
CA GLU D 90 -13.01 11.23 -17.44
C GLU D 90 -12.17 12.39 -17.97
N TYR D 91 -12.17 12.52 -19.28
CA TYR D 91 -11.31 13.53 -19.88
C TYR D 91 -11.86 14.90 -19.59
N GLN D 92 -10.99 15.88 -19.31
CA GLN D 92 -11.40 17.27 -19.04
C GLN D 92 -10.58 18.31 -19.79
N LEU D 93 -11.23 19.35 -20.29
CA LEU D 93 -10.54 20.48 -20.86
C LEU D 93 -10.86 21.62 -19.93
N GLY D 94 -9.86 22.41 -19.55
CA GLY D 94 -10.09 23.35 -18.49
C GLY D 94 -9.17 24.52 -18.56
N LEU D 95 -9.48 25.53 -17.74
CA LEU D 95 -8.71 26.74 -17.68
C LEU D 95 -8.45 27.11 -16.25
N GLU D 96 -7.40 27.91 -16.02
CA GLU D 96 -7.08 28.38 -14.69
C GLU D 96 -6.42 29.73 -14.82
N LYS D 97 -6.89 30.74 -14.06
CA LYS D 97 -6.19 32.04 -13.93
C LYS D 97 -6.07 32.54 -12.50
N VAL D 98 -4.87 32.94 -12.17
CA VAL D 98 -4.51 33.24 -10.81
C VAL D 98 -3.54 34.43 -10.72
N PRO D 99 -3.76 35.52 -10.00
CA PRO D 99 -5.06 35.98 -9.50
C PRO D 99 -6.07 36.34 -10.56
N ARG D 100 -7.35 36.26 -10.26
CA ARG D 100 -8.30 37.07 -11.02
C ARG D 100 -8.09 38.54 -10.62
N ASN D 101 -7.49 39.36 -11.51
CA ASN D 101 -7.32 40.79 -11.25
C ASN D 101 -8.64 41.59 -11.27
N SER D 102 -9.67 40.99 -11.86
CA SER D 102 -10.97 41.65 -11.98
C SER D 102 -12.08 40.60 -12.20
N LEU D 103 -13.09 40.97 -12.97
CA LEU D 103 -14.25 40.14 -13.24
C LEU D 103 -14.10 39.69 -14.66
N ASP D 104 -13.48 40.56 -15.45
CA ASP D 104 -13.13 40.33 -16.85
C ASP D 104 -12.31 39.08 -17.04
N ASP D 105 -11.40 38.80 -16.11
CA ASP D 105 -10.68 37.54 -16.11
C ASP D 105 -11.68 36.35 -16.05
N SER D 106 -12.58 36.35 -15.07
CA SER D 106 -13.54 35.26 -14.94
C SER D 106 -14.44 35.20 -16.14
N LEU D 107 -14.78 36.36 -16.70
CA LEU D 107 -15.64 36.44 -17.88
C LEU D 107 -14.95 35.92 -19.13
N GLU D 108 -13.65 36.13 -19.19
CA GLU D 108 -12.85 35.58 -20.26
C GLU D 108 -12.87 34.06 -20.14
N VAL D 109 -12.71 33.57 -18.91
CA VAL D 109 -12.83 32.15 -18.61
C VAL D 109 -14.18 31.57 -19.03
N LEU D 110 -15.27 32.19 -18.60
CA LEU D 110 -16.61 31.78 -19.00
C LEU D 110 -16.79 31.81 -20.50
N GLU D 111 -16.29 32.85 -21.15
CA GLU D 111 -16.44 32.97 -22.58
C GLU D 111 -15.82 31.75 -23.27
N ILE D 112 -14.59 31.40 -22.89
CA ILE D 112 -13.92 30.29 -23.53
C ILE D 112 -14.59 28.96 -23.26
N ILE D 113 -15.09 28.73 -22.02
CA ILE D 113 -15.71 27.44 -21.72
C ILE D 113 -17.11 27.29 -22.32
N VAL D 114 -17.91 28.35 -22.24
CA VAL D 114 -19.24 28.37 -22.84
C VAL D 114 -19.16 28.22 -24.36
N GLU D 115 -18.31 29.01 -25.02
CA GLU D 115 -18.08 28.94 -26.47
C GLU D 115 -17.70 27.51 -26.88
N SER D 116 -16.99 26.82 -26.00
CA SER D 116 -16.60 25.45 -26.27
C SER D 116 -17.75 24.45 -26.17
N ALA D 117 -18.42 24.48 -25.02
CA ALA D 117 -19.58 23.66 -24.77
C ALA D 117 -20.57 23.87 -25.91
N SER D 118 -20.81 25.12 -26.26
CA SER D 118 -21.72 25.45 -27.36
C SER D 118 -21.38 24.78 -28.70
N GLU D 119 -20.08 24.59 -28.96
CA GLU D 119 -19.62 23.96 -30.19
C GLU D 119 -19.62 22.46 -30.02
N PHE D 120 -19.21 21.98 -28.85
CA PHE D 120 -18.92 20.55 -28.61
C PHE D 120 -20.16 19.69 -28.39
N PHE D 121 -21.28 20.32 -28.10
CA PHE D 121 -22.52 19.61 -27.85
C PHE D 121 -23.56 20.25 -28.73
N GLU D 122 -24.48 19.43 -29.23
CA GLU D 122 -25.54 19.92 -30.09
C GLU D 122 -26.72 19.86 -29.19
N GLY D 123 -27.65 20.80 -29.31
CA GLY D 123 -28.85 20.73 -28.51
C GLY D 123 -28.72 21.71 -27.38
N PRO D 124 -29.84 22.37 -27.05
CA PRO D 124 -29.88 23.53 -26.15
C PRO D 124 -28.97 23.42 -24.96
N VAL D 125 -28.17 24.45 -24.82
CA VAL D 125 -27.19 24.56 -23.76
C VAL D 125 -27.72 25.58 -22.75
N ILE D 126 -27.49 25.28 -21.48
CA ILE D 126 -27.99 26.06 -20.37
C ILE D 126 -26.82 26.52 -19.47
N VAL D 127 -26.70 27.83 -19.25
CA VAL D 127 -25.62 28.34 -18.38
C VAL D 127 -26.21 28.81 -17.04
N GLU D 128 -25.97 28.02 -16.00
CA GLU D 128 -26.54 28.33 -14.71
C GLU D 128 -25.50 29.09 -13.88
N ILE D 129 -25.90 30.22 -13.33
CA ILE D 129 -24.96 31.08 -12.63
C ILE D 129 -25.41 31.32 -11.19
N GLY D 130 -24.45 31.25 -10.27
CA GLY D 130 -24.70 31.33 -8.85
C GLY D 130 -23.59 32.19 -8.28
N HIS D 131 -23.61 32.36 -6.97
CA HIS D 131 -22.66 33.21 -6.31
C HIS D 131 -22.60 32.93 -4.80
N THR D 132 -21.48 32.34 -4.43
CA THR D 132 -21.10 32.06 -3.06
C THR D 132 -21.43 33.19 -2.06
N GLY D 133 -21.38 34.44 -2.51
CA GLY D 133 -21.57 35.61 -1.64
C GLY D 133 -22.95 35.77 -1.03
N VAL D 134 -23.97 35.12 -1.61
CA VAL D 134 -25.24 34.97 -0.91
C VAL D 134 -24.95 34.11 0.35
N TYR D 135 -25.85 33.25 0.77
CA TYR D 135 -25.60 32.39 1.95
C TYR D 135 -25.33 33.17 3.24
N GLU D 136 -24.19 33.87 3.30
CA GLU D 136 -23.81 34.75 4.43
C GLU D 136 -24.87 35.79 4.72
N ASP D 137 -25.52 36.26 3.66
CA ASP D 137 -26.68 37.14 3.77
C ASP D 137 -27.89 36.41 4.35
N LEU D 138 -28.16 35.21 3.82
CA LEU D 138 -29.25 34.36 4.25
C LEU D 138 -29.18 34.01 5.74
N LEU D 139 -28.06 33.43 6.15
CA LEU D 139 -27.86 32.83 7.47
C LEU D 139 -27.85 33.82 8.61
N LYS D 140 -27.48 35.06 8.32
CA LYS D 140 -27.37 36.04 9.37
C LYS D 140 -28.69 36.75 9.75
N GLU D 141 -29.80 36.05 9.57
CA GLU D 141 -31.05 36.37 10.27
C GLU D 141 -31.63 35.08 10.79
N ILE D 142 -30.77 34.07 10.82
CA ILE D 142 -31.07 32.72 11.22
C ILE D 142 -30.13 32.41 12.39
N PRO D 143 -30.63 31.74 13.43
CA PRO D 143 -29.81 31.29 14.58
C PRO D 143 -28.60 30.42 14.23
N LYS D 144 -27.41 30.77 14.77
CA LYS D 144 -26.10 30.19 14.38
C LYS D 144 -26.06 28.66 14.27
N ASP D 145 -26.46 27.98 15.32
CA ASP D 145 -26.73 26.56 15.25
C ASP D 145 -28.00 26.41 14.40
N LEU D 146 -27.97 25.55 13.39
CA LEU D 146 -29.06 25.44 12.39
C LEU D 146 -28.54 25.85 11.03
N HIS D 147 -27.39 26.53 11.02
CA HIS D 147 -26.79 27.02 9.78
C HIS D 147 -26.50 25.84 8.86
N GLU D 148 -25.92 24.78 9.44
CA GLU D 148 -25.61 23.55 8.71
C GLU D 148 -26.88 22.96 8.08
N LYS D 149 -28.00 23.02 8.80
CA LYS D 149 -29.25 22.46 8.32
C LYS D 149 -29.79 23.22 7.12
N VAL D 150 -30.24 24.46 7.32
CA VAL D 150 -30.71 25.28 6.19
C VAL D 150 -29.78 25.14 4.96
N LEU D 151 -28.48 25.32 5.13
CA LEU D 151 -27.59 25.24 3.98
C LEU D 151 -27.84 23.93 3.20
N ASN D 152 -27.99 22.83 3.93
CA ASN D 152 -28.33 21.52 3.38
C ASN D 152 -29.66 21.55 2.63
N LEU D 153 -30.69 22.02 3.31
CA LEU D 153 -32.00 22.09 2.67
C LEU D 153 -32.06 22.96 1.41
N ILE D 154 -31.21 23.98 1.37
CA ILE D 154 -31.12 24.85 0.21
C ILE D 154 -30.48 24.11 -0.98
N ASP D 155 -29.40 23.38 -0.68
CA ASP D 155 -28.70 22.57 -1.65
C ASP D 155 -29.56 21.49 -2.26
N THR D 156 -30.44 20.91 -1.44
CA THR D 156 -31.37 19.88 -1.86
C THR D 156 -32.69 20.39 -2.40
N LYS D 157 -32.90 21.72 -2.30
CA LYS D 157 -34.15 22.38 -2.73
C LYS D 157 -35.39 21.92 -1.96
N ASN D 158 -35.18 21.53 -0.70
CA ASN D 158 -36.22 20.98 0.17
C ASN D 158 -37.01 22.11 0.78
N LEU D 159 -37.77 22.79 -0.08
CA LEU D 159 -38.72 23.81 0.35
C LEU D 159 -39.61 23.31 1.49
N ALA D 160 -40.13 22.09 1.28
CA ALA D 160 -41.01 21.41 2.20
C ALA D 160 -40.52 21.49 3.64
N GLU D 161 -39.30 21.04 3.88
CA GLU D 161 -38.77 21.05 5.23
C GLU D 161 -38.34 22.43 5.71
N ILE D 162 -38.11 23.36 4.79
CA ILE D 162 -37.92 24.73 5.21
C ILE D 162 -39.21 25.28 5.82
N GLU D 163 -40.34 25.09 5.14
CA GLU D 163 -41.67 25.41 5.72
C GLU D 163 -41.91 24.72 7.08
N PHE D 164 -41.37 23.52 7.27
CA PHE D 164 -41.52 22.81 8.52
C PHE D 164 -40.71 23.42 9.67
N LEU D 165 -39.49 23.88 9.37
CA LEU D 165 -38.65 24.52 10.39
C LEU D 165 -39.18 25.90 10.72
N SER D 166 -39.52 26.62 9.65
CA SER D 166 -40.34 27.83 9.72
C SER D 166 -41.42 27.74 10.83
N HIS D 167 -42.26 26.71 10.81
CA HIS D 167 -43.34 26.56 11.80
C HIS D 167 -42.92 25.97 13.15
N MET D 168 -42.13 24.90 13.12
CA MET D 168 -41.83 24.17 14.35
C MET D 168 -40.74 24.84 15.23
N LYS D 169 -39.94 25.72 14.66
CA LYS D 169 -38.91 26.44 15.40
C LYS D 169 -39.23 27.94 15.52
N LYS D 170 -40.20 28.39 14.74
CA LYS D 170 -40.73 29.76 14.79
C LYS D 170 -39.72 30.83 14.31
N ILE D 171 -39.15 30.58 13.14
CA ILE D 171 -38.37 31.60 12.42
C ILE D 171 -38.89 31.75 11.00
N ASP D 172 -39.08 33.00 10.57
CA ASP D 172 -39.47 33.30 9.20
C ASP D 172 -38.28 33.09 8.26
N LEU D 173 -38.45 32.17 7.31
CA LEU D 173 -37.39 31.78 6.39
C LEU D 173 -37.80 32.16 4.97
N SER D 174 -38.59 33.20 4.85
CA SER D 174 -39.29 33.53 3.61
C SER D 174 -38.35 33.78 2.46
N ARG D 175 -37.20 34.37 2.76
CA ARG D 175 -36.30 34.65 1.64
C ARG D 175 -35.51 33.42 1.23
N VAL D 176 -35.30 32.52 2.18
CA VAL D 176 -34.74 31.23 1.86
C VAL D 176 -35.70 30.51 0.91
N GLU D 177 -36.96 30.49 1.32
CA GLU D 177 -38.04 29.96 0.50
C GLU D 177 -38.05 30.67 -0.85
N LYS D 178 -37.71 31.95 -0.86
CA LYS D 178 -37.73 32.70 -2.10
C LYS D 178 -36.60 32.27 -3.06
N ILE D 179 -35.38 32.09 -2.54
CA ILE D 179 -34.24 31.65 -3.38
C ILE D 179 -34.55 30.29 -4.02
N ILE D 180 -35.08 29.39 -3.20
CA ILE D 180 -35.43 28.08 -3.68
C ILE D 180 -36.50 28.21 -4.73
N GLU D 181 -37.54 28.95 -4.41
CA GLU D 181 -38.62 29.14 -5.36
C GLU D 181 -38.13 29.75 -6.68
N ASP D 182 -37.32 30.81 -6.59
CA ASP D 182 -36.81 31.48 -7.78
C ASP D 182 -35.94 30.56 -8.63
N SER D 183 -35.28 29.59 -7.98
CA SER D 183 -34.45 28.63 -8.70
C SER D 183 -35.28 27.65 -9.54
N ILE D 184 -36.59 27.69 -9.33
CA ILE D 184 -37.53 26.90 -10.12
C ILE D 184 -38.32 27.74 -11.12
N TYR D 185 -38.86 28.89 -10.67
CA TYR D 185 -39.87 29.61 -11.46
C TYR D 185 -39.37 30.93 -12.04
N ARG D 186 -38.37 31.53 -11.39
CA ARG D 186 -37.82 32.81 -11.82
C ARG D 186 -36.31 32.72 -12.08
N ARG D 187 -35.92 31.82 -12.99
CA ARG D 187 -34.49 31.69 -13.33
C ARG D 187 -33.94 32.74 -14.28
N SER D 188 -34.79 33.57 -14.87
CA SER D 188 -34.36 34.63 -15.78
C SER D 188 -33.56 35.66 -15.00
N PRO D 189 -32.44 36.15 -15.55
CA PRO D 189 -31.63 37.16 -14.85
C PRO D 189 -32.38 38.39 -14.33
N GLU D 190 -33.50 38.72 -14.96
CA GLU D 190 -34.23 39.93 -14.64
C GLU D 190 -34.84 39.86 -13.26
N HIS D 191 -34.92 38.66 -12.72
CA HIS D 191 -35.50 38.53 -11.40
C HIS D 191 -34.47 38.84 -10.31
N LEU D 192 -33.24 39.20 -10.72
CA LEU D 192 -32.28 39.57 -9.73
C LEU D 192 -32.79 40.86 -9.08
N LYS D 193 -33.36 41.73 -9.90
CA LYS D 193 -33.93 43.01 -9.43
C LYS D 193 -34.72 42.84 -8.14
N THR D 194 -35.51 41.78 -8.10
CA THR D 194 -36.55 41.60 -7.08
C THR D 194 -35.99 40.80 -5.87
N MET D 195 -34.79 40.25 -6.06
CA MET D 195 -34.08 39.47 -5.02
C MET D 195 -33.35 40.44 -4.04
N ASP D 196 -33.32 40.03 -2.79
CA ASP D 196 -32.65 40.78 -1.70
C ASP D 196 -31.20 40.26 -1.58
N LEU D 197 -30.25 41.01 -2.14
CA LEU D 197 -28.83 40.59 -2.06
C LEU D 197 -27.86 41.77 -1.89
N PRO D 198 -26.63 41.49 -1.36
CA PRO D 198 -25.62 42.55 -1.23
C PRO D 198 -25.19 43.10 -2.62
N LEU D 199 -25.00 44.43 -2.68
CA LEU D 199 -24.75 45.15 -3.93
C LEU D 199 -23.78 44.43 -4.82
N SER D 200 -22.63 44.04 -4.26
CA SER D 200 -21.57 43.40 -5.06
C SER D 200 -21.93 42.00 -5.64
N VAL D 201 -22.77 41.22 -4.93
CA VAL D 201 -23.31 39.98 -5.46
C VAL D 201 -24.27 40.25 -6.65
N ARG D 202 -25.17 41.23 -6.50
CA ARG D 202 -26.03 41.64 -7.62
C ARG D 202 -25.18 41.98 -8.85
N GLU D 203 -24.29 42.95 -8.68
CA GLU D 203 -23.36 43.42 -9.70
C GLU D 203 -22.65 42.29 -10.48
N ASP D 204 -21.81 41.51 -9.81
CA ASP D 204 -21.20 40.31 -10.41
C ASP D 204 -22.23 39.48 -11.19
N LEU D 205 -23.41 39.27 -10.61
CA LEU D 205 -24.43 38.46 -11.25
C LEU D 205 -24.95 39.19 -12.49
N LEU D 206 -25.16 40.50 -12.38
CA LEU D 206 -25.68 41.27 -13.50
C LEU D 206 -24.70 41.27 -14.66
N SER D 207 -23.43 41.51 -14.37
CA SER D 207 -22.49 41.58 -15.49
C SER D 207 -22.13 40.22 -16.07
N ALA D 208 -22.23 39.14 -15.29
CA ALA D 208 -22.02 37.81 -15.87
C ALA D 208 -23.23 37.39 -16.69
N SER D 209 -24.42 37.66 -16.18
CA SER D 209 -25.62 37.26 -16.92
C SER D 209 -25.71 38.06 -18.23
N SER D 210 -25.38 39.35 -18.16
CA SER D 210 -25.40 40.26 -19.30
C SER D 210 -24.37 39.89 -20.35
N PHE D 211 -23.12 39.77 -19.92
CA PHE D 211 -22.03 39.36 -20.81
C PHE D 211 -22.36 38.06 -21.58
N LEU D 212 -22.88 37.07 -20.88
CA LEU D 212 -23.21 35.79 -21.50
C LEU D 212 -24.40 35.95 -22.43
N GLN D 213 -25.39 36.72 -22.02
CA GLN D 213 -26.56 36.93 -22.85
C GLN D 213 -26.24 37.59 -24.21
N GLU D 214 -25.63 38.76 -24.16
CA GLU D 214 -25.12 39.46 -25.33
C GLU D 214 -24.25 38.60 -26.27
N LYS D 215 -23.33 37.83 -25.69
CA LYS D 215 -22.41 37.02 -26.50
C LYS D 215 -23.07 35.76 -27.09
N PHE D 216 -23.95 35.13 -26.30
CA PHE D 216 -24.55 33.85 -26.68
C PHE D 216 -26.09 33.89 -26.72
N PRO D 217 -26.65 34.48 -27.79
CA PRO D 217 -28.09 34.53 -28.03
C PRO D 217 -28.82 33.18 -27.96
N THR D 218 -28.12 32.10 -28.27
CA THR D 218 -28.75 30.77 -28.33
C THR D 218 -28.55 29.87 -27.11
N VAL D 219 -27.79 30.32 -26.10
CA VAL D 219 -27.71 29.59 -24.82
C VAL D 219 -28.63 30.17 -23.75
N SER D 220 -29.27 29.29 -23.01
CA SER D 220 -30.19 29.76 -22.01
C SER D 220 -29.39 30.12 -20.73
N VAL D 221 -29.31 31.41 -20.43
CA VAL D 221 -28.62 31.87 -19.25
C VAL D 221 -29.58 32.01 -18.05
N GLU D 222 -29.33 31.19 -17.03
CA GLU D 222 -30.26 31.01 -15.93
C GLU D 222 -29.55 31.31 -14.61
N ILE D 223 -30.30 31.78 -13.64
CA ILE D 223 -29.78 32.04 -12.33
C ILE D 223 -30.30 30.99 -11.36
N ASP D 224 -29.42 30.53 -10.48
CA ASP D 224 -29.81 29.55 -9.45
C ASP D 224 -28.86 29.71 -8.27
N LEU D 225 -29.35 30.27 -7.17
CA LEU D 225 -28.47 30.49 -6.01
C LEU D 225 -28.56 29.40 -4.94
N THR D 226 -29.00 28.21 -5.31
CA THR D 226 -29.16 27.12 -4.31
C THR D 226 -27.94 26.22 -4.13
N LEU D 227 -26.94 26.34 -4.98
CA LEU D 227 -25.83 25.40 -4.91
C LEU D 227 -24.95 25.65 -3.69
N ALA D 228 -25.54 25.50 -2.53
CA ALA D 228 -24.86 25.81 -1.30
C ALA D 228 -23.65 24.90 -1.01
N ARG D 229 -23.59 23.68 -1.58
CA ARG D 229 -22.45 22.83 -1.26
C ARG D 229 -21.14 23.48 -1.77
N THR D 230 -21.19 24.21 -2.83
CA THR D 230 -20.00 24.85 -3.40
C THR D 230 -19.48 26.02 -2.55
N ILE D 231 -20.04 26.15 -1.37
CA ILE D 231 -19.67 27.27 -0.48
C ILE D 231 -18.19 27.26 -0.08
N GLU D 232 -17.68 26.08 0.26
CA GLU D 232 -16.29 26.01 0.71
C GLU D 232 -15.31 25.32 -0.27
N GLU D 233 -15.55 25.53 -1.58
CA GLU D 233 -14.55 25.22 -2.62
C GLU D 233 -14.39 26.42 -3.54
N TYR D 234 -15.43 27.24 -3.51
CA TYR D 234 -15.50 28.46 -4.33
C TYR D 234 -15.82 29.72 -3.51
N CYS D 235 -15.46 30.88 -4.09
CA CYS D 235 -15.72 32.17 -3.43
C CYS D 235 -15.95 33.30 -4.48
N GLY D 236 -17.24 33.46 -4.86
CA GLY D 236 -17.64 34.40 -5.90
C GLY D 236 -18.65 33.84 -6.89
N LEU D 237 -18.50 34.25 -8.14
CA LEU D 237 -19.29 33.73 -9.25
C LEU D 237 -19.12 32.22 -9.40
N ILE D 238 -20.20 31.55 -9.74
CA ILE D 238 -20.21 30.15 -9.87
C ILE D 238 -21.03 29.87 -11.11
N PHE D 239 -20.61 28.89 -11.91
CA PHE D 239 -21.38 28.50 -13.13
C PHE D 239 -21.42 27.01 -13.40
N THR D 240 -22.37 26.58 -14.22
CA THR D 240 -22.52 25.18 -14.56
C THR D 240 -23.18 25.14 -15.89
N ILE D 241 -22.73 24.26 -16.75
CA ILE D 241 -23.36 24.12 -18.07
C ILE D 241 -23.93 22.73 -18.20
N TYR D 242 -25.14 22.64 -18.74
CA TYR D 242 -25.79 21.36 -19.00
C TYR D 242 -26.09 21.26 -20.48
N ASP D 243 -26.05 20.03 -20.99
CA ASP D 243 -26.44 19.75 -22.36
C ASP D 243 -27.79 19.06 -22.32
N THR D 244 -28.83 19.71 -22.88
CA THR D 244 -30.18 19.11 -22.94
C THR D 244 -30.19 17.85 -23.82
N SER D 245 -29.61 17.94 -25.02
CA SER D 245 -29.68 16.85 -25.99
C SER D 245 -29.26 15.51 -25.38
N SER D 246 -28.12 15.51 -24.71
CA SER D 246 -27.65 14.32 -24.03
C SER D 246 -28.05 14.24 -22.55
N SER D 247 -28.81 15.24 -22.05
CA SER D 247 -29.19 15.40 -20.63
C SER D 247 -28.03 15.09 -19.73
N ARG D 248 -26.98 15.87 -19.85
CA ARG D 248 -25.95 15.75 -18.86
C ARG D 248 -25.20 17.02 -18.56
N LEU D 249 -24.49 16.98 -17.43
CA LEU D 249 -23.73 18.10 -16.90
C LEU D 249 -22.44 18.17 -17.70
N VAL D 250 -22.22 19.29 -18.34
CA VAL D 250 -21.18 19.39 -19.34
C VAL D 250 -19.97 20.26 -18.94
N ALA D 251 -20.13 21.11 -17.93
CA ALA D 251 -19.06 22.01 -17.55
C ALA D 251 -19.37 22.60 -16.19
N ALA D 252 -18.34 23.05 -15.49
CA ALA D 252 -18.49 23.69 -14.19
C ALA D 252 -17.25 24.52 -13.92
N GLY D 253 -17.40 25.57 -13.11
CA GLY D 253 -16.27 26.33 -12.61
C GLY D 253 -16.69 27.44 -11.65
N GLY D 254 -15.78 28.36 -11.36
CA GLY D 254 -16.15 29.53 -10.61
C GLY D 254 -14.95 30.30 -10.13
N GLU D 255 -15.24 31.33 -9.36
CA GLU D 255 -14.19 32.07 -8.68
C GLU D 255 -13.82 31.41 -7.33
N TYR D 256 -12.55 31.52 -6.94
CA TYR D 256 -12.07 30.91 -5.70
C TYR D 256 -10.95 31.73 -5.06
N THR D 257 -10.73 31.47 -3.80
CA THR D 257 -9.82 32.25 -3.03
C THR D 257 -9.12 31.24 -2.18
N VAL D 258 -7.93 30.80 -2.61
CA VAL D 258 -7.15 29.89 -1.75
C VAL D 258 -5.96 30.59 -1.03
N ASN D 259 -5.89 30.38 0.29
CA ASN D 259 -5.00 31.09 1.23
C ASN D 259 -4.51 32.48 0.80
N GLY D 260 -5.44 33.45 0.76
CA GLY D 260 -5.17 34.78 0.21
C GLY D 260 -5.00 34.71 -1.31
N GLU D 261 -5.33 35.82 -1.98
CA GLU D 261 -5.34 35.88 -3.46
C GLU D 261 -6.35 34.96 -4.13
N LYS D 262 -6.83 35.46 -5.27
CA LYS D 262 -8.01 34.95 -5.92
C LYS D 262 -7.68 34.27 -7.24
N GLY D 263 -8.56 33.36 -7.66
CA GLY D 263 -8.44 32.76 -8.96
C GLY D 263 -9.80 32.47 -9.54
N VAL D 264 -9.82 32.25 -10.86
CA VAL D 264 -10.92 31.58 -11.53
C VAL D 264 -10.42 30.48 -12.46
N GLY D 265 -11.31 29.53 -12.68
CA GLY D 265 -11.03 28.35 -13.45
C GLY D 265 -12.36 27.81 -13.91
N GLY D 266 -12.29 26.94 -14.89
CA GLY D 266 -13.44 26.19 -15.34
C GLY D 266 -12.94 24.92 -15.96
N SER D 267 -13.88 24.07 -16.33
CA SER D 267 -13.58 22.77 -16.81
C SER D 267 -14.79 22.30 -17.62
N ILE D 268 -14.53 21.52 -18.62
CA ILE D 268 -15.49 20.84 -19.51
C ILE D 268 -15.24 19.36 -19.46
N PHE D 269 -16.32 18.62 -19.38
CA PHE D 269 -16.23 17.16 -19.37
C PHE D 269 -16.83 16.65 -20.68
N LEU D 270 -15.94 16.13 -21.59
CA LEU D 270 -16.41 15.53 -22.89
C LEU D 270 -17.29 14.30 -22.56
N GLU D 271 -18.58 14.51 -22.50
CA GLU D 271 -19.53 13.46 -22.08
C GLU D 271 -19.68 13.63 -20.58
N GLY D 272 -19.40 12.56 -19.87
CA GLY D 272 -19.41 12.50 -18.36
C GLY D 272 -20.52 13.36 -17.70
N LYS D 273 -20.76 12.91 -16.47
CA LYS D 273 -21.65 13.61 -15.53
C LYS D 273 -23.15 13.52 -15.87
N THR D 274 -23.78 12.56 -15.20
CA THR D 274 -25.21 12.34 -15.26
C THR D 274 -25.79 12.87 -13.96
N CYS D 275 -24.97 13.58 -13.18
CA CYS D 275 -25.28 13.86 -11.79
C CYS D 275 -24.87 15.25 -11.27
N MET E 1 -32.03 -28.41 24.11
CA MET E 1 -32.55 -27.19 23.44
C MET E 1 -31.84 -26.88 22.13
N LEU E 2 -32.49 -27.07 21.00
CA LEU E 2 -31.82 -26.63 19.79
C LEU E 2 -32.55 -25.51 19.08
N LYS E 3 -31.76 -24.61 18.49
CA LYS E 3 -32.27 -23.43 17.80
C LYS E 3 -32.17 -23.58 16.28
N LEU E 4 -33.22 -23.15 15.61
CA LEU E 4 -33.32 -23.25 14.17
C LEU E 4 -33.43 -21.89 13.50
N ALA E 5 -32.63 -21.68 12.47
CA ALA E 5 -32.72 -20.46 11.65
C ALA E 5 -33.62 -20.84 10.48
N ILE E 6 -34.86 -20.37 10.50
CA ILE E 6 -35.81 -20.65 9.42
C ILE E 6 -35.93 -19.43 8.52
N PRO E 7 -35.91 -19.65 7.21
CA PRO E 7 -35.96 -18.55 6.25
C PRO E 7 -37.37 -18.06 5.91
N LYS E 8 -37.62 -16.75 6.08
CA LYS E 8 -38.85 -16.09 5.71
C LYS E 8 -39.01 -16.08 4.19
N GLY E 9 -40.23 -16.31 3.73
CA GLY E 9 -40.53 -16.29 2.31
C GLY E 9 -41.20 -17.58 1.88
N ARG E 10 -40.93 -18.01 0.65
CA ARG E 10 -41.64 -19.16 0.07
C ARG E 10 -41.18 -20.49 0.63
N LEU E 11 -40.38 -20.46 1.69
CA LEU E 11 -39.96 -21.66 2.36
C LEU E 11 -40.58 -21.81 3.74
N GLU E 12 -40.82 -20.68 4.39
CA GLU E 12 -41.32 -20.64 5.76
C GLU E 12 -42.47 -21.63 6.00
N GLU E 13 -43.46 -21.58 5.12
CA GLU E 13 -44.67 -22.41 5.25
C GLU E 13 -44.36 -23.94 5.20
N LYS E 14 -43.70 -24.38 4.12
CA LYS E 14 -43.26 -25.75 3.96
C LYS E 14 -42.52 -26.31 5.21
N VAL E 15 -41.52 -25.57 5.72
CA VAL E 15 -40.69 -26.03 6.82
C VAL E 15 -41.50 -26.04 8.11
N MET E 16 -42.20 -24.93 8.36
CA MET E 16 -43.06 -24.86 9.54
C MET E 16 -44.08 -25.99 9.57
N THR E 17 -44.63 -26.34 8.40
CA THR E 17 -45.68 -27.36 8.32
C THR E 17 -45.13 -28.75 8.63
N TYR E 18 -43.95 -29.02 8.10
CA TYR E 18 -43.19 -30.19 8.44
C TYR E 18 -42.91 -30.29 9.95
N LEU E 19 -42.55 -29.18 10.56
CA LEU E 19 -42.32 -29.17 11.99
C LEU E 19 -43.59 -29.52 12.77
N LYS E 20 -44.70 -28.89 12.41
CA LYS E 20 -45.99 -29.20 13.01
C LYS E 20 -46.27 -30.71 12.92
N LYS E 21 -46.00 -31.31 11.75
CA LYS E 21 -46.20 -32.75 11.51
C LYS E 21 -45.28 -33.60 12.36
N THR E 22 -44.16 -33.02 12.73
CA THR E 22 -43.20 -33.66 13.59
C THR E 22 -43.73 -33.70 15.02
N GLY E 23 -44.78 -32.93 15.30
CA GLY E 23 -45.27 -32.80 16.65
C GLY E 23 -44.61 -31.67 17.44
N VAL E 24 -44.16 -30.61 16.78
CA VAL E 24 -43.64 -29.47 17.52
C VAL E 24 -44.77 -28.44 17.86
N ILE E 25 -44.84 -28.06 19.13
CA ILE E 25 -45.83 -27.11 19.68
C ILE E 25 -45.11 -25.83 20.04
N PHE E 26 -45.63 -24.69 19.62
CA PHE E 26 -44.87 -23.47 19.81
C PHE E 26 -45.01 -22.63 21.10
N GLU E 27 -46.12 -22.71 21.82
CA GLU E 27 -46.20 -21.95 23.09
C GLU E 27 -46.20 -20.40 22.99
N ARG E 28 -45.16 -19.83 22.42
CA ARG E 28 -44.95 -18.39 22.32
C ARG E 28 -44.57 -18.07 20.88
N GLU E 29 -45.24 -17.10 20.29
CA GLU E 29 -45.00 -16.83 18.91
C GLU E 29 -44.96 -15.36 18.64
N SER E 30 -43.91 -14.90 17.96
CA SER E 30 -43.86 -13.54 17.41
C SER E 30 -43.52 -13.63 15.93
N SER E 31 -43.49 -12.48 15.24
CA SER E 31 -43.30 -12.42 13.78
C SER E 31 -41.91 -12.83 13.35
N ILE E 32 -41.11 -13.29 14.31
CA ILE E 32 -39.67 -13.30 14.18
C ILE E 32 -39.08 -14.43 15.06
N LEU E 33 -39.80 -14.75 16.12
CA LEU E 33 -39.43 -15.78 17.09
C LEU E 33 -40.56 -16.83 17.21
N ARG E 34 -40.21 -18.10 17.12
CA ARG E 34 -41.17 -19.15 17.48
C ARG E 34 -40.46 -19.98 18.53
N GLU E 35 -41.05 -20.07 19.70
CA GLU E 35 -40.30 -20.61 20.80
C GLU E 35 -41.21 -21.56 21.52
N GLY E 36 -40.84 -22.84 21.53
CA GLY E 36 -41.60 -23.86 22.24
C GLY E 36 -40.69 -24.63 23.20
N LYS E 37 -41.23 -25.61 23.92
CA LYS E 37 -40.40 -26.39 24.83
C LYS E 37 -39.43 -27.20 23.98
N ASP E 38 -38.14 -27.08 24.24
CA ASP E 38 -37.11 -27.77 23.44
C ASP E 38 -36.73 -27.21 22.05
N ILE E 39 -37.38 -26.17 21.59
CA ILE E 39 -37.09 -25.68 20.26
C ILE E 39 -37.33 -24.17 20.20
N VAL E 40 -36.38 -23.44 19.62
CA VAL E 40 -36.67 -22.06 19.26
C VAL E 40 -36.43 -21.88 17.78
N CYS E 41 -37.26 -21.07 17.14
CA CYS E 41 -37.16 -20.82 15.70
C CYS E 41 -36.92 -19.36 15.51
N PHE E 42 -35.76 -19.04 14.93
CA PHE E 42 -35.42 -17.66 14.59
C PHE E 42 -35.90 -17.49 13.15
N MET E 43 -36.89 -16.62 12.97
CA MET E 43 -37.41 -16.34 11.63
C MET E 43 -36.60 -15.26 10.92
N VAL E 44 -35.76 -15.68 9.99
CA VAL E 44 -34.78 -14.78 9.41
C VAL E 44 -34.86 -14.73 7.87
N ARG E 45 -34.27 -13.71 7.27
CA ARG E 45 -34.18 -13.61 5.82
C ARG E 45 -33.19 -14.67 5.30
N PRO E 46 -33.51 -15.36 4.19
CA PRO E 46 -32.69 -16.47 3.65
C PRO E 46 -31.18 -16.31 3.53
N PHE E 47 -30.67 -15.13 3.14
CA PHE E 47 -29.22 -14.87 3.05
C PHE E 47 -28.51 -14.98 4.39
N ASP E 48 -29.23 -14.80 5.48
CA ASP E 48 -28.60 -14.69 6.81
C ASP E 48 -28.60 -16.01 7.57
N VAL E 49 -29.14 -17.08 6.98
CA VAL E 49 -29.20 -18.38 7.63
C VAL E 49 -27.78 -18.89 7.90
N PRO E 50 -26.89 -18.84 6.89
CA PRO E 50 -25.50 -19.17 7.15
C PRO E 50 -24.91 -18.34 8.28
N THR E 51 -25.16 -17.04 8.31
CA THR E 51 -24.56 -16.26 9.39
C THR E 51 -25.08 -16.66 10.75
N TYR E 52 -26.31 -17.15 10.82
CA TYR E 52 -26.79 -17.64 12.12
C TYR E 52 -26.17 -18.98 12.44
N LEU E 53 -25.69 -19.68 11.43
CA LEU E 53 -25.23 -21.06 11.66
C LEU E 53 -23.76 -21.11 11.92
N VAL E 54 -23.03 -20.49 10.99
CA VAL E 54 -21.60 -20.26 11.11
C VAL E 54 -21.19 -19.67 12.47
N HIS E 55 -21.97 -18.73 13.01
CA HIS E 55 -21.58 -18.09 14.26
C HIS E 55 -21.95 -18.91 15.51
N GLY E 56 -22.45 -20.14 15.31
CA GLY E 56 -22.84 -20.97 16.43
C GLY E 56 -24.08 -20.53 17.21
N VAL E 57 -24.88 -19.63 16.63
CA VAL E 57 -26.03 -19.04 17.33
C VAL E 57 -27.32 -19.73 17.00
N ALA E 58 -27.27 -20.60 16.00
CA ALA E 58 -28.35 -21.52 15.68
C ALA E 58 -27.73 -22.86 15.28
N ASP E 59 -28.35 -23.97 15.66
CA ASP E 59 -27.81 -25.31 15.43
C ASP E 59 -28.18 -25.86 14.07
N ILE E 60 -29.41 -25.57 13.65
CA ILE E 60 -29.98 -26.01 12.38
C ILE E 60 -30.69 -24.89 11.54
N GLY E 61 -30.62 -25.02 10.22
CA GLY E 61 -31.17 -24.04 9.30
C GLY E 61 -31.58 -24.64 7.98
N PHE E 62 -32.00 -23.80 7.04
CA PHE E 62 -32.54 -24.27 5.78
C PHE E 62 -32.21 -23.21 4.75
N CYS E 63 -31.43 -23.57 3.72
CA CYS E 63 -31.04 -22.59 2.69
C CYS E 63 -31.17 -23.26 1.38
N GLY E 64 -31.18 -22.48 0.32
CA GLY E 64 -30.96 -23.02 -1.02
C GLY E 64 -29.51 -22.93 -1.42
N THR E 65 -29.15 -23.65 -2.48
CA THR E 65 -27.80 -23.65 -3.07
C THR E 65 -27.25 -22.23 -3.34
N ASP E 66 -28.14 -21.32 -3.81
CA ASP E 66 -27.82 -19.90 -4.02
C ASP E 66 -27.19 -19.22 -2.78
N VAL E 67 -27.88 -19.28 -1.62
CA VAL E 67 -27.35 -18.62 -0.44
C VAL E 67 -26.11 -19.32 0.05
N LEU E 68 -26.08 -20.64 -0.07
CA LEU E 68 -24.92 -21.39 0.39
C LEU E 68 -23.70 -21.05 -0.43
N LEU E 69 -23.85 -20.91 -1.76
CA LEU E 69 -22.68 -20.57 -2.60
C LEU E 69 -22.27 -19.09 -2.57
N GLU E 70 -23.19 -18.22 -2.16
CA GLU E 70 -22.89 -16.82 -2.05
C GLU E 70 -22.17 -16.45 -0.73
N LYS E 71 -22.27 -17.34 0.26
CA LYS E 71 -21.48 -17.30 1.50
C LYS E 71 -20.53 -18.50 1.50
N GLU E 72 -19.23 -18.26 1.54
CA GLU E 72 -18.22 -19.31 1.37
C GLU E 72 -18.44 -20.44 2.38
N THR E 73 -19.57 -20.44 3.07
CA THR E 73 -19.79 -21.06 4.37
C THR E 73 -19.67 -22.57 4.38
N SER E 74 -19.12 -23.07 5.49
CA SER E 74 -18.76 -24.47 5.67
C SER E 74 -19.74 -25.20 6.61
N LEU E 75 -20.58 -26.08 6.05
CA LEU E 75 -21.48 -26.80 6.97
C LEU E 75 -22.12 -28.08 6.47
N ILE E 76 -22.58 -28.90 7.41
CA ILE E 76 -23.11 -30.18 7.08
C ILE E 76 -24.54 -30.08 6.52
N GLN E 77 -24.77 -30.86 5.46
CA GLN E 77 -25.97 -30.81 4.63
C GLN E 77 -26.62 -32.20 4.51
N PRO E 78 -27.30 -32.64 5.56
CA PRO E 78 -27.75 -34.05 5.67
C PRO E 78 -28.76 -34.49 4.60
N PHE E 79 -29.78 -33.66 4.32
CA PHE E 79 -30.79 -33.99 3.30
C PHE E 79 -31.50 -32.75 2.80
N PHE E 80 -32.40 -32.87 1.84
CA PHE E 80 -33.04 -31.65 1.35
C PHE E 80 -34.50 -31.57 1.55
N ILE E 81 -35.01 -30.35 1.50
CA ILE E 81 -36.45 -30.09 1.37
C ILE E 81 -36.86 -30.11 -0.10
N PRO E 82 -37.85 -30.94 -0.44
CA PRO E 82 -38.31 -31.06 -1.82
C PRO E 82 -38.87 -29.73 -2.24
N THR E 83 -38.55 -29.30 -3.45
CA THR E 83 -38.81 -27.94 -3.87
C THR E 83 -38.90 -27.95 -5.40
N ASN E 84 -39.68 -27.05 -5.98
CA ASN E 84 -39.74 -27.02 -7.43
C ASN E 84 -38.40 -26.52 -7.96
N ILE E 85 -37.79 -27.33 -8.83
CA ILE E 85 -36.61 -26.94 -9.62
C ILE E 85 -36.52 -25.43 -9.94
N SER E 86 -35.36 -24.84 -9.67
CA SER E 86 -34.96 -23.50 -10.07
C SER E 86 -33.46 -23.46 -10.27
N ARG E 87 -33.00 -22.56 -11.14
CA ARG E 87 -31.56 -22.43 -11.34
C ARG E 87 -31.06 -20.99 -11.39
N MET E 88 -29.81 -20.78 -10.92
CA MET E 88 -29.02 -19.57 -11.25
C MET E 88 -28.69 -19.59 -12.72
N VAL E 89 -28.84 -18.45 -13.36
CA VAL E 89 -28.72 -18.38 -14.79
C VAL E 89 -27.96 -17.08 -15.13
N LEU E 90 -27.18 -17.10 -16.20
CA LEU E 90 -26.69 -15.86 -16.79
C LEU E 90 -27.64 -15.47 -17.88
N ALA E 91 -28.00 -14.20 -17.96
CA ALA E 91 -28.98 -13.77 -18.97
C ALA E 91 -28.70 -12.37 -19.49
N GLY E 92 -29.44 -12.01 -20.54
CA GLY E 92 -29.23 -10.77 -21.26
C GLY E 92 -30.28 -10.62 -22.33
N PRO E 93 -30.40 -9.41 -22.89
CA PRO E 93 -31.48 -9.09 -23.83
C PRO E 93 -31.56 -10.07 -25.00
N LYS E 94 -32.79 -10.49 -25.27
CA LYS E 94 -33.16 -11.39 -26.38
C LYS E 94 -32.40 -11.12 -27.68
N GLY E 95 -31.87 -12.19 -28.27
CA GLY E 95 -31.16 -12.09 -29.53
C GLY E 95 -29.71 -11.70 -29.32
N ARG E 96 -29.51 -10.48 -28.81
CA ARG E 96 -28.19 -9.82 -28.67
C ARG E 96 -27.06 -10.64 -28.02
N GLY E 97 -27.40 -11.78 -27.41
CA GLY E 97 -26.39 -12.71 -26.90
C GLY E 97 -25.41 -12.08 -25.93
N ILE E 98 -24.12 -12.37 -26.11
CA ILE E 98 -23.07 -12.01 -25.13
C ILE E 98 -22.08 -10.97 -25.70
N PRO E 99 -22.45 -9.68 -25.71
CA PRO E 99 -21.53 -8.68 -26.26
C PRO E 99 -20.37 -8.58 -25.28
N GLU E 100 -19.18 -8.99 -25.70
CA GLU E 100 -18.06 -9.08 -24.77
C GLU E 100 -16.97 -8.02 -24.97
N GLY E 101 -15.77 -8.37 -24.51
CA GLY E 101 -14.82 -7.39 -24.04
C GLY E 101 -15.25 -7.04 -22.62
N GLU E 102 -15.63 -5.77 -22.42
CA GLU E 102 -16.00 -5.26 -21.08
C GLU E 102 -17.45 -5.63 -20.72
N LYS E 103 -17.61 -6.48 -19.70
CA LYS E 103 -18.91 -7.04 -19.32
C LYS E 103 -19.44 -6.45 -18.01
N ARG E 104 -20.67 -5.93 -18.04
CA ARG E 104 -21.29 -5.36 -16.84
C ARG E 104 -22.52 -6.17 -16.46
N ILE E 105 -22.55 -6.65 -15.22
CA ILE E 105 -23.56 -7.61 -14.77
C ILE E 105 -24.23 -7.21 -13.44
N ALA E 106 -25.54 -7.10 -13.46
CA ALA E 106 -26.33 -6.76 -12.27
C ALA E 106 -26.81 -8.04 -11.55
N THR E 107 -26.71 -8.09 -10.22
CA THR E 107 -27.14 -9.26 -9.43
C THR E 107 -27.46 -8.96 -7.99
N LYS E 108 -28.26 -9.85 -7.42
CA LYS E 108 -28.46 -10.00 -6.01
C LYS E 108 -27.35 -10.91 -5.45
N PHE E 109 -26.54 -11.49 -6.32
CA PHE E 109 -25.53 -12.46 -5.90
C PHE E 109 -24.08 -12.11 -6.30
N PRO E 110 -23.50 -11.05 -5.75
CA PRO E 110 -22.19 -10.60 -6.22
C PRO E 110 -21.16 -11.71 -6.15
N ASN E 111 -21.08 -12.39 -5.01
CA ASN E 111 -20.03 -13.41 -4.82
C ASN E 111 -20.17 -14.46 -5.92
N VAL E 112 -21.40 -14.87 -6.19
CA VAL E 112 -21.62 -15.93 -7.16
C VAL E 112 -21.26 -15.50 -8.58
N THR E 113 -21.50 -14.24 -8.92
CA THR E 113 -21.12 -13.72 -10.23
C THR E 113 -19.60 -13.45 -10.35
N GLN E 114 -18.93 -13.09 -9.25
CA GLN E 114 -17.45 -12.96 -9.25
C GLN E 114 -16.88 -14.32 -9.64
N ARG E 115 -17.06 -15.30 -8.74
CA ARG E 115 -16.55 -16.65 -8.94
C ARG E 115 -16.87 -17.17 -10.34
N TYR E 116 -17.99 -16.72 -10.89
CA TYR E 116 -18.45 -17.15 -12.21
C TYR E 116 -17.63 -16.52 -13.33
N CYS E 117 -17.42 -15.20 -13.24
CA CYS E 117 -16.66 -14.46 -14.24
C CYS E 117 -15.24 -14.98 -14.31
N GLU E 118 -14.61 -15.10 -13.13
CA GLU E 118 -13.24 -15.62 -13.05
C GLU E 118 -13.13 -16.93 -13.81
N SER E 119 -13.87 -17.94 -13.36
CA SER E 119 -13.84 -19.22 -14.06
C SER E 119 -14.43 -19.13 -15.48
N LYS E 120 -14.31 -17.96 -16.13
CA LYS E 120 -14.65 -17.82 -17.56
C LYS E 120 -13.64 -16.96 -18.32
N GLY E 121 -12.60 -16.49 -17.62
CA GLY E 121 -11.59 -15.61 -18.22
C GLY E 121 -12.22 -14.30 -18.62
N TRP E 122 -13.01 -13.74 -17.72
CA TRP E 122 -13.84 -12.57 -17.99
C TRP E 122 -13.38 -11.38 -17.15
N HIS E 123 -13.58 -10.20 -17.71
CA HIS E 123 -13.19 -8.95 -17.08
C HIS E 123 -14.53 -8.21 -16.90
N CYS E 124 -15.12 -8.26 -15.69
CA CYS E 124 -16.52 -7.81 -15.54
C CYS E 124 -16.86 -6.89 -14.34
N ARG E 125 -17.81 -5.97 -14.57
CA ARG E 125 -18.24 -4.99 -13.58
C ARG E 125 -19.61 -5.32 -12.94
N ILE E 126 -19.55 -5.95 -11.78
CA ILE E 126 -20.70 -6.37 -10.99
C ILE E 126 -21.50 -5.22 -10.35
N ILE E 127 -22.79 -5.12 -10.70
CA ILE E 127 -23.69 -4.11 -10.11
C ILE E 127 -24.70 -4.73 -9.11
N PRO E 128 -24.46 -4.61 -7.80
CA PRO E 128 -25.34 -5.24 -6.81
C PRO E 128 -26.71 -4.59 -6.80
N LEU E 129 -27.77 -5.38 -6.78
CA LEU E 129 -29.14 -4.87 -6.58
C LEU E 129 -29.83 -5.73 -5.58
N LYS E 130 -30.85 -5.20 -4.94
CA LYS E 130 -31.61 -5.99 -3.99
C LYS E 130 -32.79 -6.76 -4.64
N GLY E 131 -32.97 -6.58 -5.95
CA GLY E 131 -34.12 -7.13 -6.63
C GLY E 131 -34.37 -6.40 -7.94
N SER E 132 -35.50 -6.72 -8.60
CA SER E 132 -35.88 -6.20 -9.93
C SER E 132 -34.66 -6.20 -10.79
N VAL E 133 -33.88 -7.24 -10.62
CA VAL E 133 -32.62 -7.39 -11.31
C VAL E 133 -32.85 -7.46 -12.83
N GLU E 134 -33.97 -8.04 -13.26
CA GLU E 134 -34.26 -8.33 -14.68
C GLU E 134 -34.43 -7.05 -15.51
N LEU E 135 -34.57 -5.98 -14.78
CA LEU E 135 -34.77 -4.63 -15.22
C LEU E 135 -33.50 -3.91 -15.61
N ALA E 136 -32.34 -4.43 -15.24
CA ALA E 136 -31.15 -3.60 -15.44
C ALA E 136 -30.77 -3.36 -16.92
N PRO E 137 -30.84 -4.37 -17.78
CA PRO E 137 -30.44 -4.16 -19.18
C PRO E 137 -31.35 -3.15 -19.87
N ILE E 138 -32.65 -3.17 -19.57
CA ILE E 138 -33.60 -2.22 -20.16
C ILE E 138 -33.19 -0.80 -19.83
N ALA E 139 -32.83 -0.58 -18.56
CA ALA E 139 -32.32 0.70 -18.13
C ALA E 139 -30.86 0.78 -18.56
N GLY E 140 -30.15 1.80 -18.14
CA GLY E 140 -28.78 1.87 -18.60
C GLY E 140 -27.82 0.89 -17.96
N LEU E 141 -28.22 0.27 -16.86
CA LEU E 141 -27.27 -0.24 -15.87
C LEU E 141 -26.39 -1.43 -16.17
N SER E 142 -26.84 -2.42 -16.94
CA SER E 142 -25.95 -3.58 -17.16
C SER E 142 -26.10 -4.09 -18.58
N ASP E 143 -25.21 -4.99 -18.97
CA ASP E 143 -25.45 -5.64 -20.25
C ASP E 143 -26.03 -7.03 -20.02
N LEU E 144 -25.73 -7.58 -18.83
CA LEU E 144 -26.18 -8.92 -18.48
C LEU E 144 -26.58 -8.95 -17.02
N ILE E 145 -27.38 -9.93 -16.67
CA ILE E 145 -27.77 -10.18 -15.29
C ILE E 145 -27.40 -11.62 -14.88
N VAL E 146 -27.15 -11.88 -13.59
CA VAL E 146 -27.33 -13.25 -13.06
C VAL E 146 -28.34 -13.36 -11.92
N ASP E 147 -29.39 -14.15 -12.15
CA ASP E 147 -30.52 -14.35 -11.22
C ASP E 147 -31.21 -15.70 -11.37
N ILE E 148 -32.19 -15.92 -10.51
CA ILE E 148 -32.83 -17.20 -10.37
C ILE E 148 -34.04 -17.24 -11.32
N THR E 149 -34.24 -18.37 -12.01
CA THR E 149 -35.45 -18.62 -12.81
C THR E 149 -36.06 -19.99 -12.50
N GLU E 150 -37.38 -20.10 -12.64
CA GLU E 150 -38.09 -21.41 -12.59
C GLU E 150 -39.02 -21.65 -13.77
N THR E 151 -39.90 -20.69 -14.03
CA THR E 151 -40.87 -20.82 -15.10
C THR E 151 -40.28 -20.38 -16.43
N GLY E 152 -39.47 -19.33 -16.38
CA GLY E 152 -39.02 -18.62 -17.56
C GLY E 152 -39.90 -17.41 -17.74
N ARG E 153 -40.94 -17.35 -16.91
CA ARG E 153 -41.88 -16.23 -16.89
C ARG E 153 -41.10 -14.94 -16.94
N THR E 154 -40.34 -14.67 -15.87
CA THR E 154 -39.77 -13.34 -15.67
C THR E 154 -38.80 -12.92 -16.77
N LEU E 155 -37.95 -13.84 -17.21
CA LEU E 155 -36.98 -13.53 -18.24
C LEU E 155 -37.65 -13.21 -19.57
N LYS E 156 -38.61 -14.03 -19.99
CA LYS E 156 -39.29 -13.79 -21.26
C LYS E 156 -40.29 -12.64 -21.16
N GLU E 157 -40.80 -12.39 -19.97
CA GLU E 157 -41.70 -11.26 -19.77
C GLU E 157 -40.95 -9.93 -19.86
N ASN E 158 -39.62 -9.98 -19.67
CA ASN E 158 -38.75 -8.81 -19.83
C ASN E 158 -37.77 -8.93 -21.00
N ASN E 159 -38.12 -9.79 -21.96
CA ASN E 159 -37.33 -9.98 -23.18
C ASN E 159 -35.88 -10.29 -22.95
N LEU E 160 -35.64 -11.25 -22.05
CA LEU E 160 -34.30 -11.79 -21.74
C LEU E 160 -34.20 -13.29 -22.03
N GLU E 161 -32.98 -13.71 -22.35
CA GLU E 161 -32.68 -15.07 -22.79
C GLU E 161 -31.67 -15.69 -21.86
N ILE E 162 -31.94 -16.90 -21.37
CA ILE E 162 -30.92 -17.64 -20.66
C ILE E 162 -29.71 -17.78 -21.57
N LEU E 163 -28.55 -17.37 -21.08
CA LEU E 163 -27.31 -17.56 -21.84
C LEU E 163 -26.38 -18.60 -21.25
N ASP E 164 -26.66 -19.06 -20.04
CA ASP E 164 -25.81 -20.05 -19.39
C ASP E 164 -26.37 -20.52 -18.05
N GLU E 165 -26.65 -21.83 -17.94
CA GLU E 165 -26.99 -22.40 -16.64
C GLU E 165 -25.71 -22.46 -15.85
N ILE E 166 -25.69 -21.79 -14.70
CA ILE E 166 -24.55 -21.89 -13.77
C ILE E 166 -24.77 -23.07 -12.80
N PHE E 167 -25.97 -23.19 -12.24
CA PHE E 167 -26.25 -24.25 -11.28
C PHE E 167 -27.71 -24.42 -10.88
N VAL E 168 -28.04 -25.68 -10.65
CA VAL E 168 -29.38 -26.03 -10.24
C VAL E 168 -29.44 -25.78 -8.76
N ILE E 169 -30.53 -25.16 -8.30
CA ILE E 169 -30.72 -24.86 -6.88
C ILE E 169 -31.67 -25.85 -6.19
N ARG E 170 -31.24 -26.41 -5.06
CA ARG E 170 -32.14 -27.17 -4.20
C ARG E 170 -32.04 -26.56 -2.83
N THR E 171 -33.05 -26.77 -2.00
CA THR E 171 -32.93 -26.29 -0.63
C THR E 171 -32.43 -27.36 0.34
N HIS E 172 -31.43 -27.03 1.12
CA HIS E 172 -30.89 -27.94 2.11
C HIS E 172 -31.32 -27.58 3.52
N VAL E 173 -31.47 -28.61 4.37
CA VAL E 173 -31.30 -28.43 5.79
C VAL E 173 -29.81 -28.51 6.07
N VAL E 174 -29.32 -27.62 6.94
CA VAL E 174 -27.90 -27.47 7.26
C VAL E 174 -27.71 -27.51 8.80
N VAL E 175 -26.57 -28.02 9.24
CA VAL E 175 -26.30 -28.09 10.65
C VAL E 175 -24.97 -27.40 10.92
N ASN E 176 -24.93 -26.61 11.97
CA ASN E 176 -23.71 -26.22 12.60
C ASN E 176 -22.79 -27.44 12.83
N PRO E 177 -21.65 -27.46 12.15
CA PRO E 177 -20.65 -28.54 12.25
C PRO E 177 -20.19 -28.91 13.67
N VAL E 178 -20.19 -27.91 14.56
CA VAL E 178 -19.73 -28.02 15.94
C VAL E 178 -20.82 -28.67 16.77
N SER E 179 -22.01 -28.16 16.54
CA SER E 179 -23.10 -28.48 17.38
C SER E 179 -23.66 -29.81 16.93
N TYR E 180 -23.19 -30.25 15.75
CA TYR E 180 -23.36 -31.62 15.32
C TYR E 180 -22.63 -32.62 16.24
N ARG E 181 -21.55 -32.20 16.86
CA ARG E 181 -20.80 -33.13 17.72
C ARG E 181 -21.10 -32.89 19.20
N THR E 182 -21.40 -31.65 19.50
CA THR E 182 -21.49 -31.12 20.85
C THR E 182 -22.90 -31.36 21.40
N LYS E 183 -23.85 -31.53 20.49
CA LYS E 183 -25.22 -31.84 20.84
C LYS E 183 -25.78 -33.00 19.97
N ARG E 184 -24.98 -34.01 19.63
CA ARG E 184 -25.38 -34.85 18.50
C ARG E 184 -26.61 -35.71 18.72
N GLU E 185 -26.72 -36.36 19.88
CA GLU E 185 -27.92 -37.13 20.19
C GLU E 185 -29.18 -36.26 20.02
N GLU E 186 -29.20 -35.03 20.59
CA GLU E 186 -30.34 -34.16 20.26
C GLU E 186 -30.42 -33.73 18.79
N VAL E 187 -29.30 -33.50 18.12
CA VAL E 187 -29.42 -33.08 16.71
C VAL E 187 -29.98 -34.24 15.83
N VAL E 188 -29.39 -35.41 15.99
CA VAL E 188 -29.81 -36.63 15.26
C VAL E 188 -31.28 -37.03 15.55
N SER E 189 -31.70 -36.96 16.82
CA SER E 189 -33.08 -37.36 17.11
C SER E 189 -34.13 -36.45 16.48
N PHE E 190 -33.92 -35.14 16.51
CA PHE E 190 -34.70 -34.15 15.79
C PHE E 190 -34.65 -34.43 14.28
N LEU E 191 -33.45 -34.55 13.71
CA LEU E 191 -33.26 -34.64 12.27
C LEU E 191 -33.93 -35.89 11.72
N GLU E 192 -33.97 -36.92 12.57
CA GLU E 192 -34.60 -38.21 12.25
C GLU E 192 -36.14 -38.08 12.13
N LYS E 193 -36.77 -37.44 13.12
CA LYS E 193 -38.18 -37.02 13.00
C LYS E 193 -38.51 -36.26 11.70
N LEU E 194 -37.83 -35.13 11.45
CA LEU E 194 -37.91 -34.35 10.22
C LEU E 194 -37.77 -35.18 8.98
N GLN E 195 -36.68 -35.96 8.88
CA GLN E 195 -36.42 -36.78 7.70
C GLN E 195 -37.54 -37.77 7.43
N GLU E 196 -38.06 -38.36 8.50
CA GLU E 196 -39.16 -39.30 8.34
C GLU E 196 -40.46 -38.65 7.91
N VAL E 197 -40.75 -37.42 8.38
CA VAL E 197 -41.96 -36.74 7.92
C VAL E 197 -41.89 -36.28 6.45
N ILE E 198 -40.69 -35.89 5.99
CA ILE E 198 -40.53 -35.42 4.61
C ILE E 198 -40.52 -36.62 3.67
N GLU E 199 -39.85 -37.68 4.13
CA GLU E 199 -39.68 -38.88 3.37
C GLU E 199 -41.06 -39.44 3.12
N HIS E 200 -41.89 -39.44 4.17
CA HIS E 200 -43.20 -40.05 4.08
C HIS E 200 -44.07 -39.38 3.00
N ASP E 201 -44.08 -38.04 2.97
CA ASP E 201 -44.81 -37.27 1.96
C ASP E 201 -44.50 -37.63 0.51
N SER E 202 -45.39 -38.37 0.08
N MET F 1 -39.04 11.23 -22.52
CA MET F 1 -40.15 11.17 -21.54
C MET F 1 -39.69 11.58 -20.13
N LEU F 2 -40.26 10.90 -19.14
CA LEU F 2 -39.93 11.05 -17.72
C LEU F 2 -39.93 9.64 -17.14
N LYS F 3 -38.76 9.13 -16.75
CA LYS F 3 -38.61 7.78 -16.22
C LYS F 3 -38.58 7.88 -14.70
N LEU F 4 -39.53 7.20 -14.05
CA LEU F 4 -39.62 7.13 -12.59
C LEU F 4 -39.10 5.84 -11.99
N ALA F 5 -38.54 5.95 -10.79
CA ALA F 5 -38.02 4.77 -10.09
C ALA F 5 -38.81 4.63 -8.82
N ILE F 6 -39.84 3.77 -8.86
CA ILE F 6 -40.75 3.59 -7.72
C ILE F 6 -40.26 2.44 -6.82
N PRO F 7 -40.23 2.64 -5.50
CA PRO F 7 -39.83 1.57 -4.57
C PRO F 7 -40.96 0.56 -4.35
N LYS F 8 -40.69 -0.72 -4.57
CA LYS F 8 -41.64 -1.77 -4.21
C LYS F 8 -41.75 -1.85 -2.67
N GLY F 9 -42.83 -2.43 -2.17
CA GLY F 9 -43.02 -2.53 -0.74
C GLY F 9 -44.20 -1.77 -0.20
N ARG F 10 -43.98 -1.08 0.94
CA ARG F 10 -45.07 -0.44 1.67
C ARG F 10 -45.67 0.74 0.90
N LEU F 11 -44.78 1.48 0.23
CA LEU F 11 -45.12 2.70 -0.51
C LEU F 11 -45.71 2.46 -1.90
N GLU F 12 -45.37 1.34 -2.53
CA GLU F 12 -45.81 1.00 -3.91
C GLU F 12 -47.23 1.46 -4.28
N GLU F 13 -48.22 1.02 -3.50
CA GLU F 13 -49.62 1.35 -3.76
C GLU F 13 -49.83 2.86 -3.68
N LYS F 14 -49.36 3.47 -2.59
CA LYS F 14 -49.48 4.91 -2.35
C LYS F 14 -49.00 5.71 -3.56
N VAL F 15 -47.73 5.52 -3.89
CA VAL F 15 -47.12 6.21 -5.01
C VAL F 15 -47.91 5.91 -6.28
N MET F 16 -48.21 4.64 -6.53
CA MET F 16 -48.88 4.30 -7.80
C MET F 16 -50.28 4.87 -7.87
N THR F 17 -50.93 5.01 -6.71
CA THR F 17 -52.25 5.64 -6.62
C THR F 17 -52.15 7.16 -6.87
N TYR F 18 -51.08 7.80 -6.42
CA TYR F 18 -50.90 9.22 -6.67
C TYR F 18 -50.71 9.47 -8.17
N LEU F 19 -50.01 8.55 -8.82
CA LEU F 19 -49.72 8.62 -10.25
C LEU F 19 -50.96 8.53 -11.07
N LYS F 20 -51.90 7.70 -10.63
CA LYS F 20 -53.15 7.47 -11.36
C LYS F 20 -54.07 8.70 -11.30
N LYS F 21 -54.15 9.29 -10.11
CA LYS F 21 -54.94 10.50 -9.85
C LYS F 21 -54.35 11.71 -10.57
N THR F 22 -53.32 11.44 -11.36
CA THR F 22 -52.51 12.48 -11.99
C THR F 22 -52.75 12.47 -13.51
N GLY F 23 -53.38 11.39 -13.99
CA GLY F 23 -53.70 11.24 -15.39
C GLY F 23 -52.89 10.19 -16.14
N VAL F 24 -51.95 9.55 -15.43
CA VAL F 24 -51.04 8.55 -15.99
C VAL F 24 -51.70 7.23 -16.31
N ILE F 25 -51.54 6.76 -17.55
CA ILE F 25 -51.99 5.44 -18.01
C ILE F 25 -50.81 4.67 -18.58
N PHE F 26 -50.80 3.35 -18.41
CA PHE F 26 -49.58 2.60 -18.67
C PHE F 26 -49.59 1.69 -19.90
N GLU F 27 -50.61 0.87 -20.09
CA GLU F 27 -50.69 0.07 -21.32
C GLU F 27 -49.52 -0.95 -21.51
N ARG F 28 -48.80 -1.25 -20.43
CA ARG F 28 -47.74 -2.28 -20.43
C ARG F 28 -47.50 -2.83 -19.02
N GLU F 29 -48.40 -2.47 -18.11
CA GLU F 29 -48.37 -2.87 -16.70
C GLU F 29 -47.79 -4.26 -16.40
N SER F 30 -46.46 -4.34 -16.28
CA SER F 30 -45.77 -5.56 -15.84
C SER F 30 -45.35 -5.43 -14.38
N SER F 31 -45.09 -6.54 -13.72
CA SER F 31 -44.83 -6.54 -12.28
C SER F 31 -43.66 -5.68 -11.86
N ILE F 32 -42.82 -5.31 -12.84
CA ILE F 32 -41.52 -4.70 -12.57
C ILE F 32 -41.22 -3.48 -13.50
N LEU F 33 -42.09 -3.27 -14.51
CA LEU F 33 -41.91 -2.22 -15.52
C LEU F 33 -43.28 -1.74 -16.03
N ARG F 34 -43.67 -0.53 -15.64
CA ARG F 34 -44.93 0.06 -16.14
C ARG F 34 -44.65 1.17 -17.14
N GLU F 35 -44.74 0.81 -18.40
CA GLU F 35 -44.29 1.66 -19.48
C GLU F 35 -45.45 2.43 -20.04
N GLY F 36 -45.37 3.75 -20.03
CA GLY F 36 -46.48 4.55 -20.51
C GLY F 36 -46.09 5.57 -21.56
N LYS F 37 -47.09 6.04 -22.28
CA LYS F 37 -46.98 7.03 -23.33
C LYS F 37 -45.89 8.05 -22.97
N ASP F 38 -46.06 8.73 -21.85
CA ASP F 38 -45.17 9.83 -21.50
C ASP F 38 -44.54 9.68 -20.10
N ILE F 39 -44.37 8.43 -19.67
CA ILE F 39 -43.87 8.12 -18.32
C ILE F 39 -43.60 6.63 -18.21
N VAL F 40 -42.40 6.25 -17.79
CA VAL F 40 -42.13 4.86 -17.55
C VAL F 40 -41.76 4.67 -16.11
N CYS F 41 -42.17 3.54 -15.55
CA CYS F 41 -42.03 3.28 -14.13
C CYS F 41 -41.18 2.04 -13.90
N PHE F 42 -39.99 2.22 -13.36
CA PHE F 42 -39.20 1.08 -12.91
C PHE F 42 -39.64 0.75 -11.47
N MET F 43 -40.20 -0.43 -11.28
CA MET F 43 -40.59 -0.89 -9.94
C MET F 43 -39.39 -1.60 -9.31
N VAL F 44 -38.53 -0.83 -8.65
CA VAL F 44 -37.24 -1.29 -8.16
C VAL F 44 -37.32 -1.43 -6.63
N ARG F 45 -36.28 -2.01 -6.02
CA ARG F 45 -36.20 -2.08 -4.56
C ARG F 45 -35.73 -0.73 -4.03
N PRO F 46 -36.21 -0.34 -2.84
CA PRO F 46 -35.94 0.98 -2.26
C PRO F 46 -34.47 1.32 -2.19
N PHE F 47 -33.64 0.40 -1.70
CA PHE F 47 -32.19 0.68 -1.65
C PHE F 47 -31.63 1.13 -3.00
N ASP F 48 -32.28 0.70 -4.08
CA ASP F 48 -31.74 0.88 -5.42
C ASP F 48 -32.23 2.21 -6.05
N VAL F 49 -33.20 2.86 -5.44
CA VAL F 49 -33.72 4.09 -6.01
C VAL F 49 -32.58 5.05 -6.36
N PRO F 50 -31.74 5.36 -5.38
CA PRO F 50 -30.61 6.27 -5.63
C PRO F 50 -29.75 5.88 -6.82
N THR F 51 -29.47 4.58 -6.95
CA THR F 51 -28.61 4.10 -8.05
C THR F 51 -29.18 4.52 -9.38
N TYR F 52 -30.50 4.45 -9.49
CA TYR F 52 -31.17 4.74 -10.73
C TYR F 52 -31.13 6.23 -11.03
N LEU F 53 -31.30 7.05 -10.02
CA LEU F 53 -31.20 8.50 -10.17
C LEU F 53 -29.82 8.98 -10.50
N VAL F 54 -28.79 8.54 -9.76
CA VAL F 54 -27.45 9.10 -9.99
C VAL F 54 -26.80 8.73 -11.32
N HIS F 55 -27.21 7.60 -11.91
CA HIS F 55 -26.71 7.23 -13.26
C HIS F 55 -27.60 7.89 -14.32
N GLY F 56 -28.61 8.61 -13.89
CA GLY F 56 -29.53 9.31 -14.78
C GLY F 56 -30.48 8.41 -15.57
N VAL F 57 -30.55 7.13 -15.15
CA VAL F 57 -31.41 6.15 -15.81
C VAL F 57 -32.87 6.35 -15.41
N ALA F 58 -33.06 7.02 -14.27
CA ALA F 58 -34.35 7.63 -13.97
C ALA F 58 -34.17 9.11 -13.68
N ASP F 59 -35.26 9.86 -13.82
CA ASP F 59 -35.29 11.29 -13.58
C ASP F 59 -35.81 11.62 -12.19
N ILE F 60 -36.81 10.85 -11.76
CA ILE F 60 -37.49 11.07 -10.48
C ILE F 60 -37.62 9.76 -9.75
N GLY F 61 -37.58 9.82 -8.42
CA GLY F 61 -37.74 8.64 -7.58
C GLY F 61 -38.30 8.99 -6.22
N PHE F 62 -38.56 7.97 -5.38
CA PHE F 62 -39.20 8.10 -4.05
C PHE F 62 -38.36 7.28 -3.04
N CYS F 63 -37.82 8.01 -2.06
CA CYS F 63 -36.88 7.45 -1.04
C CYS F 63 -37.10 7.90 0.36
N GLY F 64 -36.62 7.08 1.26
CA GLY F 64 -36.66 7.42 2.67
C GLY F 64 -35.32 8.11 3.03
N THR F 65 -35.32 8.86 4.08
CA THR F 65 -34.09 9.49 4.53
C THR F 65 -33.04 8.37 4.70
N ASP F 66 -33.57 7.18 5.12
CA ASP F 66 -32.69 6.10 5.52
C ASP F 66 -31.79 5.61 4.34
N VAL F 67 -32.39 5.25 3.19
CA VAL F 67 -31.62 4.87 1.99
C VAL F 67 -30.80 6.05 1.40
N LEU F 68 -31.37 7.25 1.38
CA LEU F 68 -30.58 8.40 0.92
C LEU F 68 -29.28 8.58 1.69
N LEU F 69 -29.38 8.50 3.03
CA LEU F 69 -28.21 8.71 3.85
C LEU F 69 -27.28 7.51 3.76
N GLU F 70 -27.85 6.30 3.71
CA GLU F 70 -27.07 5.07 3.63
C GLU F 70 -26.25 5.01 2.34
N LYS F 71 -26.79 5.64 1.30
CA LYS F 71 -26.15 5.66 -0.01
C LYS F 71 -25.30 6.91 -0.30
N GLU F 72 -25.08 7.80 0.67
CA GLU F 72 -24.40 9.10 0.43
C GLU F 72 -25.00 9.87 -0.74
N THR F 73 -26.32 9.78 -0.91
CA THR F 73 -27.00 10.41 -2.05
C THR F 73 -27.34 11.84 -1.79
N SER F 74 -27.14 12.59 -2.86
CA SER F 74 -26.97 14.02 -2.88
C SER F 74 -27.94 14.71 -3.87
N LEU F 75 -29.23 14.48 -3.80
CA LEU F 75 -30.01 14.95 -4.93
C LEU F 75 -30.89 16.19 -4.66
N ILE F 76 -32.03 16.23 -5.32
CA ILE F 76 -33.00 17.26 -5.09
C ILE F 76 -34.20 16.57 -4.50
N GLN F 77 -34.67 17.10 -3.38
CA GLN F 77 -35.76 16.46 -2.66
C GLN F 77 -36.75 17.54 -2.28
N PRO F 78 -37.64 17.90 -3.22
CA PRO F 78 -38.53 19.06 -3.08
C PRO F 78 -39.60 18.94 -2.01
N PHE F 79 -40.29 17.80 -1.88
CA PHE F 79 -41.36 17.67 -0.89
C PHE F 79 -41.56 16.20 -0.48
N PHE F 80 -42.31 15.94 0.59
CA PHE F 80 -42.48 14.54 1.02
C PHE F 80 -43.72 13.87 0.47
N ILE F 81 -43.73 12.55 0.60
CA ILE F 81 -44.93 11.74 0.52
C ILE F 81 -45.35 11.50 1.96
N PRO F 82 -46.61 11.82 2.32
CA PRO F 82 -47.10 11.61 3.68
C PRO F 82 -46.91 10.17 4.07
N THR F 83 -46.58 9.97 5.33
CA THR F 83 -46.08 8.68 5.77
C THR F 83 -46.05 8.80 7.27
N ASN F 84 -46.34 7.71 7.99
CA ASN F 84 -46.22 7.80 9.45
C ASN F 84 -44.76 8.08 9.82
N ILE F 85 -44.57 8.79 10.92
CA ILE F 85 -43.23 9.07 11.41
C ILE F 85 -42.46 7.79 11.76
N SER F 86 -41.22 7.67 11.24
CA SER F 86 -40.31 6.60 11.66
C SER F 86 -38.97 7.21 12.05
N ARG F 87 -38.10 6.41 12.66
CA ARG F 87 -36.79 6.88 13.14
C ARG F 87 -35.75 5.78 13.02
N MET F 88 -34.53 6.17 12.70
CA MET F 88 -33.38 5.28 12.73
C MET F 88 -32.86 5.32 14.17
N VAL F 89 -32.71 4.18 14.81
CA VAL F 89 -32.29 4.20 16.21
C VAL F 89 -31.10 3.24 16.51
N LEU F 90 -30.33 3.54 17.54
CA LEU F 90 -29.50 2.53 18.13
C LEU F 90 -30.30 1.87 19.25
N ALA F 91 -30.16 0.55 19.42
CA ALA F 91 -30.95 -0.18 20.39
C ALA F 91 -30.25 -1.46 20.85
N GLY F 92 -30.55 -1.87 22.10
CA GLY F 92 -29.97 -3.04 22.72
C GLY F 92 -30.88 -3.60 23.79
N PRO F 93 -30.58 -4.78 24.31
CA PRO F 93 -31.40 -5.43 25.33
C PRO F 93 -31.64 -4.50 26.45
N LYS F 94 -32.81 -4.59 27.07
CA LYS F 94 -33.30 -3.68 28.09
C LYS F 94 -32.36 -3.67 29.31
N GLY F 95 -32.12 -2.47 29.84
CA GLY F 95 -31.25 -2.27 30.99
C GLY F 95 -29.88 -2.88 30.87
N ARG F 96 -29.33 -2.92 29.65
CA ARG F 96 -27.96 -3.34 29.45
C ARG F 96 -26.96 -2.19 29.09
N GLY F 97 -27.50 -1.05 28.67
CA GLY F 97 -26.66 0.07 28.27
C GLY F 97 -25.62 -0.30 27.23
N ILE F 98 -24.83 0.67 26.82
CA ILE F 98 -23.83 0.46 25.77
C ILE F 98 -22.67 -0.37 26.31
N PRO F 99 -22.46 -1.56 25.77
CA PRO F 99 -21.36 -2.41 26.23
C PRO F 99 -20.06 -1.77 25.80
N GLU F 100 -19.12 -1.65 26.73
CA GLU F 100 -17.79 -1.20 26.35
C GLU F 100 -16.85 -2.42 26.37
N GLY F 101 -16.39 -2.75 25.16
CA GLY F 101 -15.46 -3.83 24.86
C GLY F 101 -15.03 -3.59 23.42
N GLU F 102 -16.01 -3.65 22.50
CA GLU F 102 -15.81 -3.40 21.07
C GLU F 102 -17.14 -3.28 20.33
N LYS F 103 -18.24 -3.02 21.06
CA LYS F 103 -19.62 -2.90 20.56
C LYS F 103 -19.97 -3.62 19.24
N ARG F 104 -20.58 -4.80 19.34
CA ARG F 104 -21.04 -5.57 18.17
C ARG F 104 -22.43 -5.12 17.77
N ILE F 105 -22.58 -4.68 16.52
CA ILE F 105 -23.85 -4.09 16.04
C ILE F 105 -24.38 -4.72 14.75
N ALA F 106 -25.65 -5.11 14.72
CA ALA F 106 -26.30 -5.52 13.46
C ALA F 106 -27.28 -4.46 12.85
N THR F 107 -27.34 -4.35 11.53
CA THR F 107 -28.21 -3.48 10.72
C THR F 107 -28.51 -4.10 9.39
N LYS F 108 -29.51 -3.48 8.75
CA LYS F 108 -29.62 -3.42 7.29
C LYS F 108 -28.87 -2.21 6.71
N PHE F 109 -28.36 -1.34 7.57
CA PHE F 109 -27.65 -0.10 7.12
C PHE F 109 -26.19 -0.03 7.57
N PRO F 110 -25.32 -0.92 7.08
CA PRO F 110 -23.89 -0.93 7.48
C PRO F 110 -23.27 0.47 7.34
N ASN F 111 -23.58 1.16 6.25
CA ASN F 111 -23.00 2.48 5.98
C ASN F 111 -23.36 3.51 7.04
N VAL F 112 -24.66 3.63 7.29
CA VAL F 112 -25.15 4.54 8.28
C VAL F 112 -24.54 4.17 9.62
N THR F 113 -24.48 2.87 9.92
CA THR F 113 -23.95 2.53 11.23
C THR F 113 -22.42 2.61 11.27
N GLN F 114 -21.75 2.38 10.13
CA GLN F 114 -20.28 2.56 10.04
C GLN F 114 -19.83 4.01 10.27
N ARG F 115 -20.70 4.95 9.91
CA ARG F 115 -20.50 6.37 10.12
C ARG F 115 -20.87 6.74 11.57
N TYR F 116 -21.97 6.19 12.07
CA TYR F 116 -22.42 6.49 13.43
C TYR F 116 -21.31 6.16 14.41
N CYS F 117 -20.66 5.04 14.17
CA CYS F 117 -19.57 4.52 15.01
C CYS F 117 -18.33 5.46 15.03
N GLU F 118 -18.03 6.01 13.86
CA GLU F 118 -16.97 6.99 13.67
C GLU F 118 -17.27 8.25 14.47
N SER F 119 -18.48 8.79 14.29
CA SER F 119 -18.92 9.98 15.04
C SER F 119 -18.86 9.85 16.57
N LYS F 120 -19.10 8.65 17.10
CA LYS F 120 -18.99 8.41 18.55
C LYS F 120 -17.59 7.90 18.91
N GLY F 121 -16.72 7.83 17.91
CA GLY F 121 -15.37 7.29 18.10
C GLY F 121 -15.35 5.89 18.72
N TRP F 122 -16.25 4.99 18.29
CA TRP F 122 -16.25 3.58 18.70
C TRP F 122 -15.45 2.68 17.77
N HIS F 123 -15.21 1.46 18.25
CA HIS F 123 -14.67 0.38 17.46
C HIS F 123 -15.75 -0.66 17.50
N CYS F 124 -16.26 -1.01 16.32
CA CYS F 124 -17.42 -1.88 16.25
C CYS F 124 -17.35 -2.89 15.09
N ARG F 125 -17.89 -4.07 15.37
CA ARG F 125 -18.02 -5.11 14.37
C ARG F 125 -19.44 -4.99 13.82
N ILE F 126 -19.54 -4.74 12.54
CA ILE F 126 -20.82 -4.58 11.89
C ILE F 126 -21.22 -5.90 11.29
N ILE F 127 -22.36 -6.41 11.73
CA ILE F 127 -22.94 -7.66 11.20
C ILE F 127 -24.06 -7.22 10.29
N PRO F 128 -23.86 -7.31 8.97
CA PRO F 128 -24.90 -6.87 8.03
C PRO F 128 -26.08 -7.85 7.95
N LEU F 129 -27.31 -7.38 8.01
CA LEU F 129 -28.44 -8.30 7.89
C LEU F 129 -29.39 -7.76 6.88
N LYS F 130 -30.36 -8.59 6.51
CA LYS F 130 -31.37 -8.22 5.51
C LYS F 130 -32.78 -7.92 6.08
N GLY F 131 -33.01 -8.27 7.35
CA GLY F 131 -34.31 -8.18 8.00
C GLY F 131 -34.17 -8.87 9.36
N SER F 132 -35.27 -8.98 10.10
CA SER F 132 -35.27 -9.63 11.42
C SER F 132 -34.09 -9.21 12.26
N VAL F 133 -33.65 -7.97 12.08
CA VAL F 133 -32.44 -7.48 12.75
C VAL F 133 -32.59 -7.43 14.27
N GLU F 134 -33.81 -7.40 14.77
CA GLU F 134 -34.04 -7.24 16.20
C GLU F 134 -33.73 -8.53 16.93
N LEU F 135 -33.53 -9.60 16.18
CA LEU F 135 -33.19 -10.88 16.77
C LEU F 135 -31.78 -10.92 17.23
N ALA F 136 -30.90 -10.14 16.58
CA ALA F 136 -29.46 -10.34 16.73
C ALA F 136 -29.10 -10.36 18.20
N PRO F 137 -29.55 -9.37 18.96
CA PRO F 137 -29.28 -9.34 20.40
C PRO F 137 -29.77 -10.58 21.13
N ILE F 138 -31.02 -10.96 20.92
CA ILE F 138 -31.68 -12.13 21.54
C ILE F 138 -30.91 -13.41 21.28
N ALA F 139 -30.45 -13.57 20.03
CA ALA F 139 -29.70 -14.74 19.59
C ALA F 139 -28.22 -14.71 19.96
N GLY F 140 -27.70 -13.55 20.34
CA GLY F 140 -26.31 -13.42 20.73
C GLY F 140 -25.46 -13.14 19.52
N LEU F 141 -26.12 -12.82 18.42
CA LEU F 141 -25.43 -12.53 17.19
C LEU F 141 -24.83 -11.13 17.24
N SER F 142 -25.41 -10.22 18.02
CA SER F 142 -24.81 -8.89 18.25
C SER F 142 -25.14 -8.39 19.64
N ASP F 143 -24.40 -7.41 20.13
CA ASP F 143 -24.74 -6.81 21.41
C ASP F 143 -25.70 -5.64 21.22
N LEU F 144 -25.75 -5.13 19.99
CA LEU F 144 -26.55 -3.98 19.63
C LEU F 144 -27.14 -3.98 18.18
N ILE F 145 -28.18 -3.18 17.97
CA ILE F 145 -28.68 -2.91 16.60
C ILE F 145 -28.90 -1.46 16.27
N VAL F 146 -28.88 -1.19 14.99
CA VAL F 146 -29.31 0.09 14.46
C VAL F 146 -30.39 -0.26 13.43
N ASP F 147 -31.63 0.14 13.70
CA ASP F 147 -32.75 -0.17 12.82
C ASP F 147 -33.82 0.88 12.92
N ILE F 148 -34.77 0.79 12.00
CA ILE F 148 -35.85 1.74 11.92
C ILE F 148 -36.81 1.37 13.01
N THR F 149 -37.50 2.37 13.55
CA THR F 149 -38.62 2.18 14.46
C THR F 149 -39.73 3.21 14.13
N GLU F 150 -40.97 2.83 14.36
CA GLU F 150 -42.09 3.77 14.24
C GLU F 150 -42.76 3.89 15.61
N THR F 151 -43.58 2.88 15.93
CA THR F 151 -44.38 2.81 17.15
C THR F 151 -43.59 2.32 18.35
N GLY F 152 -42.63 1.43 18.08
CA GLY F 152 -41.84 0.76 19.10
C GLY F 152 -42.67 -0.34 19.72
N ARG F 153 -43.10 -1.28 18.89
CA ARG F 153 -43.83 -2.45 19.37
C ARG F 153 -42.80 -3.56 19.30
N THR F 154 -42.21 -3.71 18.11
CA THR F 154 -41.21 -4.73 17.81
C THR F 154 -40.08 -4.67 18.78
N LEU F 155 -39.77 -3.45 19.20
CA LEU F 155 -38.71 -3.26 20.13
C LEU F 155 -39.08 -3.70 21.55
N LYS F 156 -40.34 -3.49 21.92
CA LYS F 156 -40.77 -3.85 23.28
C LYS F 156 -41.11 -5.34 23.37
N GLU F 157 -41.34 -5.97 22.21
CA GLU F 157 -41.59 -7.39 22.12
C GLU F 157 -40.28 -8.16 22.32
N ASN F 158 -39.20 -7.62 21.76
CA ASN F 158 -37.90 -8.29 21.76
C ASN F 158 -37.01 -7.84 22.90
N ASN F 159 -37.66 -7.24 23.89
CA ASN F 159 -37.02 -6.56 25.02
C ASN F 159 -35.76 -5.72 24.65
N LEU F 160 -35.94 -4.85 23.66
CA LEU F 160 -34.93 -3.90 23.24
C LEU F 160 -35.31 -2.50 23.74
N GLU F 161 -34.31 -1.68 23.98
CA GLU F 161 -34.47 -0.30 24.46
C GLU F 161 -33.83 0.58 23.41
N ILE F 162 -34.45 1.71 23.12
CA ILE F 162 -33.82 2.81 22.37
C ILE F 162 -32.73 3.45 23.25
N LEU F 163 -31.49 3.28 22.83
CA LEU F 163 -30.33 3.83 23.52
C LEU F 163 -29.94 5.16 22.91
N ASP F 164 -30.51 5.47 21.75
CA ASP F 164 -30.25 6.72 21.03
C ASP F 164 -31.03 6.89 19.73
N GLU F 165 -31.45 8.11 19.47
CA GLU F 165 -32.12 8.44 18.22
C GLU F 165 -31.15 9.11 17.26
N ILE F 166 -30.83 8.41 16.17
CA ILE F 166 -29.80 8.86 15.25
C ILE F 166 -30.38 9.89 14.32
N PHE F 167 -31.47 9.57 13.63
CA PHE F 167 -32.21 10.50 12.79
C PHE F 167 -33.61 10.02 12.56
N VAL F 168 -34.46 10.96 12.17
CA VAL F 168 -35.89 10.74 11.90
C VAL F 168 -36.04 10.60 10.39
N ILE F 169 -37.00 9.77 9.98
CA ILE F 169 -37.18 9.40 8.58
C ILE F 169 -38.46 9.96 7.99
N ARG F 170 -38.40 10.35 6.72
CA ARG F 170 -39.52 10.88 5.98
C ARG F 170 -39.28 10.37 4.58
N THR F 171 -40.34 10.19 3.80
CA THR F 171 -40.20 9.70 2.42
C THR F 171 -40.24 10.86 1.45
N HIS F 172 -39.17 11.01 0.67
CA HIS F 172 -39.02 12.14 -0.24
C HIS F 172 -39.24 11.74 -1.68
N VAL F 173 -39.79 12.67 -2.46
CA VAL F 173 -39.74 12.54 -3.92
C VAL F 173 -38.39 13.12 -4.24
N VAL F 174 -37.64 12.48 -5.13
CA VAL F 174 -36.26 12.91 -5.35
C VAL F 174 -36.06 13.15 -6.84
N VAL F 175 -35.18 14.07 -7.21
CA VAL F 175 -34.99 14.43 -8.61
C VAL F 175 -33.49 14.46 -8.94
N ASN F 176 -33.10 13.81 -10.04
CA ASN F 176 -31.74 13.87 -10.50
C ASN F 176 -31.52 15.35 -10.90
N PRO F 177 -30.46 15.98 -10.40
CA PRO F 177 -30.30 17.43 -10.59
C PRO F 177 -30.03 17.85 -12.02
N VAL F 178 -29.54 16.98 -12.89
CA VAL F 178 -29.37 17.46 -14.25
C VAL F 178 -30.70 17.46 -14.98
N SER F 179 -31.53 16.44 -14.75
CA SER F 179 -32.75 16.41 -15.55
C SER F 179 -33.79 17.44 -15.05
N TYR F 180 -33.63 17.86 -13.81
CA TYR F 180 -34.29 19.07 -13.30
C TYR F 180 -33.92 20.31 -14.12
N ARG F 181 -32.86 20.23 -14.90
CA ARG F 181 -32.56 21.42 -15.68
C ARG F 181 -32.71 21.16 -17.16
N THR F 182 -32.42 19.93 -17.56
CA THR F 182 -32.54 19.48 -18.95
C THR F 182 -34.00 19.25 -19.36
N LYS F 183 -34.76 18.55 -18.53
CA LYS F 183 -36.19 18.34 -18.74
C LYS F 183 -37.05 19.19 -17.77
N ARG F 184 -36.56 20.38 -17.42
CA ARG F 184 -37.15 21.27 -16.38
C ARG F 184 -38.66 21.46 -16.47
N GLU F 185 -39.12 21.83 -17.67
CA GLU F 185 -40.56 21.97 -17.94
C GLU F 185 -41.35 20.69 -17.61
N GLU F 186 -40.90 19.55 -18.10
CA GLU F 186 -41.60 18.29 -17.84
C GLU F 186 -41.69 18.00 -16.33
N VAL F 187 -40.54 18.02 -15.68
CA VAL F 187 -40.37 17.76 -14.25
C VAL F 187 -41.31 18.61 -13.38
N VAL F 188 -41.37 19.92 -13.67
CA VAL F 188 -42.10 20.87 -12.85
C VAL F 188 -43.60 20.68 -13.03
N SER F 189 -44.03 20.43 -14.28
CA SER F 189 -45.44 20.08 -14.50
C SER F 189 -45.83 18.86 -13.67
N PHE F 190 -45.11 17.74 -13.85
CA PHE F 190 -45.43 16.50 -13.17
C PHE F 190 -45.36 16.64 -11.66
N LEU F 191 -44.35 17.35 -11.17
CA LEU F 191 -44.18 17.57 -9.75
C LEU F 191 -45.30 18.44 -9.11
N GLU F 192 -45.83 19.41 -9.86
CA GLU F 192 -46.98 20.22 -9.42
C GLU F 192 -48.24 19.35 -9.38
N LYS F 193 -48.42 18.54 -10.41
CA LYS F 193 -49.54 17.62 -10.51
C LYS F 193 -49.50 16.60 -9.37
N LEU F 194 -48.38 15.92 -9.20
CA LEU F 194 -48.18 15.05 -8.04
C LEU F 194 -48.53 15.76 -6.72
N GLN F 195 -47.85 16.86 -6.43
CA GLN F 195 -48.08 17.65 -5.21
C GLN F 195 -49.52 18.16 -5.01
N GLU F 196 -50.25 18.37 -6.11
CA GLU F 196 -51.64 18.81 -5.99
C GLU F 196 -52.49 17.66 -5.47
N VAL F 197 -52.18 16.44 -5.90
CA VAL F 197 -52.97 15.29 -5.46
C VAL F 197 -52.68 14.86 -4.01
N ILE F 198 -51.43 14.89 -3.57
CA ILE F 198 -51.11 14.70 -2.15
C ILE F 198 -51.88 15.73 -1.32
N GLU F 199 -52.05 16.92 -1.89
CA GLU F 199 -52.73 18.01 -1.18
C GLU F 199 -54.23 17.77 -1.00
N HIS F 200 -54.90 17.17 -2.00
CA HIS F 200 -56.32 16.77 -1.88
C HIS F 200 -56.59 16.00 -0.58
N ASP F 201 -55.68 15.07 -0.24
CA ASP F 201 -55.79 14.27 1.00
C ASP F 201 -55.38 15.11 2.21
N SER F 202 -56.14 16.18 2.44
CA SER F 202 -55.89 17.22 3.45
C SER F 202 -54.46 17.18 4.02
N ASN F 203 -54.48 16.44 4.97
N MET G 1 31.99 17.50 -28.90
CA MET G 1 33.44 17.26 -28.59
C MET G 1 33.48 16.12 -27.58
N LEU G 2 34.68 15.63 -27.28
CA LEU G 2 34.80 14.43 -26.42
C LEU G 2 34.97 14.74 -24.95
N LYS G 3 33.99 14.27 -24.19
CA LYS G 3 34.00 14.37 -22.75
C LYS G 3 34.30 12.98 -22.18
N LEU G 4 35.40 12.89 -21.44
CA LEU G 4 35.76 11.62 -20.78
C LEU G 4 35.53 11.71 -19.27
N ALA G 5 34.85 10.70 -18.74
CA ALA G 5 34.74 10.52 -17.29
C ALA G 5 35.92 9.65 -16.82
N ILE G 6 36.90 10.26 -16.18
CA ILE G 6 38.03 9.45 -15.68
C ILE G 6 38.01 9.13 -14.18
N PRO G 7 38.22 7.86 -13.86
CA PRO G 7 38.09 7.38 -12.48
C PRO G 7 39.29 7.76 -11.67
N LYS G 8 39.09 8.63 -10.68
CA LYS G 8 40.17 9.02 -9.77
C LYS G 8 40.63 7.77 -8.97
N GLY G 9 41.88 7.75 -8.54
CA GLY G 9 42.38 6.61 -7.78
C GLY G 9 43.36 5.70 -8.51
N ARG G 10 43.16 4.39 -8.35
CA ARG G 10 44.10 3.38 -8.86
C ARG G 10 44.38 3.45 -10.39
N LEU G 11 43.33 3.73 -11.17
CA LEU G 11 43.43 3.69 -12.62
C LEU G 11 43.88 5.03 -13.18
N GLU G 12 43.81 6.08 -12.35
CA GLU G 12 44.01 7.44 -12.86
C GLU G 12 45.27 7.58 -13.71
N GLU G 13 46.41 7.28 -13.12
CA GLU G 13 47.72 7.42 -13.74
C GLU G 13 47.80 6.64 -15.05
N LYS G 14 47.40 5.35 -15.01
CA LYS G 14 47.40 4.47 -16.19
C LYS G 14 46.61 5.08 -17.35
N VAL G 15 45.42 5.61 -17.06
CA VAL G 15 44.53 6.14 -18.07
C VAL G 15 45.09 7.45 -18.59
N MET G 16 45.35 8.38 -17.66
CA MET G 16 45.91 9.67 -18.01
C MET G 16 47.15 9.49 -18.87
N THR G 17 48.00 8.52 -18.50
CA THR G 17 49.20 8.27 -19.31
C THR G 17 48.85 7.72 -20.72
N TYR G 18 47.81 6.87 -20.80
CA TYR G 18 47.29 6.39 -22.07
C TYR G 18 46.87 7.59 -22.91
N LEU G 19 46.18 8.51 -22.25
CA LEU G 19 45.68 9.70 -22.90
C LEU G 19 46.83 10.53 -23.50
N LYS G 20 47.95 10.60 -22.77
CA LYS G 20 49.08 11.42 -23.18
C LYS G 20 49.73 10.73 -24.37
N LYS G 21 49.95 9.42 -24.25
CA LYS G 21 50.50 8.61 -25.34
C LYS G 21 49.64 8.65 -26.63
N THR G 22 48.51 9.36 -26.57
CA THR G 22 47.50 9.35 -27.63
C THR G 22 47.53 10.67 -28.40
N GLY G 23 48.04 11.71 -27.75
CA GLY G 23 48.15 13.04 -28.34
C GLY G 23 47.49 14.14 -27.52
N VAL G 24 46.70 13.75 -26.53
CA VAL G 24 45.98 14.70 -25.70
C VAL G 24 46.93 15.70 -24.99
N ILE G 25 46.68 16.99 -25.21
CA ILE G 25 47.36 18.08 -24.54
C ILE G 25 46.27 18.89 -23.84
N PHE G 26 46.49 19.25 -22.57
CA PHE G 26 45.42 19.79 -21.73
C PHE G 26 45.27 21.34 -21.66
N GLU G 27 46.36 22.06 -21.58
CA GLU G 27 46.31 23.53 -21.55
C GLU G 27 45.39 24.20 -20.47
N ARG G 28 44.82 23.41 -19.56
CA ARG G 28 43.90 23.92 -18.54
C ARG G 28 43.61 22.77 -17.61
N GLU G 29 43.91 22.94 -16.32
CA GLU G 29 43.78 21.85 -15.36
C GLU G 29 43.39 22.27 -13.93
N SER G 30 42.83 21.31 -13.22
CA SER G 30 42.55 21.41 -11.78
C SER G 30 42.37 19.99 -11.27
N SER G 31 42.13 19.83 -9.97
CA SER G 31 41.94 18.51 -9.34
C SER G 31 40.82 17.72 -10.02
N ILE G 32 39.92 18.45 -10.68
CA ILE G 32 38.58 17.96 -10.96
C ILE G 32 38.34 18.02 -12.47
N LEU G 33 38.94 19.01 -13.10
CA LEU G 33 38.67 19.32 -14.48
C LEU G 33 39.96 19.48 -15.29
N ARG G 34 40.03 18.74 -16.39
CA ARG G 34 41.13 18.81 -17.35
C ARG G 34 40.59 18.96 -18.76
N GLU G 35 40.68 20.18 -19.30
CA GLU G 35 40.11 20.54 -20.60
C GLU G 35 41.24 20.62 -21.62
N GLY G 36 40.91 20.95 -22.87
CA GLY G 36 41.91 21.12 -23.90
C GLY G 36 41.32 21.10 -25.30
N LYS G 37 40.38 22.01 -25.56
CA LYS G 37 39.74 22.25 -26.89
C LYS G 37 39.82 21.08 -27.88
N ASP G 38 38.87 20.15 -27.74
CA ASP G 38 38.77 18.87 -28.48
C ASP G 38 38.57 17.72 -27.47
N ILE G 39 38.89 17.98 -26.22
CA ILE G 39 38.87 16.95 -25.20
C ILE G 39 38.61 17.58 -23.83
N VAL G 40 37.77 16.96 -23.03
CA VAL G 40 37.55 17.37 -21.66
C VAL G 40 37.62 16.13 -20.81
N CYS G 41 38.30 16.22 -19.67
CA CYS G 41 38.28 15.11 -18.75
C CYS G 41 37.66 15.53 -17.47
N PHE G 42 36.57 14.85 -17.10
CA PHE G 42 35.97 14.93 -15.77
C PHE G 42 36.65 13.93 -14.81
N MET G 43 37.38 14.45 -13.83
CA MET G 43 38.05 13.58 -12.88
C MET G 43 37.07 13.21 -11.76
N VAL G 44 36.42 12.06 -11.91
CA VAL G 44 35.38 11.66 -10.97
C VAL G 44 35.74 10.38 -10.18
N ARG G 45 34.99 10.09 -9.13
CA ARG G 45 35.05 8.78 -8.48
C ARG G 45 34.56 7.64 -9.36
N PRO G 46 35.22 6.48 -9.26
CA PRO G 46 34.91 5.30 -10.08
C PRO G 46 33.45 4.94 -10.07
N PHE G 47 32.84 4.88 -8.90
CA PHE G 47 31.39 4.64 -8.77
C PHE G 47 30.49 5.55 -9.60
N ASP G 48 30.91 6.79 -9.88
CA ASP G 48 30.03 7.76 -10.54
C ASP G 48 30.15 7.73 -12.06
N VAL G 49 31.13 6.95 -12.57
CA VAL G 49 31.41 6.89 -14.01
C VAL G 49 30.17 6.55 -14.84
N PRO G 50 29.46 5.46 -14.52
CA PRO G 50 28.20 5.16 -15.23
C PRO G 50 27.18 6.28 -15.08
N THR G 51 27.15 6.97 -13.95
CA THR G 51 26.07 7.96 -13.87
C THR G 51 26.36 9.13 -14.78
N TYR G 52 27.64 9.41 -15.04
CA TYR G 52 28.06 10.42 -16.04
C TYR G 52 27.78 10.00 -17.48
N LEU G 53 28.02 8.73 -17.80
CA LEU G 53 27.85 8.20 -19.12
C LEU G 53 26.39 7.97 -19.46
N VAL G 54 25.66 7.39 -18.50
CA VAL G 54 24.28 6.95 -18.71
C VAL G 54 23.37 8.13 -19.02
N HIS G 55 23.64 9.28 -18.44
CA HIS G 55 22.84 10.48 -18.72
C HIS G 55 23.43 11.20 -19.95
N GLY G 56 24.43 10.62 -20.58
CA GLY G 56 25.09 11.26 -21.71
C GLY G 56 25.64 12.66 -21.40
N VAL G 57 26.25 12.81 -20.22
CA VAL G 57 26.94 14.04 -19.88
C VAL G 57 28.44 13.87 -20.06
N ALA G 58 28.86 12.62 -20.22
CA ALA G 58 30.17 12.27 -20.76
C ALA G 58 29.99 11.19 -21.85
N ASP G 59 30.89 11.10 -22.83
CA ASP G 59 30.82 10.11 -23.92
C ASP G 59 31.58 8.81 -23.71
N ILE G 60 32.67 8.86 -22.94
CA ILE G 60 33.57 7.73 -22.74
C ILE G 60 34.06 7.74 -21.29
N GLY G 61 34.08 6.56 -20.67
CA GLY G 61 34.48 6.42 -19.28
C GLY G 61 35.38 5.20 -19.16
N PHE G 62 35.90 4.96 -17.95
CA PHE G 62 36.64 3.71 -17.67
C PHE G 62 36.12 3.06 -16.41
N CYS G 63 35.73 1.79 -16.50
CA CYS G 63 35.02 1.14 -15.39
C CYS G 63 35.32 -0.29 -15.16
N GLY G 64 35.33 -0.69 -13.88
CA GLY G 64 35.35 -2.08 -13.50
C GLY G 64 33.98 -2.71 -13.65
N THR G 65 33.96 -4.01 -13.89
CA THR G 65 32.74 -4.81 -13.79
C THR G 65 31.95 -4.55 -12.50
N ASP G 66 32.67 -4.26 -11.42
CA ASP G 66 32.03 -4.08 -10.12
C ASP G 66 31.07 -2.88 -10.13
N VAL G 67 31.52 -1.73 -10.63
CA VAL G 67 30.62 -0.58 -10.71
C VAL G 67 29.56 -0.75 -11.80
N LEU G 68 29.88 -1.46 -12.90
CA LEU G 68 28.85 -1.73 -13.91
C LEU G 68 27.74 -2.59 -13.34
N LEU G 69 28.09 -3.66 -12.65
CA LEU G 69 27.07 -4.47 -12.00
C LEU G 69 26.40 -3.75 -10.81
N GLU G 70 27.13 -2.93 -10.09
CA GLU G 70 26.50 -2.15 -9.01
C GLU G 70 25.39 -1.20 -9.52
N LYS G 71 25.66 -0.45 -10.59
CA LYS G 71 24.64 0.38 -11.24
C LYS G 71 24.10 -0.39 -12.42
N GLU G 72 22.84 -0.76 -12.39
CA GLU G 72 22.34 -1.71 -13.38
C GLU G 72 22.39 -1.05 -14.77
N THR G 73 23.56 -0.70 -15.15
CA THR G 73 23.89 0.24 -16.24
C THR G 73 24.42 -0.49 -17.44
N SER G 74 23.73 -0.41 -18.54
CA SER G 74 24.27 -1.06 -19.71
C SER G 74 24.63 -0.01 -20.76
N LEU G 75 25.90 -0.04 -21.12
CA LEU G 75 26.43 0.84 -22.17
C LEU G 75 27.55 0.08 -22.89
N ILE G 76 27.82 0.55 -24.08
CA ILE G 76 28.81 -0.06 -24.98
C ILE G 76 30.20 -0.17 -24.34
N GLN G 77 30.75 -1.44 -24.52
CA GLN G 77 32.04 -1.81 -23.95
C GLN G 77 32.98 -2.40 -25.00
N PRO G 78 33.73 -1.57 -25.71
CA PRO G 78 34.50 -2.03 -26.90
C PRO G 78 35.71 -2.91 -26.58
N PHE G 79 36.53 -2.49 -25.59
CA PHE G 79 37.68 -3.29 -25.18
C PHE G 79 38.02 -3.06 -23.74
N PHE G 80 38.95 -3.85 -23.18
CA PHE G 80 39.36 -3.68 -21.78
C PHE G 80 40.63 -2.87 -21.60
N ILE G 81 40.75 -2.25 -20.43
CA ILE G 81 41.97 -1.62 -19.97
C ILE G 81 42.67 -2.77 -19.23
N PRO G 82 43.89 -3.10 -19.60
CA PRO G 82 44.56 -4.24 -18.97
C PRO G 82 44.98 -3.92 -17.52
N THR G 83 44.59 -4.76 -16.57
CA THR G 83 44.93 -4.58 -15.17
C THR G 83 45.15 -5.95 -14.52
N ASN G 84 45.57 -5.98 -13.25
CA ASN G 84 45.65 -7.26 -12.52
C ASN G 84 44.28 -7.82 -12.19
N ILE G 85 44.22 -9.15 -12.19
CA ILE G 85 43.04 -9.93 -11.82
C ILE G 85 42.44 -9.49 -10.47
N SER G 86 41.12 -9.27 -10.43
CA SER G 86 40.38 -9.00 -9.18
C SER G 86 39.09 -9.77 -9.22
N ARG G 87 38.59 -10.09 -8.04
CA ARG G 87 37.37 -10.87 -7.90
C ARG G 87 36.48 -10.24 -6.83
N MET G 88 35.21 -10.10 -7.15
CA MET G 88 34.19 -9.78 -6.16
C MET G 88 33.87 -11.10 -5.41
N VAL G 89 34.05 -11.10 -4.09
CA VAL G 89 33.92 -12.36 -3.33
C VAL G 89 33.10 -12.18 -2.07
N LEU G 90 32.55 -13.30 -1.59
CA LEU G 90 32.00 -13.41 -0.24
C LEU G 90 33.08 -13.89 0.73
N ALA G 91 33.06 -13.35 1.95
CA ALA G 91 34.09 -13.64 2.96
C ALA G 91 33.57 -13.49 4.39
N GLY G 92 34.10 -14.32 5.29
CA GLY G 92 33.77 -14.30 6.71
C GLY G 92 35.02 -14.67 7.50
N PRO G 93 35.00 -14.55 8.81
CA PRO G 93 36.14 -14.90 9.66
C PRO G 93 36.62 -16.34 9.44
N LYS G 94 37.94 -16.53 9.43
CA LYS G 94 38.60 -17.79 9.16
C LYS G 94 37.86 -19.00 9.72
N GLY G 95 37.73 -20.02 8.87
CA GLY G 95 37.16 -21.32 9.22
C GLY G 95 35.94 -21.32 10.11
N ARG G 96 35.06 -20.33 9.99
CA ARG G 96 33.85 -20.26 10.83
C ARG G 96 32.53 -20.40 10.06
N GLY G 97 32.62 -20.61 8.75
CA GLY G 97 31.47 -20.92 7.91
C GLY G 97 30.38 -19.85 7.77
N ILE G 98 29.23 -20.26 7.26
CA ILE G 98 28.09 -19.37 7.17
C ILE G 98 27.17 -19.46 8.42
N PRO G 99 26.85 -18.32 9.03
CA PRO G 99 25.84 -18.29 10.10
C PRO G 99 24.47 -18.65 9.54
N GLU G 100 23.67 -19.33 10.36
CA GLU G 100 22.42 -19.93 9.91
C GLU G 100 21.18 -19.02 10.04
N GLY G 101 21.31 -17.90 10.73
CA GLY G 101 20.22 -16.94 10.83
C GLY G 101 20.40 -15.79 9.87
N GLU G 102 19.43 -14.88 9.86
CA GLU G 102 19.57 -13.57 9.25
C GLU G 102 21.05 -13.15 9.25
N LYS G 103 21.72 -13.32 8.11
CA LYS G 103 23.15 -13.00 8.00
C LYS G 103 23.38 -11.49 7.82
N ARG G 104 24.30 -10.94 8.62
CA ARG G 104 24.66 -9.53 8.49
C ARG G 104 25.85 -9.39 7.55
N ILE G 105 25.69 -8.59 6.50
CA ILE G 105 26.71 -8.39 5.46
C ILE G 105 27.09 -6.95 5.17
N ALA G 106 28.37 -6.64 5.40
CA ALA G 106 28.92 -5.33 5.14
C ALA G 106 29.49 -5.25 3.72
N THR G 107 29.46 -4.06 3.09
CA THR G 107 29.94 -3.91 1.69
C THR G 107 29.90 -2.48 1.13
N LYS G 108 30.72 -2.21 0.13
CA LYS G 108 30.58 -0.98 -0.65
C LYS G 108 29.59 -1.20 -1.76
N PHE G 109 29.15 -2.45 -1.93
CA PHE G 109 28.37 -2.88 -3.10
C PHE G 109 27.00 -3.43 -2.72
N PRO G 110 26.13 -2.57 -2.16
CA PRO G 110 24.86 -3.02 -1.60
C PRO G 110 24.01 -3.69 -2.67
N ASN G 111 24.03 -3.17 -3.90
CA ASN G 111 23.18 -3.70 -4.98
C ASN G 111 23.62 -5.08 -5.47
N VAL G 112 24.94 -5.28 -5.57
CA VAL G 112 25.49 -6.59 -5.89
C VAL G 112 25.15 -7.61 -4.76
N THR G 113 25.26 -7.20 -3.50
CA THR G 113 25.03 -8.19 -2.43
C THR G 113 23.55 -8.49 -2.17
N GLN G 114 22.68 -7.54 -2.51
CA GLN G 114 21.23 -7.73 -2.45
C GLN G 114 20.80 -8.82 -3.42
N ARG G 115 21.38 -8.74 -4.61
CA ARG G 115 21.18 -9.74 -5.66
C ARG G 115 21.84 -11.08 -5.36
N TYR G 116 23.02 -11.08 -4.75
CA TYR G 116 23.65 -12.33 -4.36
C TYR G 116 22.77 -13.08 -3.34
N CYS G 117 22.29 -12.33 -2.35
CA CYS G 117 21.47 -12.86 -1.27
C CYS G 117 20.13 -13.45 -1.73
N GLU G 118 19.54 -12.85 -2.76
CA GLU G 118 18.33 -13.39 -3.36
C GLU G 118 18.69 -14.71 -4.02
N SER G 119 19.48 -14.63 -5.08
CA SER G 119 19.90 -15.79 -5.86
C SER G 119 20.33 -17.00 -5.02
N LYS G 120 20.86 -16.75 -3.82
CA LYS G 120 21.22 -17.82 -2.89
C LYS G 120 20.12 -18.14 -1.87
N GLY G 121 18.97 -17.50 -2.08
CA GLY G 121 17.79 -17.65 -1.25
C GLY G 121 18.11 -17.37 0.20
N TRP G 122 18.51 -16.12 0.48
CA TRP G 122 19.06 -15.75 1.78
C TRP G 122 18.33 -14.59 2.46
N HIS G 123 18.23 -14.67 3.78
CA HIS G 123 17.70 -13.58 4.60
C HIS G 123 18.87 -12.78 5.17
N CYS G 124 19.07 -11.57 4.67
CA CYS G 124 20.24 -10.79 5.12
C CYS G 124 20.04 -9.28 5.31
N ARG G 125 20.69 -8.78 6.36
CA ARG G 125 20.77 -7.35 6.67
C ARG G 125 22.00 -6.82 5.95
N ILE G 126 21.83 -5.77 5.15
CA ILE G 126 22.98 -5.18 4.48
C ILE G 126 23.41 -3.85 5.11
N ILE G 127 24.67 -3.81 5.54
CA ILE G 127 25.29 -2.64 6.14
C ILE G 127 26.26 -2.01 5.15
N PRO G 128 25.84 -0.93 4.52
CA PRO G 128 26.71 -0.24 3.55
C PRO G 128 27.84 0.48 4.27
N LEU G 129 29.02 0.42 3.66
CA LEU G 129 30.22 1.08 4.19
C LEU G 129 30.93 1.66 3.00
N LYS G 130 31.83 2.57 3.27
CA LYS G 130 32.41 3.32 2.20
C LYS G 130 33.84 2.83 1.98
N GLY G 131 34.25 1.87 2.81
CA GLY G 131 35.61 1.39 2.78
C GLY G 131 35.91 0.68 4.06
N SER G 132 37.15 0.23 4.21
CA SER G 132 37.67 -0.52 5.38
C SER G 132 36.78 -1.70 5.75
N VAL G 133 36.08 -2.18 4.75
CA VAL G 133 35.12 -3.24 4.83
C VAL G 133 35.55 -4.51 5.56
N GLU G 134 36.86 -4.77 5.65
CA GLU G 134 37.41 -6.04 6.18
C GLU G 134 37.37 -6.11 7.66
N LEU G 135 37.14 -4.94 8.29
CA LEU G 135 36.79 -4.80 9.69
C LEU G 135 35.35 -5.10 9.63
N ALA G 136 34.68 -5.26 10.75
CA ALA G 136 33.23 -5.48 10.63
C ALA G 136 32.91 -6.86 11.05
N PRO G 137 33.46 -7.89 10.43
CA PRO G 137 33.51 -9.20 11.10
C PRO G 137 34.34 -9.12 12.36
N ILE G 138 35.44 -8.38 12.35
CA ILE G 138 36.29 -8.18 13.53
C ILE G 138 35.61 -7.34 14.56
N ALA G 139 35.00 -6.25 14.11
CA ALA G 139 34.34 -5.33 15.02
C ALA G 139 33.04 -5.89 15.55
N GLY G 140 32.38 -6.75 14.78
CA GLY G 140 31.07 -7.23 15.15
C GLY G 140 29.95 -6.47 14.49
N LEU G 141 30.28 -5.65 13.50
CA LEU G 141 29.29 -4.97 12.69
C LEU G 141 28.59 -5.94 11.76
N SER G 142 29.25 -7.03 11.39
CA SER G 142 28.65 -7.92 10.42
C SER G 142 29.17 -9.31 10.63
N ASP G 143 28.45 -10.28 10.12
CA ASP G 143 28.92 -11.67 10.13
C ASP G 143 29.83 -11.91 8.93
N LEU G 144 29.52 -11.25 7.81
CA LEU G 144 30.18 -11.55 6.54
C LEU G 144 30.40 -10.28 5.79
N ILE G 145 31.11 -10.37 4.67
CA ILE G 145 31.29 -9.24 3.75
C ILE G 145 31.32 -9.69 2.28
N VAL G 146 31.00 -8.73 1.42
CA VAL G 146 31.16 -8.86 -0.01
C VAL G 146 32.07 -7.73 -0.38
N ASP G 147 33.26 -8.06 -0.84
CA ASP G 147 34.22 -7.08 -1.24
C ASP G 147 35.07 -7.59 -2.38
N ILE G 148 36.04 -6.75 -2.74
CA ILE G 148 36.96 -7.04 -3.82
C ILE G 148 38.22 -7.68 -3.24
N THR G 149 38.75 -8.63 -3.97
CA THR G 149 39.98 -9.24 -3.59
C THR G 149 40.77 -9.37 -4.87
N GLU G 150 42.10 -9.32 -4.73
CA GLU G 150 43.08 -9.36 -5.83
C GLU G 150 44.07 -10.49 -5.55
N THR G 151 44.98 -10.28 -4.62
CA THR G 151 45.76 -11.40 -4.08
C THR G 151 44.92 -12.18 -3.06
N GLY G 152 44.84 -11.68 -1.84
CA GLY G 152 44.17 -12.36 -0.75
C GLY G 152 44.92 -11.93 0.49
N ARG G 153 45.92 -11.07 0.24
CA ARG G 153 46.76 -10.48 1.29
C ARG G 153 45.91 -9.77 2.34
N THR G 154 45.05 -8.87 1.89
CA THR G 154 44.20 -8.10 2.79
C THR G 154 43.20 -9.01 3.52
N LEU G 155 42.76 -10.09 2.87
CA LEU G 155 41.78 -10.97 3.46
C LEU G 155 42.42 -11.77 4.58
N LYS G 156 43.66 -12.18 4.39
CA LYS G 156 44.31 -13.06 5.36
C LYS G 156 45.01 -12.30 6.49
N GLU G 157 45.55 -11.13 6.16
CA GLU G 157 46.14 -10.23 7.15
C GLU G 157 45.12 -9.84 8.22
N ASN G 158 43.83 -10.04 7.88
CA ASN G 158 42.71 -9.81 8.81
C ASN G 158 41.86 -11.05 9.11
N ASN G 159 42.46 -12.23 9.05
CA ASN G 159 41.75 -13.48 9.33
C ASN G 159 40.39 -13.72 8.64
N LEU G 160 40.33 -13.49 7.34
CA LEU G 160 39.11 -13.76 6.56
C LEU G 160 39.36 -14.85 5.51
N GLU G 161 38.35 -15.65 5.27
CA GLU G 161 38.42 -16.69 4.24
C GLU G 161 37.43 -16.38 3.15
N ILE G 162 37.85 -16.56 1.91
CA ILE G 162 36.92 -16.46 0.80
C ILE G 162 35.92 -17.61 0.94
N LEU G 163 34.63 -17.31 0.78
CA LEU G 163 33.62 -18.36 0.89
C LEU G 163 32.84 -18.57 -0.40
N ASP G 164 32.89 -17.58 -1.29
CA ASP G 164 32.26 -17.69 -2.60
C ASP G 164 32.79 -16.64 -3.58
N GLU G 165 33.16 -17.08 -4.78
CA GLU G 165 33.58 -16.15 -5.82
C GLU G 165 32.33 -15.66 -6.59
N ILE G 166 32.00 -14.38 -6.44
CA ILE G 166 30.76 -13.88 -7.04
C ILE G 166 30.92 -13.63 -8.52
N PHE G 167 31.91 -12.84 -8.90
CA PHE G 167 32.25 -12.67 -10.32
C PHE G 167 33.67 -12.10 -10.39
N VAL G 168 34.34 -12.32 -11.52
CA VAL G 168 35.69 -11.81 -11.63
C VAL G 168 35.57 -10.46 -12.25
N ILE G 169 36.49 -9.57 -11.94
CA ILE G 169 36.40 -8.23 -12.49
C ILE G 169 37.55 -7.78 -13.43
N ARG G 170 37.14 -7.15 -14.53
CA ARG G 170 38.03 -6.56 -15.50
C ARG G 170 37.70 -5.09 -15.56
N THR G 171 38.57 -4.32 -16.22
CA THR G 171 38.36 -2.89 -16.44
C THR G 171 38.07 -2.59 -17.91
N HIS G 172 36.90 -2.01 -18.14
CA HIS G 172 36.38 -1.75 -19.47
C HIS G 172 36.51 -0.27 -19.74
N VAL G 173 36.82 0.07 -21.00
CA VAL G 173 36.44 1.39 -21.51
C VAL G 173 34.97 1.29 -21.91
N VAL G 174 34.18 2.31 -21.59
CA VAL G 174 32.75 2.29 -21.87
C VAL G 174 32.34 3.57 -22.60
N VAL G 175 31.30 3.47 -23.42
CA VAL G 175 30.89 4.58 -24.29
C VAL G 175 29.39 4.77 -24.10
N ASN G 176 28.94 6.02 -24.18
CA ASN G 176 27.55 6.37 -24.02
C ASN G 176 26.85 6.02 -25.33
N PRO G 177 25.95 5.05 -25.34
CA PRO G 177 25.38 4.60 -26.61
C PRO G 177 24.90 5.73 -27.55
N VAL G 178 24.26 6.79 -27.06
CA VAL G 178 23.77 7.74 -28.04
C VAL G 178 24.91 8.54 -28.69
N SER G 179 25.91 8.88 -27.91
CA SER G 179 27.01 9.60 -28.50
C SER G 179 27.89 8.72 -29.39
N TYR G 180 27.77 7.40 -29.25
CA TYR G 180 28.41 6.51 -30.20
C TYR G 180 27.88 6.80 -31.57
N ARG G 181 26.68 7.31 -31.63
CA ARG G 181 26.12 7.51 -32.95
C ARG G 181 26.21 8.99 -33.32
N THR G 182 25.89 9.88 -32.38
CA THR G 182 25.89 11.34 -32.63
C THR G 182 27.26 11.89 -32.94
N LYS G 183 28.27 11.27 -32.34
CA LYS G 183 29.64 11.74 -32.52
C LYS G 183 30.60 10.61 -32.80
N ARG G 184 30.19 9.73 -33.68
CA ARG G 184 30.91 8.53 -33.94
C ARG G 184 32.30 8.72 -34.56
N GLU G 185 32.44 9.60 -35.55
CA GLU G 185 33.75 9.84 -36.18
C GLU G 185 34.80 10.13 -35.10
N GLU G 186 34.46 11.02 -34.18
CA GLU G 186 35.33 11.35 -33.05
C GLU G 186 35.57 10.17 -32.11
N VAL G 187 34.52 9.45 -31.78
CA VAL G 187 34.60 8.41 -30.79
C VAL G 187 35.53 7.33 -31.34
N VAL G 188 35.26 6.89 -32.57
CA VAL G 188 36.04 5.85 -33.23
C VAL G 188 37.52 6.24 -33.35
N SER G 189 37.79 7.47 -33.78
CA SER G 189 39.17 7.94 -33.89
C SER G 189 39.85 7.86 -32.55
N PHE G 190 39.17 8.28 -31.49
CA PHE G 190 39.75 8.22 -30.18
C PHE G 190 39.98 6.79 -29.77
N LEU G 191 38.95 5.94 -29.89
CA LEU G 191 39.06 4.58 -29.41
C LEU G 191 40.11 3.83 -30.21
N GLU G 192 40.25 4.20 -31.49
CA GLU G 192 41.21 3.57 -32.42
C GLU G 192 42.65 3.82 -31.97
N LYS G 193 42.92 5.09 -31.61
CA LYS G 193 44.22 5.52 -31.11
C LYS G 193 44.50 4.92 -29.75
N LEU G 194 43.52 4.97 -28.85
CA LEU G 194 43.65 4.38 -27.49
C LEU G 194 43.95 2.86 -27.53
N GLN G 195 43.34 2.15 -28.47
CA GLN G 195 43.58 0.73 -28.60
C GLN G 195 44.98 0.46 -29.18
N GLU G 196 45.45 1.33 -30.04
CA GLU G 196 46.83 1.22 -30.53
C GLU G 196 47.86 1.32 -29.38
N VAL G 197 47.68 2.31 -28.53
CA VAL G 197 48.52 2.59 -27.38
C VAL G 197 48.57 1.40 -26.40
N ILE G 198 47.47 0.66 -26.28
CA ILE G 198 47.42 -0.46 -25.37
C ILE G 198 48.06 -1.70 -25.96
N GLU G 199 48.28 -1.70 -27.28
CA GLU G 199 49.05 -2.76 -27.95
C GLU G 199 50.50 -2.36 -28.25
N HIS G 200 50.92 -1.13 -27.89
CA HIS G 200 52.36 -0.76 -27.95
C HIS G 200 53.09 -0.77 -26.59
N ASP G 201 52.33 -0.81 -25.49
CA ASP G 201 52.85 -1.29 -24.20
C ASP G 201 52.86 -2.82 -24.20
N SER G 202 52.13 -3.38 -25.18
CA SER G 202 51.95 -4.82 -25.42
C SER G 202 50.99 -5.52 -24.45
N ASN G 203 49.74 -5.04 -24.43
CA ASN G 203 48.63 -5.78 -23.84
C ASN G 203 47.40 -5.69 -24.75
N GLU G 204 47.56 -6.00 -25.96
N MET H 1 39.00 -2.33 28.05
CA MET H 1 39.33 -1.79 26.71
C MET H 1 38.31 -0.79 26.14
N LEU H 2 38.84 0.22 25.46
CA LEU H 2 38.04 1.20 24.76
C LEU H 2 38.29 1.03 23.29
N LYS H 3 37.24 0.93 22.50
CA LYS H 3 37.35 0.89 21.04
C LYS H 3 36.97 2.23 20.40
N LEU H 4 37.88 2.72 19.55
CA LEU H 4 37.68 3.99 18.87
C LEU H 4 37.56 3.84 17.36
N ALA H 5 36.59 4.56 16.81
CA ALA H 5 36.38 4.58 15.37
C ALA H 5 37.03 5.88 14.87
N ILE H 6 38.16 5.70 14.16
CA ILE H 6 38.98 6.83 13.74
C ILE H 6 38.82 7.10 12.25
N PRO H 7 38.52 8.34 11.91
CA PRO H 7 38.19 8.70 10.51
C PRO H 7 39.45 8.75 9.65
N LYS H 8 39.50 7.93 8.62
CA LYS H 8 40.60 7.91 7.65
C LYS H 8 40.68 9.20 6.81
N GLY H 9 41.89 9.64 6.51
CA GLY H 9 42.06 10.80 5.62
C GLY H 9 42.51 12.10 6.24
N ARG H 10 41.67 13.12 6.09
CA ARG H 10 42.02 14.50 6.45
C ARG H 10 42.40 14.66 7.92
N LEU H 11 41.61 14.05 8.81
CA LEU H 11 41.80 14.17 10.27
C LEU H 11 42.70 13.10 10.88
N GLU H 12 43.06 12.11 10.07
CA GLU H 12 43.62 10.85 10.57
C GLU H 12 44.90 11.01 11.39
N GLU H 13 45.82 11.82 10.86
CA GLU H 13 47.06 12.13 11.58
C GLU H 13 46.83 12.98 12.82
N LYS H 14 45.94 13.97 12.72
CA LYS H 14 45.62 14.86 13.85
C LYS H 14 45.17 14.10 15.14
N VAL H 15 44.19 13.22 14.98
CA VAL H 15 43.70 12.35 16.04
C VAL H 15 44.74 11.38 16.55
N MET H 16 45.33 10.61 15.63
CA MET H 16 46.35 9.66 15.99
C MET H 16 47.48 10.34 16.74
N THR H 17 47.79 11.60 16.38
CA THR H 17 48.88 12.32 17.08
C THR H 17 48.40 12.75 18.46
N TYR H 18 47.12 13.14 18.59
CA TYR H 18 46.48 13.36 19.90
C TYR H 18 46.55 12.12 20.81
N LEU H 19 46.18 10.96 20.25
CA LEU H 19 46.34 9.68 20.96
C LEU H 19 47.75 9.40 21.42
N LYS H 20 48.74 9.65 20.56
CA LYS H 20 50.17 9.49 20.92
C LYS H 20 50.45 10.23 22.23
N LYS H 21 50.07 11.51 22.25
CA LYS H 21 50.24 12.42 23.38
C LYS H 21 49.51 12.01 24.68
N THR H 22 48.62 11.03 24.59
CA THR H 22 47.88 10.52 25.77
C THR H 22 48.48 9.24 26.36
N GLY H 23 49.56 8.73 25.78
CA GLY H 23 50.22 7.54 26.33
C GLY H 23 49.77 6.25 25.66
N VAL H 24 48.95 6.40 24.62
CA VAL H 24 48.39 5.27 23.92
C VAL H 24 49.49 4.50 23.16
N ILE H 25 49.64 3.23 23.52
CA ILE H 25 50.68 2.34 23.01
C ILE H 25 50.03 1.23 22.20
N PHE H 26 50.27 1.22 20.91
CA PHE H 26 49.83 0.11 20.07
C PHE H 26 50.93 -0.93 19.91
N GLU H 27 50.55 -2.19 19.93
CA GLU H 27 51.51 -3.28 19.72
C GLU H 27 51.37 -3.89 18.33
N ARG H 28 50.15 -3.99 17.84
CA ARG H 28 49.92 -4.46 16.48
C ARG H 28 49.47 -3.26 15.69
N GLU H 29 49.82 -3.18 14.41
CA GLU H 29 49.30 -2.09 13.58
C GLU H 29 49.05 -2.61 12.17
N SER H 30 47.97 -2.12 11.56
CA SER H 30 47.66 -2.42 10.16
C SER H 30 46.98 -1.20 9.58
N SER H 31 47.03 -1.10 8.26
CA SER H 31 46.43 0.04 7.57
C SER H 31 45.03 0.32 8.11
N ILE H 32 44.39 -0.73 8.60
CA ILE H 32 42.94 -0.77 8.86
C ILE H 32 42.59 -0.90 10.38
N LEU H 33 43.50 -1.48 11.16
CA LEU H 33 43.26 -1.80 12.57
C LEU H 33 44.50 -1.58 13.43
N ARG H 34 44.32 -0.94 14.57
CA ARG H 34 45.47 -0.62 15.41
C ARG H 34 45.18 -1.04 16.86
N GLU H 35 45.93 -2.03 17.36
CA GLU H 35 45.60 -2.68 18.64
C GLU H 35 46.63 -2.43 19.73
N GLY H 36 46.19 -1.89 20.86
CA GLY H 36 47.03 -1.83 22.04
C GLY H 36 46.36 -2.59 23.17
N LYS H 37 47.12 -2.94 24.21
CA LYS H 37 46.55 -3.75 25.26
C LYS H 37 45.80 -2.80 26.15
N ASP H 38 44.59 -2.42 25.74
CA ASP H 38 43.75 -1.45 26.45
C ASP H 38 42.93 -0.50 25.52
N ILE H 39 43.37 -0.38 24.27
CA ILE H 39 42.77 0.52 23.31
C ILE H 39 42.96 -0.07 21.93
N VAL H 40 41.89 -0.13 21.16
CA VAL H 40 42.02 -0.57 19.78
C VAL H 40 41.30 0.39 18.88
N CYS H 41 41.92 0.82 17.80
CA CYS H 41 41.11 1.60 16.90
C CYS H 41 40.87 1.09 15.51
N PHE H 42 39.61 1.25 15.12
CA PHE H 42 39.18 0.94 13.79
C PHE H 42 39.41 2.15 12.92
N MET H 43 40.17 1.94 11.86
CA MET H 43 40.49 2.97 10.89
C MET H 43 39.47 2.82 9.78
N VAL H 44 38.46 3.65 9.85
CA VAL H 44 37.26 3.48 9.08
C VAL H 44 37.00 4.79 8.33
N ARG H 45 36.02 4.83 7.44
CA ARG H 45 35.80 6.02 6.68
C ARG H 45 34.92 6.97 7.46
N PRO H 46 35.06 8.27 7.22
CA PRO H 46 34.47 9.27 8.09
C PRO H 46 32.97 9.12 8.14
N PHE H 47 32.32 8.86 7.01
CA PHE H 47 30.88 8.62 6.99
C PHE H 47 30.48 7.41 7.82
N ASP H 48 31.40 6.46 7.98
CA ASP H 48 31.08 5.26 8.74
C ASP H 48 31.27 5.30 10.26
N VAL H 49 31.74 6.41 10.79
CA VAL H 49 31.95 6.52 12.22
C VAL H 49 30.68 6.31 13.00
N PRO H 50 29.61 7.04 12.65
CA PRO H 50 28.37 6.95 13.44
C PRO H 50 27.80 5.55 13.35
N THR H 51 28.01 4.84 12.25
CA THR H 51 27.47 3.49 12.22
C THR H 51 28.28 2.50 13.03
N TYR H 52 29.48 2.85 13.45
CA TYR H 52 30.22 2.04 14.41
C TYR H 52 29.77 2.34 15.83
N LEU H 53 29.27 3.55 16.05
CA LEU H 53 28.94 4.03 17.37
C LEU H 53 27.52 3.70 17.78
N VAL H 54 26.61 3.74 16.80
CA VAL H 54 25.19 3.35 17.00
C VAL H 54 25.04 1.89 17.38
N HIS H 55 25.80 1.00 16.75
CA HIS H 55 25.70 -0.40 17.07
C HIS H 55 26.57 -0.74 18.27
N GLY H 56 27.13 0.28 18.92
CA GLY H 56 27.99 0.00 20.03
C GLY H 56 29.16 -0.94 19.74
N VAL H 57 29.67 -0.97 18.49
CA VAL H 57 30.92 -1.71 18.22
C VAL H 57 32.17 -0.86 18.48
N ALA H 58 31.99 0.44 18.57
CA ALA H 58 33.00 1.35 19.09
C ALA H 58 32.36 2.23 20.14
N ASP H 59 33.20 2.72 21.04
CA ASP H 59 32.80 3.52 22.17
C ASP H 59 32.97 5.02 21.90
N ILE H 60 33.99 5.38 21.14
CA ILE H 60 34.32 6.77 20.91
C ILE H 60 34.73 6.92 19.44
N GLY H 61 34.46 8.09 18.87
CA GLY H 61 34.79 8.31 17.49
C GLY H 61 34.96 9.78 17.26
N PHE H 62 35.30 10.14 16.04
CA PHE H 62 35.57 11.50 15.72
C PHE H 62 34.99 11.76 14.34
N CYS H 63 34.00 12.66 14.24
CA CYS H 63 33.41 13.04 12.95
C CYS H 63 32.74 14.42 12.90
N GLY H 64 32.45 14.87 11.68
CA GLY H 64 31.98 16.23 11.50
C GLY H 64 30.51 16.35 11.72
N THR H 65 30.03 17.59 11.87
CA THR H 65 28.59 17.88 11.83
C THR H 65 27.89 17.24 10.60
N ASP H 66 28.57 17.29 9.46
CA ASP H 66 28.04 16.82 8.21
C ASP H 66 27.65 15.34 8.33
N VAL H 67 28.57 14.49 8.82
CA VAL H 67 28.24 13.08 8.91
C VAL H 67 27.23 12.83 10.02
N LEU H 68 27.38 13.54 11.10
CA LEU H 68 26.43 13.40 12.20
C LEU H 68 24.98 13.69 11.74
N LEU H 69 24.83 14.74 10.94
CA LEU H 69 23.54 15.12 10.41
C LEU H 69 23.09 14.25 9.24
N GLU H 70 24.02 13.79 8.41
CA GLU H 70 23.65 12.97 7.27
C GLU H 70 23.09 11.64 7.70
N LYS H 71 23.63 11.05 8.77
CA LYS H 71 22.95 9.91 9.42
C LYS H 71 22.19 10.55 10.55
N GLU H 72 20.93 10.22 10.74
CA GLU H 72 20.20 10.99 11.75
C GLU H 72 20.50 10.45 13.16
N THR H 73 21.78 10.40 13.49
CA THR H 73 22.31 9.75 14.68
C THR H 73 22.40 10.73 15.83
N SER H 74 21.97 10.33 17.02
CA SER H 74 22.15 11.20 18.17
C SER H 74 23.02 10.52 19.18
N LEU H 75 24.29 10.92 19.25
CA LEU H 75 25.12 10.40 20.33
C LEU H 75 25.81 11.53 21.04
N ILE H 76 26.44 11.27 22.19
CA ILE H 76 26.99 12.37 22.97
C ILE H 76 28.22 13.03 22.35
N GLN H 77 28.28 14.36 22.43
CA GLN H 77 29.43 15.07 21.88
C GLN H 77 30.03 16.10 22.81
N PRO H 78 30.94 15.66 23.67
CA PRO H 78 31.47 16.50 24.77
C PRO H 78 32.28 17.76 24.35
N PHE H 79 33.16 17.64 23.34
CA PHE H 79 34.00 18.78 22.91
C PHE H 79 34.54 18.54 21.51
N PHE H 80 35.18 19.56 20.93
CA PHE H 80 35.58 19.44 19.55
C PHE H 80 37.01 19.12 19.29
N ILE H 81 37.24 18.65 18.06
CA ILE H 81 38.58 18.62 17.53
C ILE H 81 38.76 19.94 16.77
N PRO H 82 39.79 20.68 17.12
CA PRO H 82 40.00 21.99 16.49
C PRO H 82 40.31 21.83 15.02
N THR H 83 39.66 22.64 14.21
CA THR H 83 39.75 22.47 12.77
C THR H 83 39.46 23.82 12.14
N ASN H 84 39.71 24.00 10.84
CA ASN H 84 39.23 25.25 10.20
C ASN H 84 37.74 25.12 10.04
N ILE H 85 37.03 26.21 10.37
CA ILE H 85 35.60 26.35 10.13
C ILE H 85 35.22 26.01 8.67
N SER H 86 34.21 25.18 8.49
CA SER H 86 33.59 25.01 7.17
C SER H 86 32.09 24.94 7.31
N ARG H 87 31.40 25.09 6.17
CA ARG H 87 29.94 25.15 6.10
C ARG H 87 29.42 24.26 4.98
N MET H 88 28.29 23.54 5.24
CA MET H 88 27.50 22.93 4.18
C MET H 88 26.72 24.06 3.50
N VAL H 89 26.82 24.16 2.17
CA VAL H 89 26.12 25.20 1.43
C VAL H 89 25.36 24.66 0.22
N LEU H 90 24.45 25.47 -0.29
CA LEU H 90 23.86 25.25 -1.59
C LEU H 90 24.69 26.08 -2.57
N ALA H 91 25.05 25.50 -3.71
CA ALA H 91 25.78 26.25 -4.70
C ALA H 91 25.25 25.95 -6.09
N GLY H 92 25.48 26.87 -7.01
CA GLY H 92 25.13 26.65 -8.40
C GLY H 92 25.89 27.63 -9.26
N PRO H 93 25.81 27.48 -10.58
CA PRO H 93 26.56 28.35 -11.52
C PRO H 93 26.35 29.84 -11.28
N LYS H 94 27.39 30.65 -11.44
CA LYS H 94 27.35 32.04 -11.01
C LYS H 94 26.36 32.87 -11.79
N GLY H 95 25.49 33.55 -11.05
CA GLY H 95 24.40 34.34 -11.63
C GLY H 95 23.15 33.55 -11.97
N ARG H 96 23.30 32.25 -12.32
CA ARG H 96 22.24 31.39 -12.88
C ARG H 96 21.05 31.12 -11.93
N GLY H 97 21.10 31.67 -10.71
CA GLY H 97 19.99 31.61 -9.78
C GLY H 97 19.52 30.23 -9.34
N ILE H 98 18.21 30.10 -9.18
CA ILE H 98 17.60 28.83 -8.84
C ILE H 98 16.52 28.51 -9.89
N PRO H 99 16.67 27.41 -10.61
CA PRO H 99 15.65 27.01 -11.58
C PRO H 99 14.32 26.71 -10.89
N GLU H 100 13.23 27.16 -11.52
CA GLU H 100 11.90 26.97 -10.98
C GLU H 100 11.42 25.55 -11.27
N GLY H 101 10.80 24.96 -10.26
CA GLY H 101 10.20 23.65 -10.41
C GLY H 101 11.14 22.55 -10.00
N GLU H 102 11.56 21.76 -10.99
CA GLU H 102 12.42 20.61 -10.75
C GLU H 102 13.86 21.05 -10.56
N LYS H 103 14.35 20.95 -9.33
CA LYS H 103 15.76 21.23 -9.03
C LYS H 103 16.51 19.90 -9.04
N ARG H 104 17.45 19.75 -9.97
CA ARG H 104 18.40 18.63 -9.89
C ARG H 104 19.50 19.08 -8.95
N ILE H 105 19.78 18.29 -7.92
CA ILE H 105 20.84 18.65 -6.96
C ILE H 105 21.73 17.46 -6.73
N ALA H 106 23.03 17.62 -7.05
CA ALA H 106 24.05 16.62 -6.83
C ALA H 106 24.70 16.87 -5.47
N THR H 107 25.08 15.79 -4.79
CA THR H 107 25.64 15.89 -3.45
C THR H 107 26.21 14.53 -2.99
N LYS H 108 27.15 14.54 -2.05
CA LYS H 108 27.56 13.33 -1.31
C LYS H 108 26.65 13.20 -0.11
N PHE H 109 25.71 14.12 0.02
CA PHE H 109 24.93 14.21 1.26
C PHE H 109 23.47 14.08 1.03
N PRO H 110 23.03 12.91 0.57
CA PRO H 110 21.64 12.69 0.18
C PRO H 110 20.65 13.12 1.25
N ASN H 111 20.76 12.64 2.48
CA ASN H 111 19.77 12.97 3.51
C ASN H 111 19.70 14.48 3.84
N VAL H 112 20.85 15.09 4.05
CA VAL H 112 20.91 16.47 4.44
C VAL H 112 20.19 17.22 3.36
N THR H 113 20.51 16.93 2.08
CA THR H 113 19.91 17.74 1.03
C THR H 113 18.44 17.40 0.79
N GLN H 114 18.09 16.15 1.04
CA GLN H 114 16.70 15.77 0.96
C GLN H 114 15.94 16.53 2.01
N ARG H 115 16.51 16.61 3.22
CA ARG H 115 15.89 17.37 4.30
C ARG H 115 15.85 18.85 3.97
N TYR H 116 16.94 19.38 3.45
CA TYR H 116 16.97 20.79 3.11
C TYR H 116 15.86 21.13 2.11
N CYS H 117 15.66 20.27 1.11
CA CYS H 117 14.60 20.47 0.13
C CYS H 117 13.19 20.49 0.73
N GLU H 118 12.93 19.55 1.63
CA GLU H 118 11.69 19.50 2.36
C GLU H 118 11.44 20.85 3.02
N SER H 119 12.43 21.35 3.75
CA SER H 119 12.31 22.57 4.54
C SER H 119 11.94 23.82 3.73
N LYS H 120 12.28 23.85 2.44
CA LYS H 120 11.96 25.02 1.60
C LYS H 120 10.85 24.70 0.61
N GLY H 121 10.22 23.54 0.80
CA GLY H 121 9.07 23.12 -0.01
C GLY H 121 9.46 22.81 -1.44
N TRP H 122 10.68 22.34 -1.61
CA TRP H 122 11.21 22.19 -2.95
C TRP H 122 10.88 20.84 -3.47
N HIS H 123 10.59 20.81 -4.76
CA HIS H 123 10.63 19.59 -5.52
C HIS H 123 12.00 19.48 -6.15
N CYS H 124 12.75 18.47 -5.77
CA CYS H 124 14.11 18.34 -6.28
C CYS H 124 14.49 16.91 -6.53
N ARG H 125 15.17 16.70 -7.65
CA ARG H 125 15.70 15.41 -8.03
C ARG H 125 17.17 15.33 -7.57
N ILE H 126 17.47 14.34 -6.73
CA ILE H 126 18.73 14.25 -6.00
C ILE H 126 19.65 13.17 -6.59
N ILE H 127 20.85 13.59 -6.97
CA ILE H 127 21.78 12.77 -7.69
C ILE H 127 22.93 12.49 -6.75
N PRO H 128 22.96 11.32 -6.12
CA PRO H 128 24.01 11.02 -5.13
C PRO H 128 25.40 10.88 -5.81
N LEU H 129 26.44 11.55 -5.30
CA LEU H 129 27.81 11.32 -5.83
C LEU H 129 28.82 10.95 -4.73
N LYS H 130 29.98 10.44 -5.13
CA LYS H 130 30.94 10.04 -4.12
C LYS H 130 32.01 11.08 -3.90
N GLY H 131 32.04 12.09 -4.77
CA GLY H 131 33.04 13.15 -4.71
C GLY H 131 33.03 13.96 -5.99
N SER H 132 34.02 14.82 -6.18
CA SER H 132 34.02 15.80 -7.29
C SER H 132 32.67 16.36 -7.71
N VAL H 133 31.84 16.56 -6.69
CA VAL H 133 30.56 17.21 -6.74
C VAL H 133 30.54 18.53 -7.50
N GLU H 134 31.57 19.39 -7.42
CA GLU H 134 31.49 20.70 -8.10
C GLU H 134 31.44 20.61 -9.60
N LEU H 135 31.78 19.47 -10.16
CA LEU H 135 31.38 19.23 -11.53
C LEU H 135 29.91 18.86 -11.45
N ALA H 136 29.22 18.84 -12.57
CA ALA H 136 27.82 18.41 -12.53
C ALA H 136 26.96 19.54 -13.01
N PRO H 137 26.99 20.72 -12.36
CA PRO H 137 26.49 21.93 -13.02
C PRO H 137 27.09 22.08 -14.46
N ILE H 138 28.40 22.15 -14.56
CA ILE H 138 29.04 21.90 -15.86
C ILE H 138 29.06 20.40 -16.01
N ALA H 139 28.65 19.95 -17.18
CA ALA H 139 28.39 18.56 -17.41
C ALA H 139 26.91 18.49 -17.57
N GLY H 140 26.21 19.28 -16.76
CA GLY H 140 24.78 19.29 -16.75
C GLY H 140 24.16 18.06 -16.13
N LEU H 141 24.87 17.40 -15.22
CA LEU H 141 24.30 16.37 -14.37
C LEU H 141 23.31 16.99 -13.41
N SER H 142 23.59 18.20 -12.93
CA SER H 142 22.78 18.81 -11.87
C SER H 142 22.62 20.30 -12.22
N ASP H 143 21.76 21.01 -11.51
CA ASP H 143 21.63 22.45 -11.70
C ASP H 143 22.33 23.11 -10.53
N LEU H 144 22.47 22.32 -9.47
CA LEU H 144 22.72 22.80 -8.13
C LEU H 144 23.43 21.73 -7.37
N ILE H 145 24.23 22.09 -6.38
CA ILE H 145 24.85 21.11 -5.53
C ILE H 145 24.73 21.55 -4.10
N VAL H 146 24.93 20.59 -3.20
CA VAL H 146 24.92 20.81 -1.78
C VAL H 146 26.25 20.16 -1.41
N ASP H 147 27.22 21.01 -1.05
CA ASP H 147 28.53 20.54 -0.68
C ASP H 147 29.11 21.37 0.43
N ILE H 148 30.19 20.85 1.00
CA ILE H 148 30.92 21.52 2.03
C ILE H 148 31.90 22.52 1.40
N THR H 149 32.06 23.68 2.04
CA THR H 149 33.10 24.61 1.63
C THR H 149 33.79 25.28 2.82
N GLU H 150 35.07 25.60 2.70
CA GLU H 150 35.71 26.49 3.69
C GLU H 150 36.37 27.76 3.18
N THR H 151 37.35 27.64 2.29
CA THR H 151 38.02 28.83 1.72
C THR H 151 37.22 29.40 0.56
N GLY H 152 36.61 28.51 -0.20
CA GLY H 152 35.71 28.88 -1.29
C GLY H 152 36.40 28.88 -2.63
N ARG H 153 37.72 28.53 -2.62
CA ARG H 153 38.51 28.61 -3.85
C ARG H 153 38.13 27.46 -4.79
N THR H 154 37.67 26.36 -4.21
CA THR H 154 37.22 25.23 -5.01
C THR H 154 35.98 25.66 -5.83
N LEU H 155 34.98 26.31 -5.16
CA LEU H 155 33.77 26.72 -5.89
C LEU H 155 34.08 27.82 -6.92
N LYS H 156 35.00 28.71 -6.52
CA LYS H 156 35.41 29.87 -7.33
C LYS H 156 36.11 29.38 -8.59
N GLU H 157 36.92 28.36 -8.42
CA GLU H 157 37.65 27.71 -9.52
C GLU H 157 36.68 27.14 -10.56
N ASN H 158 35.53 26.60 -10.10
CA ASN H 158 34.53 25.96 -10.97
C ASN H 158 33.30 26.85 -11.25
N ASN H 159 33.42 28.16 -11.00
CA ASN H 159 32.38 29.14 -11.36
C ASN H 159 31.04 29.00 -10.65
N LEU H 160 31.07 28.48 -9.44
CA LEU H 160 29.88 28.29 -8.63
C LEU H 160 29.81 29.40 -7.59
N GLU H 161 28.62 29.88 -7.29
CA GLU H 161 28.47 30.79 -6.17
C GLU H 161 27.65 30.10 -5.09
N ILE H 162 27.83 30.52 -3.83
CA ILE H 162 26.97 30.03 -2.75
C ILE H 162 25.58 30.64 -2.85
N LEU H 163 24.56 29.82 -2.68
CA LEU H 163 23.16 30.26 -2.75
C LEU H 163 22.44 30.26 -1.37
N ASP H 164 23.01 29.54 -0.37
CA ASP H 164 22.45 29.40 0.99
C ASP H 164 23.32 28.61 1.98
N GLU H 165 23.61 29.17 3.16
CA GLU H 165 24.24 28.39 4.21
C GLU H 165 23.20 27.44 4.76
N ILE H 166 23.56 26.17 4.92
CA ILE H 166 22.67 25.20 5.54
C ILE H 166 23.07 24.98 7.01
N PHE H 167 24.34 24.60 7.26
CA PHE H 167 24.89 24.64 8.63
C PHE H 167 26.38 24.83 8.61
N VAL H 168 26.91 25.39 9.70
CA VAL H 168 28.35 25.44 9.98
C VAL H 168 28.85 24.06 10.45
N ILE H 169 30.09 23.69 10.08
CA ILE H 169 30.65 22.38 10.46
C ILE H 169 31.81 22.49 11.44
N ARG H 170 31.79 21.58 12.41
CA ARG H 170 32.91 21.34 13.33
C ARG H 170 33.05 19.83 13.43
N THR H 171 34.25 19.36 13.81
CA THR H 171 34.40 17.96 14.12
C THR H 171 34.37 17.72 15.61
N HIS H 172 33.65 16.68 16.04
CA HIS H 172 33.53 16.33 17.45
C HIS H 172 34.14 15.00 17.82
N VAL H 173 34.48 14.87 19.09
CA VAL H 173 34.64 13.56 19.67
C VAL H 173 33.20 13.14 19.96
N VAL H 174 32.88 11.86 19.75
CA VAL H 174 31.54 11.37 20.02
C VAL H 174 31.62 10.05 20.80
N VAL H 175 30.64 9.81 21.66
CA VAL H 175 30.72 8.68 22.57
C VAL H 175 29.45 7.92 22.41
N ASN H 176 29.52 6.58 22.34
CA ASN H 176 28.31 5.79 22.38
C ASN H 176 27.58 6.14 23.71
N PRO H 177 26.30 6.49 23.65
CA PRO H 177 25.64 6.87 24.90
C PRO H 177 25.59 5.79 25.98
N VAL H 178 25.54 4.51 25.64
CA VAL H 178 25.59 3.47 26.67
C VAL H 178 26.99 3.21 27.23
N SER H 179 28.02 3.39 26.41
CA SER H 179 29.40 3.08 26.80
C SER H 179 29.87 4.05 27.88
N TYR H 180 29.29 5.24 27.78
CA TYR H 180 29.52 6.33 28.65
C TYR H 180 29.03 5.98 30.03
N ARG H 181 27.91 5.25 30.18
CA ARG H 181 27.46 4.92 31.53
C ARG H 181 28.15 3.64 31.92
N THR H 182 28.40 2.84 30.91
CA THR H 182 28.64 1.43 31.12
C THR H 182 30.10 1.14 31.34
N LYS H 183 30.95 2.05 30.88
CA LYS H 183 32.37 1.98 31.15
C LYS H 183 32.88 3.41 31.28
N ARG H 184 32.18 4.17 32.13
CA ARG H 184 32.45 5.60 32.20
C ARG H 184 33.78 5.99 32.84
N GLU H 185 34.21 5.24 33.87
CA GLU H 185 35.53 5.47 34.49
C GLU H 185 36.64 5.64 33.42
N LYS H 186 36.78 4.66 32.53
CA LYS H 186 37.63 4.70 31.36
C LYS H 186 37.34 5.79 30.31
N VAL H 187 36.09 5.93 29.91
CA VAL H 187 35.78 6.93 28.88
C VAL H 187 36.15 8.34 29.37
N VAL H 188 35.88 8.57 30.66
CA VAL H 188 36.10 9.85 31.30
C VAL H 188 37.61 10.11 31.51
N SER H 189 38.36 9.06 31.85
CA SER H 189 39.81 9.16 31.99
C SER H 189 40.38 9.55 30.65
N PHE H 190 40.07 8.75 29.62
CA PHE H 190 40.50 9.02 28.25
C PHE H 190 40.13 10.40 27.73
N LEU H 191 38.86 10.81 27.88
CA LEU H 191 38.42 12.14 27.44
C LEU H 191 39.18 13.21 28.18
N GLU H 192 39.43 13.01 29.49
CA GLU H 192 40.11 14.05 30.27
C GLU H 192 41.51 14.28 29.69
N LYS H 193 42.26 13.20 29.50
CA LYS H 193 43.58 13.27 28.86
C LYS H 193 43.45 13.94 27.49
N LEU H 194 42.57 13.40 26.65
CA LEU H 194 42.26 13.97 25.34
C LEU H 194 42.06 15.47 25.36
N GLN H 195 41.23 15.96 26.27
CA GLN H 195 41.05 17.40 26.41
C GLN H 195 42.35 18.07 26.84
N GLU H 196 43.09 17.46 27.76
CA GLU H 196 44.26 18.15 28.27
C GLU H 196 45.23 18.39 27.13
N VAL H 197 45.34 17.42 26.23
CA VAL H 197 46.25 17.54 25.13
C VAL H 197 45.84 18.69 24.21
N ILE H 198 44.56 18.76 23.87
CA ILE H 198 44.07 19.73 22.89
C ILE H 198 44.24 21.13 23.42
N GLU H 199 44.04 21.31 24.73
CA GLU H 199 44.17 22.64 25.36
C GLU H 199 45.61 23.14 25.31
N HIS H 200 46.57 22.22 25.38
CA HIS H 200 47.98 22.57 25.39
C HIS H 200 48.41 23.06 24.02
N ASP H 201 47.83 22.48 22.98
CA ASP H 201 48.12 22.88 21.61
C ASP H 201 47.70 24.31 21.26
N SER H 202 48.40 24.88 20.39
N HIS I . 33.16 -1.74 -30.19
CA HIS I . 34.30 -1.50 -31.12
C HIS I . 35.26 -2.69 -31.23
O HIS I . 35.97 -3.07 -30.28
CB HIS I . 35.11 -0.24 -30.76
CG HIS I . 36.29 -0.01 -31.65
ND1 HIS I . 36.54 1.18 -32.26
CD2 HIS I . 37.27 -0.86 -32.06
CE1 HIS I . 37.63 1.08 -33.00
NE2 HIS I . 38.08 -0.15 -32.88
OXT HIS I . 35.38 -3.25 -32.31
N HIS J . -42.44 25.49 -5.25
CA HIS J . -42.84 24.11 -5.06
C HIS J . -43.33 23.89 -3.63
O HIS J . -42.70 23.22 -2.81
CB HIS J . -41.66 23.22 -5.40
CG HIS J . -41.96 22.64 -6.74
ND1 HIS J . -42.76 21.54 -6.85
CD2 HIS J . -41.57 22.98 -7.98
CE1 HIS J . -42.88 21.25 -8.12
NE2 HIS J . -42.16 22.10 -8.82
OXT HIS J . -44.23 24.53 -3.09
P PO4 K . -39.96 -17.22 -12.59
O1 PO4 K . -39.16 -17.12 -13.86
O2 PO4 K . -41.31 -16.64 -12.76
O3 PO4 K . -39.25 -16.57 -11.40
O4 PO4 K . -40.15 -18.69 -12.39
P PO4 L . -37.25 -9.53 -6.38
O1 PO4 L . -37.78 -8.35 -5.59
O2 PO4 L . -36.10 -10.22 -5.66
O3 PO4 L . -36.74 -9.12 -7.73
O4 PO4 L . -38.39 -10.51 -6.56
N HIS M . -25.20 -35.14 9.10
CA HIS M . -26.16 -36.40 9.03
C HIS M . -26.09 -36.85 7.56
O HIS M . -26.69 -36.28 6.65
CB HIS M . -27.62 -36.07 9.45
CG HIS M . -28.55 -37.24 9.50
ND1 HIS M . -28.35 -38.40 8.76
CD2 HIS M . -29.69 -37.46 10.20
CE1 HIS M . -29.31 -39.26 9.01
NE2 HIS M . -30.14 -38.71 9.89
OXT HIS M . -25.79 -38.03 7.41
N HIS N . -25.75 -31.59 -3.15
CA HIS N . -25.16 -31.00 -4.37
C HIS N . -24.15 -29.90 -4.00
O HIS N . -24.18 -28.78 -4.55
CB HIS N . -26.24 -30.36 -5.18
CG HIS N . -26.64 -29.11 -4.48
ND1 HIS N . -27.94 -28.90 -4.07
CD2 HIS N . -25.92 -28.03 -4.12
CE1 HIS N . -27.98 -27.72 -3.47
NE2 HIS N . -26.77 -27.19 -3.50
OXT HIS N . -23.21 -30.10 -3.23
P PO4 O . -42.56 -0.71 14.82
O1 PO4 O . -42.35 -1.35 13.46
O2 PO4 O . -42.97 0.72 14.68
O3 PO4 O . -41.33 -0.73 15.71
O4 PO4 O . -43.61 -1.51 15.54
N HIS P . -32.53 14.86 5.48
CA HIS P . -32.85 13.66 4.69
C HIS P . -32.11 13.68 3.38
O HIS P . -32.66 13.41 2.32
CB HIS P . -34.34 13.64 4.47
CG HIS P . -34.98 14.00 5.75
ND1 HIS P . -36.22 13.53 6.11
CD2 HIS P . -34.52 14.77 6.76
CE1 HIS P . -36.49 14.02 7.31
NE2 HIS P . -35.48 14.77 7.70
OXT HIS P . -30.90 13.89 3.32
P PO4 Q . 44.69 -7.41 -2.04
O1 PO4 Q . 45.76 -7.39 -3.14
O2 PO4 Q . 45.32 -7.05 -0.71
O3 PO4 Q . 44.10 -8.78 -2.02
O4 PO4 Q . 43.59 -6.43 -2.33
P PO4 R . 39.19 0.64 1.30
O1 PO4 R . 40.17 1.28 0.34
O2 PO4 R . 38.85 1.60 2.40
O3 PO4 R . 39.85 -0.60 1.88
O4 PO4 R . 37.94 0.24 0.55
N HIS S . 28.81 -6.54 -17.91
CA HIS S . 30.19 -6.81 -18.42
C HIS S . 30.22 -7.99 -19.40
O HIS S . 29.70 -9.09 -19.15
CB HIS S . 31.12 -7.05 -17.23
CG HIS S . 32.25 -8.00 -17.49
ND1 HIS S . 33.56 -7.64 -17.32
CD2 HIS S . 32.26 -9.30 -17.85
CE1 HIS S . 34.33 -8.67 -17.61
NE2 HIS S . 33.58 -9.69 -17.93
OXT HIS S . 30.78 -7.93 -20.51
P PO4 T . 37.63 24.79 -0.14
O1 PO4 T . 36.49 25.63 -0.71
O2 PO4 T . 37.16 23.39 0.16
O3 PO4 T . 38.13 25.41 1.14
O4 PO4 T . 38.77 24.71 -1.13
N HIS U . 31.72 12.71 28.48
CA HIS U . 32.17 13.94 29.15
C HIS U . 32.05 15.13 28.22
O HIS U . 32.66 14.98 27.17
CB HIS U . 33.62 13.77 29.57
CG HIS U . 34.30 15.04 29.96
ND1 HIS U . 35.64 15.05 30.33
CD2 HIS U . 33.89 16.32 30.00
CE1 HIS U . 36.01 16.29 30.56
NE2 HIS U . 34.97 17.08 30.37
OXT HIS U . 31.40 16.15 28.50
N HIS V . 26.29 18.07 16.01
CA HIS V . 26.40 19.54 16.25
C HIS V . 25.04 20.23 16.19
O HIS V . 24.46 20.40 15.11
CB HIS V . 27.37 20.16 15.24
CG HIS V . 27.49 21.65 15.33
ND1 HIS V . 28.49 22.35 14.72
CD2 HIS V . 26.73 22.57 15.96
CE1 HIS V . 28.35 23.63 14.96
NE2 HIS V . 27.29 23.80 15.73
OXT HIS V . 24.53 20.64 17.23
#